data_3A15
#
_entry.id   3A15
#
_cell.length_a   97.904
_cell.length_b   77.066
_cell.length_c   104.831
_cell.angle_alpha   90.000
_cell.angle_beta   101.060
_cell.angle_gamma   90.000
#
_symmetry.space_group_name_H-M   'P 1 21 1'
#
loop_
_entity.id
_entity.type
_entity.pdbx_description
1 polymer 'Aldoxime dehydratase'
2 non-polymer 'PROTOPORPHYRIN IX CONTAINING FE'
3 water water
#
_entity_poly.entity_id   1
_entity_poly.type   'polypeptide(L)'
_entity_poly.pdbx_seq_one_letter_code
;MGSSHHHHHHSSGLVPRGSHMESAIGEHLQCPRTLTRRVPDTYTPPFPMWVGRADDALQQVVMGYLGVQFRDEDQRPAAL
QAMRDIVAGFDLPDGPAHHDLTHHIDNQGYENLIVVGYWKDVSSQHRWSTSTPIASWWESEDRLSDGLGFFREIVAPRAE
QFETLYAFQEDLPGVGAVMDGISGEINEHGYWGSMRERFPISQTDWMQASGELRVIAGDPAVGGRVVVRGHDNIALIRSG
QDWADAEADERSLYLDEILPTLQSGMDFLRDNGPAVGCYSNRFVRNIDIDGNFLDLSYNIGHWASLDQLERWSESHPTHL
RIFTTFFRVAAGLSKLRLYHEVSVFDAADQLYEYINCHPGTGMLRDAVTIAEH
;
_entity_poly.pdbx_strand_id   A,B,C,D
#
loop_
_chem_comp.id
_chem_comp.type
_chem_comp.name
_chem_comp.formula
HEM non-polymer 'PROTOPORPHYRIN IX CONTAINING FE' 'C34 H32 Fe N4 O4'
#
# COMPACT_ATOMS: atom_id res chain seq x y z
N MET A 21 -1.45 7.68 6.73
CA MET A 21 -1.67 7.98 5.28
C MET A 21 -1.85 9.48 5.02
N GLU A 22 -1.65 9.89 3.77
CA GLU A 22 -1.89 11.28 3.38
C GLU A 22 -3.38 11.63 3.44
N SER A 23 -3.66 12.88 3.76
CA SER A 23 -5.01 13.44 3.77
C SER A 23 -5.30 14.13 2.43
N ALA A 24 -6.57 14.06 2.00
CA ALA A 24 -7.05 14.83 0.84
C ALA A 24 -6.90 16.34 1.03
N ILE A 25 -6.89 16.80 2.29
CA ILE A 25 -6.85 18.24 2.56
C ILE A 25 -5.39 18.70 2.56
N GLY A 26 -5.08 19.68 1.73
CA GLY A 26 -3.73 20.24 1.65
C GLY A 26 -3.24 20.71 3.01
N GLU A 27 -1.96 20.51 3.27
CA GLU A 27 -1.36 20.86 4.56
C GLU A 27 -1.72 22.28 5.02
N HIS A 28 -1.63 23.25 4.11
CA HIS A 28 -1.87 24.66 4.47
C HIS A 28 -3.34 24.96 4.77
N LEU A 29 -4.22 24.03 4.37
CA LEU A 29 -5.66 24.15 4.56
C LEU A 29 -6.19 23.36 5.75
N GLN A 30 -5.32 22.60 6.39
CA GLN A 30 -5.70 21.89 7.61
C GLN A 30 -5.84 22.88 8.75
N CYS A 31 -6.89 22.72 9.54
CA CYS A 31 -7.13 23.65 10.65
C CYS A 31 -7.74 22.94 11.85
N PRO A 32 -7.82 23.64 13.01
CA PRO A 32 -8.54 23.08 14.14
C PRO A 32 -9.99 22.77 13.72
N ARG A 33 -10.42 21.55 13.95
CA ARG A 33 -11.74 21.10 13.52
C ARG A 33 -12.82 21.41 14.54
N THR A 34 -13.96 21.84 14.04
CA THR A 34 -15.17 21.89 14.87
C THR A 34 -16.16 20.82 14.41
N LEU A 35 -15.97 20.30 13.19
CA LEU A 35 -16.79 19.18 12.70
C LEU A 35 -15.89 17.97 12.42
N THR A 36 -16.36 16.78 12.78
CA THR A 36 -15.53 15.58 12.65
C THR A 36 -15.95 14.74 11.44
N ARG A 37 -15.10 13.77 11.08
CA ARG A 37 -15.36 12.80 10.02
C ARG A 37 -16.36 11.75 10.51
N ARG A 38 -16.82 10.88 9.60
CA ARG A 38 -17.72 9.77 10.01
C ARG A 38 -16.96 8.47 10.24
N VAL A 39 -15.64 8.50 10.00
CA VAL A 39 -14.76 7.37 10.29
C VAL A 39 -13.66 7.79 11.27
N PRO A 40 -13.18 6.84 12.11
CA PRO A 40 -12.08 7.20 13.02
C PRO A 40 -10.78 7.41 12.24
N ASP A 41 -9.77 7.98 12.90
CA ASP A 41 -8.48 8.24 12.23
C ASP A 41 -7.72 6.99 11.80
N THR A 42 -8.13 5.82 12.32
CA THR A 42 -7.52 4.54 11.94
C THR A 42 -8.10 3.90 10.66
N TYR A 43 -9.15 4.50 10.11
CA TYR A 43 -9.72 4.02 8.86
C TYR A 43 -8.66 3.85 7.77
N THR A 44 -8.75 2.74 7.04
CA THR A 44 -7.88 2.48 5.88
C THR A 44 -8.75 2.13 4.68
N PRO A 45 -8.63 2.86 3.56
CA PRO A 45 -9.49 2.54 2.42
C PRO A 45 -9.10 1.19 1.75
N PRO A 46 -10.05 0.53 1.07
CA PRO A 46 -9.81 -0.80 0.50
C PRO A 46 -9.13 -0.80 -0.87
N PHE A 47 -9.01 0.37 -1.49
CA PHE A 47 -8.31 0.51 -2.77
C PHE A 47 -7.72 1.92 -2.86
N PRO A 48 -6.65 2.11 -3.65
CA PRO A 48 -6.02 3.44 -3.71
C PRO A 48 -6.75 4.46 -4.59
N MET A 49 -6.78 5.71 -4.12
CA MET A 49 -7.25 6.84 -4.94
C MET A 49 -6.34 8.02 -4.60
N TRP A 50 -6.34 9.04 -5.45
CA TRP A 50 -5.44 10.18 -5.35
C TRP A 50 -6.20 11.51 -5.51
N VAL A 51 -5.59 12.61 -5.11
CA VAL A 51 -6.22 13.93 -5.26
C VAL A 51 -5.25 14.97 -5.82
N GLY A 52 -5.79 16.06 -6.35
CA GLY A 52 -4.96 17.19 -6.75
C GLY A 52 -4.39 17.92 -5.55
N ARG A 53 -3.14 18.36 -5.71
CA ARG A 53 -2.41 19.15 -4.70
C ARG A 53 -2.11 20.54 -5.25
N ALA A 54 -2.23 21.55 -4.39
CA ALA A 54 -1.77 22.90 -4.73
C ALA A 54 -1.39 23.62 -3.45
N ASP A 55 -0.39 24.51 -3.51
CA ASP A 55 0.03 25.24 -2.30
C ASP A 55 -0.79 26.50 -2.09
N ASP A 56 -0.34 27.35 -1.16
CA ASP A 56 -1.12 28.51 -0.75
C ASP A 56 -1.31 29.61 -1.82
N ALA A 57 -0.59 29.49 -2.94
CA ALA A 57 -0.77 30.40 -4.08
C ALA A 57 -2.12 30.23 -4.78
N LEU A 58 -2.68 29.02 -4.73
CA LEU A 58 -3.99 28.78 -5.31
C LEU A 58 -5.04 29.05 -4.24
N GLN A 59 -5.68 30.22 -4.33
CA GLN A 59 -6.59 30.70 -3.30
C GLN A 59 -8.05 30.52 -3.73
N GLN A 60 -8.32 30.76 -5.01
CA GLN A 60 -9.69 30.68 -5.55
C GLN A 60 -9.57 30.48 -7.05
N VAL A 61 -10.22 29.45 -7.58
CA VAL A 61 -10.15 29.19 -9.02
C VAL A 61 -11.40 29.68 -9.71
N VAL A 62 -11.36 29.75 -11.04
CA VAL A 62 -12.57 30.06 -11.81
C VAL A 62 -12.79 28.97 -12.85
N MET A 63 -13.99 28.42 -12.85
CA MET A 63 -14.41 27.41 -13.82
C MET A 63 -15.45 28.09 -14.71
N GLY A 64 -15.05 28.37 -15.95
CA GLY A 64 -15.94 29.07 -16.90
C GLY A 64 -16.42 28.19 -18.03
N TYR A 65 -17.70 27.85 -18.01
CA TYR A 65 -18.28 27.03 -19.05
C TYR A 65 -18.99 27.94 -20.05
N LEU A 66 -18.46 27.98 -21.28
CA LEU A 66 -18.92 28.89 -22.31
C LEU A 66 -19.56 28.09 -23.43
N GLY A 67 -20.84 28.34 -23.68
CA GLY A 67 -21.62 27.47 -24.54
C GLY A 67 -22.09 28.13 -25.81
N VAL A 68 -22.23 27.32 -26.87
CA VAL A 68 -22.88 27.66 -28.14
C VAL A 68 -23.94 26.61 -28.42
N GLN A 69 -25.18 27.04 -28.65
CA GLN A 69 -26.31 26.13 -28.78
C GLN A 69 -26.97 26.32 -30.15
N PHE A 70 -27.37 25.22 -30.77
CA PHE A 70 -28.07 25.27 -32.06
C PHE A 70 -29.01 24.11 -32.25
N ARG A 71 -30.04 24.30 -33.06
CA ARG A 71 -31.07 23.30 -33.23
C ARG A 71 -30.89 22.51 -34.53
N ASP A 72 -30.63 23.23 -35.61
CA ASP A 72 -30.71 22.67 -36.94
C ASP A 72 -29.34 22.42 -37.52
N GLU A 73 -29.26 21.39 -38.35
CA GLU A 73 -28.01 20.96 -38.91
C GLU A 73 -27.36 22.04 -39.75
N ASP A 74 -28.15 22.92 -40.37
CA ASP A 74 -27.57 24.01 -41.16
C ASP A 74 -26.86 25.09 -40.33
N GLN A 75 -27.07 25.06 -39.01
CA GLN A 75 -26.39 26.00 -38.11
C GLN A 75 -25.03 25.51 -37.63
N ARG A 76 -24.69 24.25 -37.95
CA ARG A 76 -23.43 23.67 -37.47
C ARG A 76 -22.18 24.48 -37.89
N PRO A 77 -22.08 24.88 -39.18
CA PRO A 77 -20.91 25.69 -39.53
C PRO A 77 -20.76 26.98 -38.70
N ALA A 78 -21.85 27.73 -38.52
CA ALA A 78 -21.79 28.95 -37.69
C ALA A 78 -21.45 28.65 -36.23
N ALA A 79 -22.01 27.56 -35.71
CA ALA A 79 -21.77 27.14 -34.33
C ALA A 79 -20.30 26.78 -34.13
N LEU A 80 -19.73 26.02 -35.07
CA LEU A 80 -18.33 25.64 -34.96
C LEU A 80 -17.43 26.85 -35.08
N GLN A 81 -17.79 27.80 -35.94
CA GLN A 81 -16.99 29.01 -36.06
C GLN A 81 -17.02 29.81 -34.76
N ALA A 82 -18.22 29.93 -34.16
CA ALA A 82 -18.35 30.56 -32.83
C ALA A 82 -17.47 29.91 -31.76
N MET A 83 -17.44 28.57 -31.73
CA MET A 83 -16.58 27.84 -30.79
C MET A 83 -15.11 28.17 -31.01
N ARG A 84 -14.67 28.16 -32.27
CA ARG A 84 -13.31 28.51 -32.62
C ARG A 84 -12.98 29.94 -32.20
N ASP A 85 -13.94 30.85 -32.39
CA ASP A 85 -13.79 32.24 -31.96
C ASP A 85 -13.58 32.32 -30.43
N ILE A 86 -14.36 31.56 -29.68
CA ILE A 86 -14.22 31.53 -28.21
C ILE A 86 -12.86 31.00 -27.78
N VAL A 87 -12.41 29.93 -28.45
CA VAL A 87 -11.13 29.32 -28.15
C VAL A 87 -9.99 30.28 -28.46
N ALA A 88 -10.10 31.01 -29.58
CA ALA A 88 -9.12 32.04 -29.91
C ALA A 88 -9.06 33.13 -28.83
N GLY A 89 -10.22 33.50 -28.30
CA GLY A 89 -10.30 34.42 -27.16
C GLY A 89 -9.56 33.93 -25.92
N PHE A 90 -9.53 32.62 -25.75
CA PHE A 90 -8.79 31.99 -24.64
C PHE A 90 -7.29 32.16 -24.77
N ASP A 91 -6.83 32.43 -25.99
CA ASP A 91 -5.40 32.66 -26.26
C ASP A 91 -4.89 34.04 -25.93
N LEU A 92 -5.79 34.99 -25.70
CA LEU A 92 -5.43 36.36 -25.36
C LEU A 92 -4.82 36.45 -23.94
N PRO A 93 -4.14 37.57 -23.63
CA PRO A 93 -3.62 37.71 -22.26
C PRO A 93 -4.74 37.55 -21.24
N ASP A 94 -4.39 36.90 -20.13
CA ASP A 94 -5.33 36.59 -19.03
C ASP A 94 -6.36 35.51 -19.38
N GLY A 95 -6.20 34.87 -20.54
CA GLY A 95 -6.98 33.66 -20.86
C GLY A 95 -6.70 32.55 -19.84
N PRO A 96 -7.52 31.47 -19.87
CA PRO A 96 -7.39 30.42 -18.86
C PRO A 96 -6.12 29.59 -18.99
N ALA A 97 -5.73 28.93 -17.90
CA ALA A 97 -4.55 28.11 -17.85
C ALA A 97 -4.76 26.77 -18.58
N HIS A 98 -6.02 26.32 -18.63
CA HIS A 98 -6.37 25.03 -19.23
C HIS A 98 -7.80 25.15 -19.77
N HIS A 99 -8.10 24.43 -20.84
CA HIS A 99 -9.48 24.35 -21.34
C HIS A 99 -9.70 23.02 -22.04
N ASP A 100 -10.96 22.61 -22.16
CA ASP A 100 -11.34 21.49 -23.03
C ASP A 100 -12.69 21.77 -23.70
N LEU A 101 -13.01 21.02 -24.75
CA LEU A 101 -14.19 21.29 -25.59
C LEU A 101 -15.09 20.07 -25.62
N THR A 102 -16.40 20.29 -25.57
CA THR A 102 -17.35 19.17 -25.58
C THR A 102 -18.60 19.44 -26.41
N HIS A 103 -19.29 18.35 -26.76
CA HIS A 103 -20.57 18.37 -27.48
C HIS A 103 -21.58 17.43 -26.79
N HIS A 104 -22.85 17.84 -26.79
CA HIS A 104 -23.95 16.95 -26.42
C HIS A 104 -25.24 17.46 -27.05
N ILE A 105 -26.22 16.57 -27.12
CA ILE A 105 -27.56 16.94 -27.56
C ILE A 105 -28.45 16.83 -26.33
N ASP A 106 -29.13 17.93 -26.01
CA ASP A 106 -29.96 17.97 -24.80
C ASP A 106 -31.36 17.34 -25.03
N ASN A 107 -32.18 17.30 -23.97
CA ASN A 107 -33.44 16.57 -24.06
C ASN A 107 -34.52 17.33 -24.86
N GLN A 108 -34.16 18.52 -25.36
CA GLN A 108 -35.01 19.25 -26.30
C GLN A 108 -34.53 19.12 -27.74
N GLY A 109 -33.49 18.33 -27.93
CA GLY A 109 -32.94 18.06 -29.26
C GLY A 109 -31.96 19.10 -29.76
N TYR A 110 -31.56 20.05 -28.91
CA TYR A 110 -30.60 21.08 -29.33
C TYR A 110 -29.19 20.58 -29.13
N GLU A 111 -28.29 20.91 -30.07
CA GLU A 111 -26.86 20.59 -29.90
C GLU A 111 -26.17 21.70 -29.14
N ASN A 112 -25.19 21.33 -28.30
CA ASN A 112 -24.53 22.28 -27.42
C ASN A 112 -23.04 22.01 -27.43
N LEU A 113 -22.28 23.00 -27.88
CA LEU A 113 -20.82 22.97 -27.81
C LEU A 113 -20.47 23.75 -26.58
N ILE A 114 -19.67 23.16 -25.69
CA ILE A 114 -19.24 23.86 -24.48
C ILE A 114 -17.72 23.85 -24.35
N VAL A 115 -17.15 25.05 -24.21
CA VAL A 115 -15.72 25.25 -23.95
C VAL A 115 -15.61 25.58 -22.47
N VAL A 116 -14.91 24.74 -21.71
CA VAL A 116 -14.66 25.06 -20.31
C VAL A 116 -13.23 25.54 -20.13
N GLY A 117 -13.08 26.67 -19.46
CA GLY A 117 -11.76 27.20 -19.13
C GLY A 117 -11.59 27.27 -17.62
N TYR A 118 -10.37 27.01 -17.18
CA TYR A 118 -10.02 27.06 -15.76
C TYR A 118 -8.94 28.08 -15.55
N TRP A 119 -9.17 28.99 -14.60
CA TRP A 119 -8.20 30.03 -14.22
C TRP A 119 -7.78 29.76 -12.77
N LYS A 120 -6.52 30.09 -12.47
CA LYS A 120 -5.98 29.86 -11.15
C LYS A 120 -6.26 31.02 -10.19
N ASP A 121 -6.83 32.11 -10.68
CA ASP A 121 -7.27 33.17 -9.79
C ASP A 121 -8.44 33.97 -10.36
N VAL A 122 -9.20 34.61 -9.47
CA VAL A 122 -10.39 35.38 -9.85
C VAL A 122 -10.07 36.62 -10.66
N SER A 123 -9.02 37.35 -10.27
CA SER A 123 -8.74 38.62 -10.92
C SER A 123 -8.40 38.44 -12.39
N SER A 124 -7.71 37.36 -12.74
CA SER A 124 -7.31 37.17 -14.13
C SER A 124 -8.54 36.96 -14.99
N GLN A 125 -9.49 36.13 -14.53
CA GLN A 125 -10.70 35.91 -15.33
C GLN A 125 -11.49 37.21 -15.49
N HIS A 126 -11.51 38.04 -14.45
CA HIS A 126 -12.20 39.34 -14.53
C HIS A 126 -11.52 40.27 -15.54
N ARG A 127 -10.19 40.34 -15.49
CA ARG A 127 -9.42 41.13 -16.47
C ARG A 127 -9.74 40.65 -17.89
N TRP A 128 -9.77 39.34 -18.05
CA TRP A 128 -10.04 38.72 -19.33
C TRP A 128 -11.45 39.09 -19.83
N SER A 129 -12.47 38.90 -18.99
CA SER A 129 -13.86 39.16 -19.40
C SER A 129 -14.15 40.61 -19.77
N THR A 130 -13.48 41.53 -19.07
CA THR A 130 -13.68 42.96 -19.30
C THR A 130 -12.77 43.51 -20.40
N SER A 131 -11.78 42.72 -20.85
CA SER A 131 -10.87 43.20 -21.91
C SER A 131 -11.66 43.38 -23.19
N THR A 132 -11.34 44.43 -23.94
CA THR A 132 -12.14 44.85 -25.10
C THR A 132 -12.49 43.74 -26.11
N PRO A 133 -11.51 42.93 -26.56
CA PRO A 133 -11.92 41.89 -27.52
C PRO A 133 -12.92 40.87 -27.00
N ILE A 134 -12.89 40.61 -25.68
CA ILE A 134 -13.82 39.63 -25.09
C ILE A 134 -15.17 40.28 -24.77
N ALA A 135 -15.15 41.41 -24.06
CA ALA A 135 -16.38 42.09 -23.67
C ALA A 135 -17.19 42.55 -24.89
N SER A 136 -16.50 43.03 -25.92
CA SER A 136 -17.19 43.54 -27.11
C SER A 136 -17.93 42.42 -27.84
N TRP A 137 -17.32 41.24 -27.89
CA TRP A 137 -17.98 40.06 -28.48
C TRP A 137 -19.22 39.61 -27.71
N TRP A 138 -19.12 39.53 -26.38
CA TRP A 138 -20.22 39.06 -25.54
C TRP A 138 -21.38 40.04 -25.47
N GLU A 139 -21.08 41.34 -25.57
CA GLU A 139 -22.10 42.39 -25.46
C GLU A 139 -22.68 42.81 -26.82
N SER A 140 -22.12 42.27 -27.90
CA SER A 140 -22.52 42.65 -29.25
C SER A 140 -23.98 42.30 -29.57
N GLU A 141 -24.62 43.17 -30.36
CA GLU A 141 -25.95 42.90 -30.91
C GLU A 141 -25.93 41.72 -31.88
N ASP A 142 -24.75 41.45 -32.45
CA ASP A 142 -24.54 40.26 -33.29
C ASP A 142 -24.92 38.96 -32.59
N ARG A 143 -24.71 38.89 -31.27
CA ARG A 143 -25.06 37.69 -30.50
C ARG A 143 -26.56 37.40 -30.58
N LEU A 144 -27.36 38.46 -30.79
CA LEU A 144 -28.81 38.33 -30.87
C LEU A 144 -29.28 37.97 -32.27
N SER A 145 -28.48 38.31 -33.27
CA SER A 145 -28.85 38.09 -34.67
C SER A 145 -28.19 36.87 -35.29
N ASP A 146 -27.24 36.25 -34.59
CA ASP A 146 -26.57 35.04 -35.08
C ASP A 146 -27.52 33.88 -35.27
N GLY A 147 -28.60 33.83 -34.48
CA GLY A 147 -29.52 32.68 -34.51
C GLY A 147 -29.09 31.56 -33.59
N LEU A 148 -27.87 31.68 -33.08
CA LEU A 148 -27.31 30.71 -32.17
C LEU A 148 -27.66 31.09 -30.76
N GLY A 149 -27.70 30.09 -29.86
CA GLY A 149 -27.77 30.35 -28.43
C GLY A 149 -26.35 30.45 -27.87
N PHE A 150 -26.13 31.32 -26.90
CA PHE A 150 -24.82 31.43 -26.23
C PHE A 150 -25.05 31.45 -24.73
N PHE A 151 -24.11 30.91 -23.98
CA PHE A 151 -24.20 31.03 -22.52
C PHE A 151 -22.84 31.08 -21.84
N ARG A 152 -22.85 31.60 -20.62
CA ARG A 152 -21.67 31.61 -19.76
C ARG A 152 -22.15 31.21 -18.40
N GLU A 153 -21.58 30.13 -17.87
CA GLU A 153 -21.87 29.66 -16.53
C GLU A 153 -20.51 29.63 -15.86
N ILE A 154 -20.24 30.64 -15.05
CA ILE A 154 -18.89 30.88 -14.53
C ILE A 154 -18.96 30.91 -13.01
N VAL A 155 -18.22 30.01 -12.40
CA VAL A 155 -18.31 29.82 -10.94
C VAL A 155 -16.88 29.81 -10.38
N ALA A 156 -16.72 30.25 -9.12
CA ALA A 156 -15.39 30.47 -8.54
C ALA A 156 -15.27 30.00 -7.09
N PRO A 157 -15.00 28.70 -6.90
CA PRO A 157 -14.86 28.17 -5.55
C PRO A 157 -13.49 28.53 -5.00
N ARG A 158 -13.45 28.90 -3.71
CA ARG A 158 -12.17 29.05 -3.03
C ARG A 158 -11.51 27.69 -2.88
N ALA A 159 -10.22 27.66 -2.53
CA ALA A 159 -9.51 26.39 -2.37
C ALA A 159 -10.18 25.44 -1.36
N GLU A 160 -10.77 26.01 -0.31
CA GLU A 160 -11.46 25.23 0.72
CA GLU A 160 -11.43 25.20 0.70
C GLU A 160 -12.83 24.71 0.28
N GLN A 161 -13.29 25.16 -0.88
CA GLN A 161 -14.65 24.88 -1.38
C GLN A 161 -14.72 23.91 -2.56
N PHE A 162 -13.61 23.21 -2.83
CA PHE A 162 -13.70 22.13 -3.81
C PHE A 162 -12.82 20.94 -3.44
N GLU A 163 -13.16 19.78 -4.00
CA GLU A 163 -12.40 18.54 -3.78
C GLU A 163 -12.25 17.83 -5.10
N THR A 164 -11.21 17.00 -5.20
CA THR A 164 -11.00 16.20 -6.39
C THR A 164 -10.76 14.76 -5.99
N LEU A 165 -10.97 13.82 -6.91
CA LEU A 165 -10.68 12.41 -6.63
C LEU A 165 -10.35 11.77 -7.97
N TYR A 166 -9.16 11.20 -8.09
CA TYR A 166 -8.68 10.59 -9.34
C TYR A 166 -8.30 9.13 -9.08
N ALA A 167 -8.73 8.25 -9.97
CA ALA A 167 -8.32 6.83 -9.96
C ALA A 167 -7.08 6.59 -10.82
N PHE A 168 -6.22 7.60 -10.88
CA PHE A 168 -5.01 7.56 -11.68
C PHE A 168 -4.11 8.67 -11.16
N GLN A 169 -2.85 8.65 -11.57
CA GLN A 169 -1.87 9.52 -10.94
C GLN A 169 -1.11 10.36 -11.92
N GLU A 170 -1.68 10.63 -13.12
CA GLU A 170 -1.02 11.40 -14.20
C GLU A 170 -1.96 12.21 -15.10
N ASP A 171 -1.45 13.31 -15.64
CA ASP A 171 -2.17 14.15 -16.62
C ASP A 171 -3.63 14.48 -16.21
N LEU A 172 -3.75 15.13 -15.07
CA LEU A 172 -5.07 15.43 -14.50
C LEU A 172 -5.89 16.32 -15.42
N PRO A 173 -7.15 15.90 -15.72
CA PRO A 173 -8.08 16.74 -16.48
C PRO A 173 -8.83 17.70 -15.57
N GLY A 174 -9.61 18.58 -16.19
CA GLY A 174 -10.42 19.52 -15.42
C GLY A 174 -9.58 20.39 -14.50
N VAL A 175 -10.13 20.68 -13.32
CA VAL A 175 -9.45 21.59 -12.39
C VAL A 175 -8.08 21.06 -11.94
N GLY A 176 -7.91 19.75 -11.92
CA GLY A 176 -6.60 19.17 -11.59
C GLY A 176 -5.49 19.65 -12.50
N ALA A 177 -5.84 20.00 -13.74
CA ALA A 177 -4.86 20.47 -14.72
C ALA A 177 -4.21 21.80 -14.30
N VAL A 178 -4.90 22.54 -13.42
CA VAL A 178 -4.36 23.83 -12.98
C VAL A 178 -3.79 23.82 -11.55
N MET A 179 -3.85 22.66 -10.91
CA MET A 179 -3.20 22.48 -9.60
C MET A 179 -1.71 22.17 -9.80
N ASP A 180 -0.96 21.97 -8.71
CA ASP A 180 0.50 21.79 -8.79
C ASP A 180 0.95 20.37 -9.06
N GLY A 181 0.18 19.40 -8.58
CA GLY A 181 0.55 18.00 -8.77
C GLY A 181 -0.45 17.06 -8.16
N ILE A 182 -0.02 15.82 -7.94
CA ILE A 182 -0.88 14.76 -7.47
C ILE A 182 -0.41 14.28 -6.10
N SER A 183 -1.34 13.90 -5.23
CA SER A 183 -1.02 13.41 -3.91
C SER A 183 -0.48 11.98 -3.97
N GLY A 184 -0.07 11.44 -2.81
CA GLY A 184 0.04 10.00 -2.65
C GLY A 184 -1.35 9.44 -2.36
N GLU A 185 -1.42 8.16 -1.99
CA GLU A 185 -2.73 7.55 -1.71
C GLU A 185 -3.38 8.29 -0.55
N ILE A 186 -4.65 8.65 -0.70
CA ILE A 186 -5.35 9.41 0.35
C ILE A 186 -6.28 8.55 1.20
N ASN A 187 -6.48 9.01 2.43
CA ASN A 187 -7.31 8.32 3.39
C ASN A 187 -8.81 8.49 3.16
N GLU A 188 -9.23 9.69 2.78
CA GLU A 188 -10.65 10.07 2.85
C GLU A 188 -11.44 9.67 1.59
N HIS A 189 -11.55 8.36 1.34
CA HIS A 189 -12.42 7.90 0.27
C HIS A 189 -12.86 6.45 0.54
N GLY A 190 -13.85 5.98 -0.21
CA GLY A 190 -14.25 4.57 -0.13
C GLY A 190 -15.40 4.29 0.82
N TYR A 191 -16.10 5.33 1.24
CA TYR A 191 -17.31 5.19 2.07
C TYR A 191 -18.17 6.40 1.74
N TRP A 192 -19.49 6.22 1.75
CA TRP A 192 -20.40 7.35 1.51
C TRP A 192 -20.22 8.40 2.61
N GLY A 193 -20.08 9.65 2.19
CA GLY A 193 -19.75 10.76 3.10
C GLY A 193 -18.30 11.18 2.98
N SER A 194 -17.48 10.39 2.27
CA SER A 194 -16.06 10.75 2.10
C SER A 194 -15.85 11.98 1.22
N MET A 195 -16.70 12.18 0.21
CA MET A 195 -16.61 13.38 -0.63
C MET A 195 -16.68 14.68 0.20
N ARG A 196 -17.65 14.74 1.10
CA ARG A 196 -17.79 15.91 1.98
C ARG A 196 -16.50 16.17 2.76
N GLU A 197 -15.91 15.09 3.25
CA GLU A 197 -14.70 15.16 4.08
C GLU A 197 -13.45 15.58 3.32
N ARG A 198 -13.49 15.49 1.99
CA ARG A 198 -12.40 15.96 1.15
C ARG A 198 -12.45 17.49 0.91
N PHE A 199 -13.60 18.12 1.15
CA PHE A 199 -13.69 19.59 1.14
C PHE A 199 -12.99 20.14 2.38
N PRO A 200 -11.94 20.96 2.21
CA PRO A 200 -11.29 21.48 3.44
C PRO A 200 -12.25 22.25 4.34
N ILE A 201 -13.24 22.94 3.76
CA ILE A 201 -14.20 23.71 4.58
C ILE A 201 -15.08 22.83 5.49
N SER A 202 -15.16 21.54 5.17
CA SER A 202 -15.94 20.59 6.02
C SER A 202 -15.33 20.46 7.43
N GLN A 203 -14.12 20.95 7.62
CA GLN A 203 -13.50 20.94 8.95
C GLN A 203 -14.28 21.81 9.92
N THR A 204 -14.99 22.81 9.38
CA THR A 204 -15.72 23.76 10.23
C THR A 204 -17.14 24.15 9.75
N ASP A 205 -17.55 23.71 8.55
CA ASP A 205 -18.75 24.28 7.89
C ASP A 205 -19.56 23.15 7.26
N TRP A 206 -20.88 23.17 7.46
CA TRP A 206 -21.82 22.22 6.84
C TRP A 206 -22.09 22.43 5.35
N MET A 207 -21.65 23.56 4.82
CA MET A 207 -21.95 23.88 3.42
C MET A 207 -23.45 23.75 3.16
N GLN A 208 -24.23 24.30 4.09
CA GLN A 208 -25.68 24.28 3.97
C GLN A 208 -26.15 25.25 2.88
N ALA A 209 -27.04 24.80 2.01
CA ALA A 209 -27.62 25.66 1.01
C ALA A 209 -28.66 26.59 1.63
N SER A 210 -28.71 27.82 1.12
CA SER A 210 -29.79 28.76 1.44
C SER A 210 -29.98 29.67 0.24
N GLY A 211 -31.17 30.26 0.15
CA GLY A 211 -31.49 31.15 -0.96
C GLY A 211 -32.11 30.44 -2.14
N GLU A 212 -32.29 31.18 -3.22
CA GLU A 212 -33.02 30.70 -4.37
C GLU A 212 -32.23 30.97 -5.65
N LEU A 213 -32.42 30.09 -6.61
CA LEU A 213 -31.93 30.30 -7.96
C LEU A 213 -32.94 31.25 -8.65
N ARG A 214 -32.47 32.43 -9.04
CA ARG A 214 -33.37 33.55 -9.33
C ARG A 214 -33.09 34.19 -10.68
N VAL A 215 -34.12 34.41 -11.52
CA VAL A 215 -33.92 35.24 -12.72
C VAL A 215 -33.81 36.70 -12.28
N ILE A 216 -32.75 37.40 -12.68
CA ILE A 216 -32.59 38.81 -12.27
C ILE A 216 -32.66 39.78 -13.44
N ALA A 217 -32.57 39.24 -14.65
CA ALA A 217 -32.82 40.04 -15.86
C ALA A 217 -33.42 39.15 -16.96
N GLY A 218 -34.40 39.68 -17.67
CA GLY A 218 -35.03 38.94 -18.78
C GLY A 218 -36.07 37.90 -18.36
N ASP A 219 -36.49 37.09 -19.32
CA ASP A 219 -37.50 36.06 -19.10
C ASP A 219 -37.10 34.89 -19.97
N PRO A 220 -36.78 33.74 -19.33
CA PRO A 220 -36.42 32.53 -20.06
C PRO A 220 -37.43 32.17 -21.16
N ALA A 221 -38.72 32.39 -20.89
CA ALA A 221 -39.77 31.93 -21.79
C ALA A 221 -39.79 32.73 -23.09
N VAL A 222 -39.20 33.91 -23.04
CA VAL A 222 -39.22 34.84 -24.16
C VAL A 222 -37.91 34.83 -24.96
N GLY A 223 -36.80 34.42 -24.34
CA GLY A 223 -35.50 34.38 -25.03
C GLY A 223 -34.75 35.71 -24.88
N GLY A 224 -33.91 36.04 -25.85
CA GLY A 224 -33.02 37.19 -25.73
C GLY A 224 -32.04 36.98 -24.60
N ARG A 225 -31.58 38.07 -23.97
CA ARG A 225 -30.60 37.96 -22.88
C ARG A 225 -31.32 37.72 -21.55
N VAL A 226 -30.85 36.70 -20.82
CA VAL A 226 -31.41 36.32 -19.51
C VAL A 226 -30.27 36.12 -18.53
N VAL A 227 -30.40 36.65 -17.32
CA VAL A 227 -29.38 36.52 -16.30
C VAL A 227 -29.99 35.86 -15.07
N VAL A 228 -29.31 34.83 -14.54
CA VAL A 228 -29.77 34.11 -13.37
C VAL A 228 -28.70 34.23 -12.28
N ARG A 229 -29.14 34.53 -11.06
CA ARG A 229 -28.23 34.56 -9.93
C ARG A 229 -28.30 33.24 -9.16
N GLY A 230 -27.14 32.71 -8.79
CA GLY A 230 -27.09 31.51 -7.95
C GLY A 230 -27.34 31.81 -6.48
N HIS A 231 -27.32 30.78 -5.66
CA HIS A 231 -27.47 30.97 -4.23
C HIS A 231 -26.33 30.31 -3.49
N ASP A 232 -26.22 30.59 -2.19
CA ASP A 232 -25.17 29.98 -1.37
C ASP A 232 -25.19 28.45 -1.43
N ASN A 233 -24.01 27.91 -1.68
CA ASN A 233 -23.73 26.48 -1.67
C ASN A 233 -24.53 25.65 -2.66
N ILE A 234 -24.78 26.24 -3.84
CA ILE A 234 -25.01 25.41 -5.03
C ILE A 234 -23.76 24.55 -5.16
N ALA A 235 -23.94 23.32 -5.62
CA ALA A 235 -22.82 22.41 -5.85
C ALA A 235 -22.71 22.11 -7.34
N LEU A 236 -21.48 21.92 -7.82
CA LEU A 236 -21.26 21.56 -9.22
C LEU A 236 -20.32 20.35 -9.23
N ILE A 237 -20.74 19.28 -9.91
CA ILE A 237 -19.89 18.09 -10.12
C ILE A 237 -19.52 17.97 -11.59
N ARG A 238 -18.23 17.72 -11.83
CA ARG A 238 -17.78 17.22 -13.12
C ARG A 238 -17.20 15.85 -12.84
N SER A 239 -17.86 14.79 -13.35
CA SER A 239 -17.41 13.42 -13.10
C SER A 239 -17.13 12.81 -14.46
N GLY A 240 -15.91 12.34 -14.66
CA GLY A 240 -15.42 12.07 -16.01
C GLY A 240 -14.93 10.67 -16.26
N GLN A 241 -14.88 10.32 -17.56
CA GLN A 241 -14.55 8.99 -18.04
C GLN A 241 -13.65 9.16 -19.25
N ASP A 242 -12.50 8.51 -19.22
CA ASP A 242 -11.54 8.65 -20.31
C ASP A 242 -11.08 7.25 -20.69
N TRP A 243 -11.52 6.77 -21.86
CA TRP A 243 -11.16 5.42 -22.32
C TRP A 243 -10.25 5.43 -23.54
N ALA A 244 -9.61 6.57 -23.78
CA ALA A 244 -8.81 6.80 -25.00
C ALA A 244 -7.60 5.88 -25.11
N ASP A 245 -7.08 5.44 -23.96
CA ASP A 245 -5.90 4.56 -23.91
C ASP A 245 -6.23 3.07 -23.77
N ALA A 246 -7.52 2.74 -23.58
CA ALA A 246 -7.95 1.36 -23.42
C ALA A 246 -7.76 0.51 -24.68
N GLU A 247 -7.26 -0.71 -24.47
CA GLU A 247 -7.20 -1.63 -25.59
CA GLU A 247 -7.15 -1.78 -25.45
C GLU A 247 -8.53 -2.42 -25.71
N ALA A 248 -8.63 -3.27 -26.72
CA ALA A 248 -9.92 -3.83 -27.13
C ALA A 248 -10.76 -4.46 -26.01
N ASP A 249 -10.16 -5.30 -25.17
CA ASP A 249 -10.92 -6.00 -24.14
CA ASP A 249 -10.88 -6.01 -24.10
C ASP A 249 -11.47 -5.03 -23.09
N GLU A 250 -10.67 -4.05 -22.71
CA GLU A 250 -11.10 -3.05 -21.73
C GLU A 250 -12.11 -2.07 -22.32
N ARG A 251 -11.95 -1.69 -23.57
CA ARG A 251 -12.97 -0.90 -24.25
C ARG A 251 -14.34 -1.59 -24.18
N SER A 252 -14.38 -2.90 -24.41
CA SER A 252 -15.62 -3.66 -24.29
C SER A 252 -16.20 -3.59 -22.90
N LEU A 253 -15.37 -3.77 -21.86
CA LEU A 253 -15.87 -3.65 -20.50
C LEU A 253 -16.49 -2.30 -20.27
N TYR A 254 -15.80 -1.23 -20.65
CA TYR A 254 -16.33 0.10 -20.40
C TYR A 254 -17.60 0.36 -21.24
N LEU A 255 -17.52 0.16 -22.56
CA LEU A 255 -18.65 0.56 -23.40
C LEU A 255 -19.86 -0.35 -23.26
N ASP A 256 -19.63 -1.64 -23.00
CA ASP A 256 -20.71 -2.61 -22.99
C ASP A 256 -21.27 -2.90 -21.59
N GLU A 257 -20.45 -2.72 -20.56
CA GLU A 257 -20.90 -3.01 -19.18
C GLU A 257 -21.11 -1.73 -18.36
N ILE A 258 -20.12 -0.84 -18.36
CA ILE A 258 -20.20 0.32 -17.49
C ILE A 258 -21.08 1.41 -18.08
N LEU A 259 -20.82 1.75 -19.34
CA LEU A 259 -21.52 2.90 -19.96
C LEU A 259 -23.05 2.80 -19.95
N PRO A 260 -23.63 1.63 -20.25
CA PRO A 260 -25.10 1.58 -20.17
C PRO A 260 -25.65 1.96 -18.79
N THR A 261 -24.94 1.60 -17.73
CA THR A 261 -25.39 1.98 -16.38
C THR A 261 -25.22 3.48 -16.17
N LEU A 262 -24.10 4.03 -16.65
CA LEU A 262 -23.84 5.48 -16.57
C LEU A 262 -24.92 6.24 -17.36
N GLN A 263 -25.17 5.78 -18.58
CA GLN A 263 -26.19 6.39 -19.44
C GLN A 263 -27.55 6.46 -18.77
N SER A 264 -27.95 5.36 -18.12
CA SER A 264 -29.21 5.30 -17.37
CA SER A 264 -29.23 5.32 -17.40
C SER A 264 -29.29 6.36 -16.27
N GLY A 265 -28.20 6.52 -15.51
CA GLY A 265 -28.18 7.53 -14.46
C GLY A 265 -28.23 8.94 -14.98
N MET A 266 -27.50 9.20 -16.08
CA MET A 266 -27.49 10.52 -16.71
C MET A 266 -28.87 10.87 -17.27
N ASP A 267 -29.52 9.93 -17.95
CA ASP A 267 -30.90 10.14 -18.44
C ASP A 267 -31.82 10.48 -17.28
N PHE A 268 -31.66 9.74 -16.18
CA PHE A 268 -32.49 9.99 -15.02
C PHE A 268 -32.34 11.42 -14.53
N LEU A 269 -31.10 11.87 -14.30
CA LEU A 269 -30.89 13.22 -13.76
C LEU A 269 -31.31 14.31 -14.75
N ARG A 270 -31.11 14.04 -16.04
CA ARG A 270 -31.47 15.01 -17.06
C ARG A 270 -32.98 15.25 -17.07
N ASP A 271 -33.74 14.18 -16.84
CA ASP A 271 -35.18 14.19 -17.09
C ASP A 271 -36.03 14.22 -15.81
N ASN A 272 -35.37 14.05 -14.66
CA ASN A 272 -36.04 14.07 -13.34
C ASN A 272 -35.30 14.96 -12.34
N GLY A 273 -34.61 15.98 -12.86
CA GLY A 273 -33.78 16.84 -12.01
C GLY A 273 -34.52 17.47 -10.83
N PRO A 274 -35.69 18.11 -11.08
CA PRO A 274 -36.37 18.75 -9.94
C PRO A 274 -36.66 17.78 -8.79
N ALA A 275 -36.93 16.52 -9.09
CA ALA A 275 -37.30 15.55 -8.06
C ALA A 275 -36.16 15.28 -7.07
N VAL A 276 -34.92 15.43 -7.53
CA VAL A 276 -33.77 15.07 -6.69
C VAL A 276 -32.91 16.27 -6.35
N GLY A 277 -33.25 17.44 -6.89
CA GLY A 277 -32.48 18.66 -6.59
C GLY A 277 -31.35 18.94 -7.56
N CYS A 278 -31.44 18.36 -8.77
CA CYS A 278 -30.44 18.63 -9.81
C CYS A 278 -30.99 19.68 -10.79
N TYR A 279 -30.46 20.90 -10.69
CA TYR A 279 -30.88 22.03 -11.55
C TYR A 279 -30.59 21.80 -13.03
N SER A 280 -29.45 21.18 -13.31
CA SER A 280 -28.99 20.95 -14.68
C SER A 280 -28.09 19.71 -14.70
N ASN A 281 -28.37 18.82 -15.65
CA ASN A 281 -27.50 17.68 -15.86
C ASN A 281 -27.17 17.56 -17.33
N ARG A 282 -25.87 17.62 -17.62
CA ARG A 282 -25.37 17.45 -18.99
C ARG A 282 -24.42 16.26 -19.01
N PHE A 283 -24.54 15.41 -20.03
CA PHE A 283 -23.61 14.29 -20.21
C PHE A 283 -22.98 14.58 -21.57
N VAL A 284 -21.70 14.88 -21.55
CA VAL A 284 -21.01 15.48 -22.72
C VAL A 284 -19.83 14.64 -23.18
N ARG A 285 -19.49 14.73 -24.47
CA ARG A 285 -18.35 14.01 -25.04
C ARG A 285 -17.33 15.04 -25.50
N ASN A 286 -16.06 14.81 -25.17
CA ASN A 286 -15.02 15.71 -25.67
C ASN A 286 -14.93 15.68 -27.17
N ILE A 287 -14.63 16.85 -27.72
CA ILE A 287 -14.34 17.00 -29.14
C ILE A 287 -13.03 17.74 -29.34
N ASP A 288 -12.46 17.58 -30.53
CA ASP A 288 -11.32 18.37 -30.95
C ASP A 288 -11.83 19.65 -31.62
N ILE A 289 -10.91 20.50 -32.07
CA ILE A 289 -11.25 21.81 -32.64
C ILE A 289 -12.13 21.71 -33.90
N ASP A 290 -12.10 20.56 -34.59
CA ASP A 290 -12.94 20.33 -35.76
C ASP A 290 -14.36 19.88 -35.40
N GLY A 291 -14.60 19.63 -34.12
CA GLY A 291 -15.90 19.13 -33.65
C GLY A 291 -16.00 17.62 -33.66
N ASN A 292 -14.89 16.94 -33.91
CA ASN A 292 -14.89 15.47 -33.95
C ASN A 292 -14.61 14.85 -32.58
N PHE A 293 -15.29 13.74 -32.29
CA PHE A 293 -15.27 13.19 -30.93
C PHE A 293 -13.92 12.62 -30.53
N LEU A 294 -13.63 12.74 -29.26
CA LEU A 294 -12.53 12.05 -28.61
C LEU A 294 -13.13 11.03 -27.63
N ASP A 295 -12.32 10.06 -27.19
CA ASP A 295 -12.82 9.01 -26.30
C ASP A 295 -12.71 9.45 -24.82
N LEU A 296 -13.34 10.58 -24.50
CA LEU A 296 -13.46 11.08 -23.11
C LEU A 296 -14.86 11.67 -23.01
N SER A 297 -15.44 11.60 -21.81
CA SER A 297 -16.77 12.17 -21.57
C SER A 297 -16.79 12.70 -20.15
N TYR A 298 -17.80 13.50 -19.84
CA TYR A 298 -18.07 13.78 -18.44
C TYR A 298 -19.48 14.31 -18.22
N ASN A 299 -19.89 14.23 -16.96
CA ASN A 299 -21.11 14.87 -16.52
C ASN A 299 -20.75 16.27 -16.03
N ILE A 300 -21.62 17.23 -16.33
CA ILE A 300 -21.60 18.55 -15.70
C ILE A 300 -22.94 18.67 -15.00
N GLY A 301 -22.93 18.59 -13.67
CA GLY A 301 -24.18 18.62 -12.89
C GLY A 301 -24.20 19.72 -11.87
N HIS A 302 -25.22 20.59 -11.96
CA HIS A 302 -25.44 21.66 -10.98
C HIS A 302 -26.57 21.24 -10.04
N TRP A 303 -26.33 21.35 -8.74
CA TRP A 303 -27.22 20.80 -7.73
C TRP A 303 -27.64 21.86 -6.75
N ALA A 304 -28.86 21.70 -6.24
CA ALA A 304 -29.43 22.66 -5.31
C ALA A 304 -28.71 22.68 -3.96
N SER A 305 -27.98 21.61 -3.65
CA SER A 305 -27.19 21.55 -2.42
C SER A 305 -26.22 20.40 -2.55
N LEU A 306 -25.12 20.46 -1.81
CA LEU A 306 -24.18 19.32 -1.75
C LEU A 306 -24.87 18.08 -1.20
N ASP A 307 -25.72 18.25 -0.18
CA ASP A 307 -26.35 17.08 0.43
C ASP A 307 -27.35 16.39 -0.51
N GLN A 308 -28.05 17.14 -1.37
CA GLN A 308 -28.88 16.48 -2.39
C GLN A 308 -28.06 15.62 -3.35
N LEU A 309 -26.87 16.10 -3.72
CA LEU A 309 -25.96 15.31 -4.56
C LEU A 309 -25.52 14.04 -3.81
N GLU A 310 -25.18 14.20 -2.53
CA GLU A 310 -24.83 13.05 -1.67
C GLU A 310 -25.96 12.04 -1.62
N ARG A 311 -27.19 12.50 -1.42
CA ARG A 311 -28.33 11.55 -1.31
C ARG A 311 -28.48 10.75 -2.61
N TRP A 312 -28.39 11.44 -3.75
CA TRP A 312 -28.53 10.73 -5.02
C TRP A 312 -27.46 9.63 -5.19
N SER A 313 -26.20 10.02 -4.96
CA SER A 313 -25.08 9.11 -5.22
C SER A 313 -25.16 7.90 -4.30
N GLU A 314 -25.63 8.11 -3.06
CA GLU A 314 -25.55 7.03 -2.05
C GLU A 314 -26.84 6.21 -1.89
N SER A 315 -27.95 6.68 -2.45
CA SER A 315 -29.21 5.96 -2.26
C SER A 315 -30.07 5.81 -3.50
N HIS A 316 -29.71 6.46 -4.61
CA HIS A 316 -30.55 6.30 -5.79
C HIS A 316 -30.11 5.05 -6.56
N PRO A 317 -31.09 4.24 -7.04
CA PRO A 317 -30.66 2.99 -7.66
C PRO A 317 -29.76 3.19 -8.88
N THR A 318 -29.87 4.34 -9.56
CA THR A 318 -29.05 4.57 -10.76
C THR A 318 -27.56 4.63 -10.42
N HIS A 319 -27.17 5.51 -9.48
CA HIS A 319 -25.74 5.57 -9.12
C HIS A 319 -25.29 4.31 -8.39
N LEU A 320 -26.15 3.74 -7.55
CA LEU A 320 -25.76 2.48 -6.92
C LEU A 320 -25.53 1.35 -7.93
N ARG A 321 -26.30 1.32 -9.02
CA ARG A 321 -26.06 0.33 -10.09
C ARG A 321 -24.74 0.60 -10.79
N ILE A 322 -24.43 1.88 -11.01
CA ILE A 322 -23.12 2.26 -11.56
C ILE A 322 -21.99 1.78 -10.66
N PHE A 323 -22.10 2.07 -9.37
CA PHE A 323 -21.13 1.66 -8.33
C PHE A 323 -20.92 0.13 -8.31
N THR A 324 -22.00 -0.61 -8.16
CA THR A 324 -21.87 -2.08 -8.08
C THR A 324 -21.33 -2.68 -9.39
N THR A 325 -21.77 -2.14 -10.53
CA THR A 325 -21.30 -2.66 -11.83
C THR A 325 -19.80 -2.41 -11.97
N PHE A 326 -19.35 -1.23 -11.54
CA PHE A 326 -17.93 -0.92 -11.55
C PHE A 326 -17.12 -1.95 -10.75
N PHE A 327 -17.55 -2.25 -9.53
CA PHE A 327 -16.78 -3.23 -8.75
C PHE A 327 -16.86 -4.64 -9.31
N ARG A 328 -17.99 -4.97 -9.95
CA ARG A 328 -18.13 -6.28 -10.55
C ARG A 328 -17.09 -6.50 -11.65
N VAL A 329 -16.82 -5.45 -12.44
CA VAL A 329 -15.94 -5.56 -13.62
C VAL A 329 -14.50 -5.02 -13.42
N ALA A 330 -14.26 -4.36 -12.28
CA ALA A 330 -12.99 -3.64 -12.01
C ALA A 330 -11.69 -4.44 -12.24
N ALA A 331 -11.74 -5.74 -12.01
CA ALA A 331 -10.53 -6.56 -12.11
C ALA A 331 -10.01 -6.64 -13.54
N GLY A 332 -10.89 -6.35 -14.50
CA GLY A 332 -10.50 -6.30 -15.92
C GLY A 332 -10.11 -4.92 -16.44
N LEU A 333 -10.11 -3.92 -15.56
CA LEU A 333 -9.78 -2.56 -15.94
C LEU A 333 -8.29 -2.31 -15.69
N SER A 334 -7.72 -1.31 -16.38
CA SER A 334 -6.33 -0.88 -16.13
C SER A 334 -6.03 0.50 -16.73
N LYS A 335 -6.46 0.72 -17.97
CA LYS A 335 -6.19 1.99 -18.64
C LYS A 335 -7.34 3.01 -18.49
N LEU A 336 -8.54 2.54 -18.10
CA LEU A 336 -9.71 3.42 -17.98
C LEU A 336 -9.39 4.47 -16.94
N ARG A 337 -9.71 5.73 -17.23
CA ARG A 337 -9.42 6.84 -16.31
C ARG A 337 -10.73 7.43 -15.81
N LEU A 338 -10.98 7.31 -14.51
CA LEU A 338 -12.21 7.83 -13.89
C LEU A 338 -11.83 8.82 -12.80
N TYR A 339 -12.58 9.92 -12.69
CA TYR A 339 -12.24 10.97 -11.74
C TYR A 339 -13.46 11.82 -11.49
N HIS A 340 -13.41 12.63 -10.44
CA HIS A 340 -14.36 13.73 -10.34
C HIS A 340 -13.80 14.97 -9.63
N GLU A 341 -14.50 16.07 -9.83
CA GLU A 341 -14.25 17.30 -9.08
C GLU A 341 -15.61 17.80 -8.65
N VAL A 342 -15.72 18.27 -7.41
CA VAL A 342 -16.99 18.80 -6.91
C VAL A 342 -16.68 20.08 -6.17
N SER A 343 -17.51 21.09 -6.39
CA SER A 343 -17.27 22.42 -5.84
C SER A 343 -18.56 22.95 -5.24
N VAL A 344 -18.44 23.81 -4.23
CA VAL A 344 -19.57 24.64 -3.78
C VAL A 344 -19.17 26.12 -3.85
N PHE A 345 -20.16 27.02 -3.91
CA PHE A 345 -19.84 28.44 -4.11
C PHE A 345 -20.77 29.32 -3.31
N ASP A 346 -20.24 30.47 -2.88
CA ASP A 346 -21.08 31.56 -2.39
C ASP A 346 -21.93 32.13 -3.55
N ALA A 347 -23.07 32.72 -3.23
CA ALA A 347 -23.94 33.33 -4.23
C ALA A 347 -23.20 34.29 -5.15
N ALA A 348 -22.28 35.08 -4.58
CA ALA A 348 -21.57 36.15 -5.31
C ALA A 348 -20.54 35.60 -6.30
N ASP A 349 -20.16 34.35 -6.09
CA ASP A 349 -19.11 33.73 -6.91
C ASP A 349 -19.66 32.89 -8.07
N GLN A 350 -20.88 33.24 -8.51
CA GLN A 350 -21.54 32.54 -9.61
C GLN A 350 -22.17 33.53 -10.56
N LEU A 351 -22.07 33.23 -11.84
CA LEU A 351 -22.64 34.06 -12.91
C LEU A 351 -23.22 33.09 -13.92
N TYR A 352 -24.52 33.21 -14.20
CA TYR A 352 -25.16 32.39 -15.23
C TYR A 352 -25.90 33.31 -16.21
N GLU A 353 -25.38 33.43 -17.42
CA GLU A 353 -25.92 34.36 -18.41
C GLU A 353 -26.28 33.61 -19.69
N TYR A 354 -27.43 33.91 -20.29
CA TYR A 354 -27.90 33.18 -21.50
C TYR A 354 -28.31 34.17 -22.57
N ILE A 355 -28.04 33.84 -23.83
CA ILE A 355 -28.51 34.67 -24.96
C ILE A 355 -29.18 33.76 -25.95
N ASN A 356 -30.48 33.95 -26.14
CA ASN A 356 -31.22 33.17 -27.14
C ASN A 356 -31.10 31.64 -26.98
N CYS A 357 -31.06 31.19 -25.71
CA CYS A 357 -31.11 29.75 -25.40
C CYS A 357 -32.56 29.30 -25.20
N HIS A 358 -32.84 28.02 -25.47
CA HIS A 358 -34.18 27.52 -25.18
C HIS A 358 -34.39 27.52 -23.65
N PRO A 359 -35.67 27.62 -23.20
CA PRO A 359 -35.98 27.80 -21.78
C PRO A 359 -35.56 26.69 -20.82
N GLY A 360 -35.20 25.51 -21.33
CA GLY A 360 -34.73 24.45 -20.47
C GLY A 360 -33.21 24.39 -20.29
N THR A 361 -32.50 25.38 -20.83
CA THR A 361 -31.03 25.38 -20.88
C THR A 361 -30.42 25.72 -19.51
N GLY A 362 -29.62 24.81 -18.97
CA GLY A 362 -28.87 25.10 -17.76
C GLY A 362 -29.77 25.63 -16.65
N MET A 363 -29.36 26.75 -16.04
CA MET A 363 -30.06 27.30 -14.86
C MET A 363 -31.37 27.97 -15.21
N LEU A 364 -31.68 28.09 -16.50
CA LEU A 364 -32.95 28.71 -16.93
C LEU A 364 -34.15 27.86 -16.56
N ARG A 365 -33.96 26.54 -16.50
CA ARG A 365 -35.08 25.63 -16.31
C ARG A 365 -35.79 25.82 -14.96
N ASP A 366 -35.00 25.90 -13.89
CA ASP A 366 -35.54 25.90 -12.53
C ASP A 366 -35.52 27.25 -11.83
N ALA A 367 -34.84 28.24 -12.42
CA ALA A 367 -34.79 29.57 -11.81
C ALA A 367 -36.19 30.16 -11.64
N VAL A 368 -36.40 30.83 -10.52
CA VAL A 368 -37.70 31.45 -10.23
C VAL A 368 -37.65 32.94 -10.57
N THR A 369 -38.77 33.50 -10.98
CA THR A 369 -38.86 34.91 -11.36
C THR A 369 -38.89 35.76 -10.10
N ILE A 370 -38.68 37.07 -10.25
CA ILE A 370 -38.68 38.00 -9.11
C ILE A 370 -39.94 37.92 -8.23
N ALA A 371 -41.10 37.64 -8.83
CA ALA A 371 -42.35 37.61 -8.07
C ALA A 371 -42.71 36.21 -7.54
N GLU A 372 -41.88 35.22 -7.84
CA GLU A 372 -42.12 33.83 -7.41
C GLU A 372 -41.36 33.44 -6.14
N HIS A 373 -40.65 34.41 -5.56
CA HIS A 373 -39.96 34.19 -4.28
C HIS A 373 -39.88 35.48 -3.47
N SER B 11 -41.88 28.82 13.90
CA SER B 11 -41.16 27.88 14.80
C SER B 11 -41.27 26.44 14.28
N SER B 12 -42.01 25.63 15.03
CA SER B 12 -42.23 24.22 14.73
C SER B 12 -43.58 24.11 14.01
N GLY B 13 -43.58 23.56 12.81
CA GLY B 13 -44.81 23.48 12.03
C GLY B 13 -45.68 22.29 12.39
N LEU B 14 -46.80 22.14 11.67
CA LEU B 14 -47.66 20.98 11.80
C LEU B 14 -46.89 19.69 11.54
N VAL B 15 -46.05 19.71 10.49
CA VAL B 15 -45.22 18.57 10.10
C VAL B 15 -43.75 19.01 10.25
N PRO B 16 -43.16 18.82 11.46
CA PRO B 16 -41.82 19.35 11.68
C PRO B 16 -40.77 18.83 10.69
N ARG B 17 -39.82 19.70 10.32
CA ARG B 17 -38.75 19.29 9.42
C ARG B 17 -37.41 19.81 9.97
N GLY B 18 -36.32 19.35 9.38
CA GLY B 18 -34.99 19.80 9.78
C GLY B 18 -34.76 19.68 11.28
N SER B 19 -34.18 20.73 11.87
CA SER B 19 -33.80 20.73 13.29
C SER B 19 -35.00 20.67 14.22
N HIS B 20 -36.21 20.91 13.69
CA HIS B 20 -37.42 20.86 14.52
C HIS B 20 -37.96 19.46 14.76
N MET B 21 -37.43 18.48 14.04
CA MET B 21 -37.85 17.10 14.21
C MET B 21 -37.28 16.48 15.48
N GLU B 22 -37.93 15.43 15.97
CA GLU B 22 -37.44 14.70 17.13
C GLU B 22 -36.10 14.04 16.82
N SER B 23 -35.34 13.81 17.89
CA SER B 23 -34.07 13.09 17.78
C SER B 23 -34.23 11.62 18.17
N ALA B 24 -33.45 10.74 17.54
CA ALA B 24 -33.40 9.34 17.94
C ALA B 24 -32.90 9.19 19.38
N ILE B 25 -32.12 10.15 19.86
CA ILE B 25 -31.46 10.04 21.17
C ILE B 25 -32.42 10.60 22.23
N GLY B 26 -32.76 9.75 23.20
CA GLY B 26 -33.60 10.15 24.34
C GLY B 26 -33.06 11.40 25.01
N GLU B 27 -33.96 12.28 25.46
CA GLU B 27 -33.57 13.56 26.04
C GLU B 27 -32.52 13.44 27.15
N HIS B 28 -32.69 12.44 28.03
CA HIS B 28 -31.81 12.27 29.18
C HIS B 28 -30.42 11.79 28.81
N LEU B 29 -30.26 11.34 27.56
CA LEU B 29 -28.98 10.83 27.04
C LEU B 29 -28.28 11.85 26.12
N GLN B 30 -28.93 12.97 25.83
CA GLN B 30 -28.35 13.96 24.93
C GLN B 30 -27.23 14.72 25.60
N CYS B 31 -26.20 15.04 24.83
CA CYS B 31 -25.16 15.94 25.29
C CYS B 31 -24.57 16.65 24.07
N PRO B 32 -23.78 17.72 24.28
CA PRO B 32 -23.20 18.34 23.07
C PRO B 32 -22.25 17.37 22.35
N ARG B 33 -22.43 17.26 21.03
CA ARG B 33 -21.64 16.31 20.24
C ARG B 33 -20.21 16.79 20.05
N THR B 34 -19.25 15.96 20.46
CA THR B 34 -17.85 16.15 20.10
C THR B 34 -17.52 15.39 18.80
N LEU B 35 -18.32 14.37 18.50
CA LEU B 35 -18.28 13.70 17.21
C LEU B 35 -19.56 14.09 16.48
N THR B 36 -19.41 14.95 15.47
CA THR B 36 -20.57 15.65 14.87
C THR B 36 -21.24 14.84 13.75
N ARG B 37 -22.47 15.25 13.40
CA ARG B 37 -23.27 14.56 12.36
C ARG B 37 -22.77 14.88 10.96
N ARG B 38 -23.19 14.10 9.96
CA ARG B 38 -22.74 14.33 8.58
C ARG B 38 -23.78 14.98 7.66
N VAL B 39 -24.89 15.44 8.24
CA VAL B 39 -25.91 16.17 7.48
C VAL B 39 -26.12 17.58 8.05
N PRO B 40 -26.46 18.55 7.17
CA PRO B 40 -26.72 19.90 7.67
C PRO B 40 -28.01 19.98 8.52
N ASP B 41 -28.16 21.10 9.21
CA ASP B 41 -29.28 21.32 10.12
C ASP B 41 -30.66 21.16 9.47
N THR B 42 -30.74 21.53 8.21
CA THR B 42 -32.00 21.48 7.44
C THR B 42 -32.41 20.08 7.01
N TYR B 43 -31.53 19.10 7.25
CA TYR B 43 -31.75 17.75 6.73
C TYR B 43 -33.16 17.26 7.11
N THR B 44 -33.89 16.74 6.13
CA THR B 44 -35.23 16.18 6.37
C THR B 44 -35.35 14.86 5.59
N PRO B 45 -35.57 13.73 6.31
CA PRO B 45 -35.66 12.44 5.61
C PRO B 45 -36.89 12.35 4.70
N PRO B 46 -36.83 11.56 3.62
CA PRO B 46 -37.91 11.42 2.62
C PRO B 46 -39.01 10.43 3.01
N PHE B 47 -38.78 9.63 4.04
CA PHE B 47 -39.80 8.74 4.53
C PHE B 47 -39.70 8.67 6.05
N PRO B 48 -40.82 8.34 6.72
CA PRO B 48 -40.79 8.33 8.17
C PRO B 48 -40.18 7.08 8.79
N MET B 49 -39.44 7.27 9.87
CA MET B 49 -39.01 6.17 10.71
C MET B 49 -39.14 6.63 12.14
N TRP B 50 -39.33 5.66 13.04
CA TRP B 50 -39.52 5.91 14.46
C TRP B 50 -38.52 5.05 15.24
N VAL B 51 -38.33 5.40 16.51
CA VAL B 51 -37.41 4.67 17.38
C VAL B 51 -38.09 4.40 18.72
N GLY B 52 -37.60 3.40 19.43
CA GLY B 52 -38.10 3.10 20.78
C GLY B 52 -37.63 4.19 21.72
N ARG B 53 -38.54 4.53 22.64
CA ARG B 53 -38.27 5.49 23.71
C ARG B 53 -38.29 4.80 25.07
N ALA B 54 -37.38 5.20 25.95
CA ALA B 54 -37.41 4.80 27.37
C ALA B 54 -36.77 5.88 28.22
N ASP B 55 -37.35 6.15 29.38
CA ASP B 55 -36.77 7.13 30.27
C ASP B 55 -35.53 6.56 30.98
N ASP B 56 -34.99 7.34 31.92
CA ASP B 56 -33.73 7.02 32.58
C ASP B 56 -33.82 5.76 33.45
N ALA B 57 -35.03 5.23 33.63
CA ALA B 57 -35.21 3.98 34.40
C ALA B 57 -34.65 2.77 33.66
N LEU B 58 -34.55 2.90 32.34
CA LEU B 58 -33.88 1.89 31.52
C LEU B 58 -32.41 2.29 31.47
N GLN B 59 -31.61 1.55 32.22
CA GLN B 59 -30.18 1.82 32.33
C GLN B 59 -29.36 0.89 31.44
N GLN B 60 -29.79 -0.36 31.41
CA GLN B 60 -29.04 -1.41 30.74
C GLN B 60 -29.98 -2.58 30.55
N VAL B 61 -30.17 -3.02 29.31
CA VAL B 61 -31.08 -4.11 29.00
C VAL B 61 -30.29 -5.40 28.86
N VAL B 62 -30.99 -6.53 28.87
CA VAL B 62 -30.33 -7.78 28.53
C VAL B 62 -31.08 -8.43 27.39
N MET B 63 -30.30 -8.86 26.39
CA MET B 63 -30.80 -9.60 25.25
C MET B 63 -30.23 -11.02 25.35
N GLY B 64 -31.08 -12.00 25.65
CA GLY B 64 -30.61 -13.38 25.85
C GLY B 64 -31.14 -14.31 24.78
N TYR B 65 -30.24 -14.81 23.94
CA TYR B 65 -30.60 -15.73 22.88
C TYR B 65 -30.26 -17.12 23.39
N LEU B 66 -31.30 -17.92 23.61
CA LEU B 66 -31.19 -19.25 24.21
C LEU B 66 -31.53 -20.28 23.16
N GLY B 67 -30.55 -21.12 22.83
CA GLY B 67 -30.76 -21.98 21.67
C GLY B 67 -30.76 -23.47 21.98
N VAL B 68 -31.38 -24.23 21.08
CA VAL B 68 -31.38 -25.70 21.11
C VAL B 68 -31.01 -26.13 19.70
N GLN B 69 -29.98 -26.97 19.58
CA GLN B 69 -29.44 -27.37 18.29
C GLN B 69 -29.59 -28.88 18.10
N PHE B 70 -29.99 -29.31 16.91
CA PHE B 70 -30.04 -30.74 16.61
C PHE B 70 -29.70 -31.04 15.15
N ARG B 71 -29.31 -32.29 14.87
CA ARG B 71 -28.89 -32.67 13.53
CA ARG B 71 -28.91 -32.66 13.52
C ARG B 71 -29.98 -33.47 12.80
N ASP B 72 -30.56 -34.44 13.51
CA ASP B 72 -31.40 -35.42 12.86
C ASP B 72 -32.88 -35.27 13.14
N GLU B 73 -33.69 -35.67 12.16
CA GLU B 73 -35.14 -35.66 12.27
C GLU B 73 -35.62 -36.29 13.57
N ASP B 74 -35.01 -37.40 13.99
CA ASP B 74 -35.47 -38.11 15.19
C ASP B 74 -35.20 -37.37 16.49
N GLN B 75 -34.48 -36.24 16.40
CA GLN B 75 -34.22 -35.38 17.56
C GLN B 75 -35.23 -34.26 17.71
N ARG B 76 -36.06 -34.04 16.68
CA ARG B 76 -37.00 -32.93 16.69
C ARG B 76 -37.94 -32.92 17.91
N PRO B 77 -38.55 -34.08 18.26
CA PRO B 77 -39.39 -34.08 19.45
C PRO B 77 -38.63 -33.64 20.71
N ALA B 78 -37.43 -34.19 20.94
CA ALA B 78 -36.65 -33.78 22.13
C ALA B 78 -36.28 -32.29 22.09
N ALA B 79 -35.94 -31.81 20.90
CA ALA B 79 -35.61 -30.39 20.72
C ALA B 79 -36.77 -29.46 21.02
N LEU B 80 -37.97 -29.79 20.50
CA LEU B 80 -39.17 -28.98 20.79
C LEU B 80 -39.50 -28.99 22.26
N GLN B 81 -39.38 -30.17 22.88
CA GLN B 81 -39.61 -30.31 24.33
C GLN B 81 -38.68 -29.38 25.10
N ALA B 82 -37.40 -29.35 24.71
CA ALA B 82 -36.42 -28.49 25.36
C ALA B 82 -36.74 -27.01 25.16
N MET B 83 -37.14 -26.62 23.95
CA MET B 83 -37.54 -25.22 23.68
C MET B 83 -38.72 -24.86 24.56
N ARG B 84 -39.69 -25.77 24.68
CA ARG B 84 -40.87 -25.52 25.50
C ARG B 84 -40.51 -25.36 26.99
N ASP B 85 -39.55 -26.15 27.45
CA ASP B 85 -39.04 -26.02 28.82
C ASP B 85 -38.36 -24.67 29.08
N ILE B 86 -37.59 -24.19 28.09
CA ILE B 86 -36.96 -22.86 28.18
C ILE B 86 -38.02 -21.77 28.31
N VAL B 87 -39.01 -21.82 27.44
CA VAL B 87 -40.11 -20.86 27.45
C VAL B 87 -40.88 -20.88 28.78
N ALA B 88 -41.15 -22.08 29.28
CA ALA B 88 -41.82 -22.25 30.59
C ALA B 88 -41.03 -21.57 31.69
N GLY B 89 -39.71 -21.64 31.60
CA GLY B 89 -38.82 -20.98 32.59
C GLY B 89 -38.97 -19.46 32.57
N PHE B 90 -39.48 -18.92 31.46
CA PHE B 90 -39.69 -17.46 31.34
C PHE B 90 -40.83 -16.94 32.20
N ASP B 91 -41.73 -17.83 32.62
CA ASP B 91 -42.88 -17.45 33.45
C ASP B 91 -42.51 -17.24 34.91
N LEU B 92 -41.29 -17.65 35.28
CA LEU B 92 -40.86 -17.62 36.65
C LEU B 92 -40.50 -16.18 37.04
N PRO B 93 -40.42 -15.89 38.36
CA PRO B 93 -39.98 -14.56 38.77
C PRO B 93 -38.68 -14.12 38.09
N ASP B 94 -38.61 -12.84 37.71
CA ASP B 94 -37.44 -12.26 37.02
C ASP B 94 -37.24 -12.76 35.61
N GLY B 95 -38.22 -13.47 35.06
CA GLY B 95 -38.18 -13.86 33.65
C GLY B 95 -38.21 -12.64 32.74
N PRO B 96 -37.93 -12.83 31.44
CA PRO B 96 -37.86 -11.69 30.51
C PRO B 96 -39.25 -11.09 30.27
N ALA B 97 -39.30 -9.78 30.00
CA ALA B 97 -40.58 -9.09 29.78
C ALA B 97 -41.17 -9.38 28.40
N HIS B 98 -40.34 -9.87 27.48
CA HIS B 98 -40.79 -10.20 26.13
C HIS B 98 -39.90 -11.31 25.60
N HIS B 99 -40.44 -12.16 24.72
CA HIS B 99 -39.64 -13.15 24.00
C HIS B 99 -40.27 -13.51 22.66
N ASP B 100 -39.47 -14.12 21.78
CA ASP B 100 -40.03 -14.73 20.57
C ASP B 100 -39.18 -15.94 20.18
N LEU B 101 -39.72 -16.78 19.32
CA LEU B 101 -39.13 -18.11 19.01
C LEU B 101 -38.82 -18.19 17.54
N THR B 102 -37.66 -18.74 17.20
CA THR B 102 -37.27 -18.85 15.78
C THR B 102 -36.58 -20.17 15.46
N HIS B 103 -36.51 -20.47 14.17
CA HIS B 103 -35.88 -21.69 13.66
C HIS B 103 -34.97 -21.30 12.49
N HIS B 104 -33.84 -21.99 12.37
CA HIS B 104 -33.07 -21.94 11.11
C HIS B 104 -32.21 -23.17 10.97
N ILE B 105 -31.79 -23.45 9.74
CA ILE B 105 -30.80 -24.50 9.48
C ILE B 105 -29.48 -23.82 9.12
N ASP B 106 -28.40 -24.20 9.83
CA ASP B 106 -27.12 -23.53 9.64
C ASP B 106 -26.36 -24.13 8.48
N ASN B 107 -25.17 -23.62 8.17
CA ASN B 107 -24.45 -24.08 6.98
C ASN B 107 -23.78 -25.44 7.13
N GLN B 108 -23.88 -26.02 8.32
CA GLN B 108 -23.49 -27.41 8.55
C GLN B 108 -24.68 -28.37 8.56
N GLY B 109 -25.87 -27.83 8.26
CA GLY B 109 -27.10 -28.60 8.18
C GLY B 109 -27.78 -28.88 9.52
N TYR B 110 -27.32 -28.27 10.60
CA TYR B 110 -27.96 -28.45 11.91
C TYR B 110 -29.14 -27.52 12.03
N GLU B 111 -30.22 -28.01 12.66
CA GLU B 111 -31.39 -27.18 12.96
C GLU B 111 -31.16 -26.49 14.30
N ASN B 112 -31.62 -25.24 14.39
CA ASN B 112 -31.39 -24.45 15.61
C ASN B 112 -32.68 -23.77 15.97
N LEU B 113 -33.21 -24.06 17.15
CA LEU B 113 -34.35 -23.32 17.70
C LEU B 113 -33.82 -22.29 18.66
N ILE B 114 -34.20 -21.02 18.50
CA ILE B 114 -33.67 -19.99 19.39
C ILE B 114 -34.83 -19.22 20.01
N VAL B 115 -34.83 -19.19 21.33
CA VAL B 115 -35.76 -18.39 22.12
C VAL B 115 -34.99 -17.13 22.50
N VAL B 116 -35.44 -15.96 22.05
CA VAL B 116 -34.79 -14.71 22.49
C VAL B 116 -35.63 -14.03 23.57
N GLY B 117 -35.00 -13.70 24.69
CA GLY B 117 -35.67 -12.99 25.77
C GLY B 117 -35.05 -11.62 25.98
N TYR B 118 -35.89 -10.67 26.38
CA TYR B 118 -35.45 -9.30 26.64
C TYR B 118 -35.83 -8.91 28.05
N TRP B 119 -34.82 -8.47 28.80
CA TRP B 119 -34.99 -7.98 30.18
C TRP B 119 -34.71 -6.48 30.24
N LYS B 120 -35.49 -5.76 31.06
CA LYS B 120 -35.34 -4.31 31.21
CA LYS B 120 -35.32 -4.31 31.17
C LYS B 120 -34.22 -3.95 32.18
N ASP B 121 -33.69 -4.95 32.89
CA ASP B 121 -32.72 -4.73 33.97
C ASP B 121 -31.76 -5.91 34.09
N VAL B 122 -30.47 -5.59 34.21
CA VAL B 122 -29.40 -6.59 34.32
C VAL B 122 -29.53 -7.43 35.57
N SER B 123 -29.80 -6.80 36.72
CA SER B 123 -29.85 -7.56 37.97
C SER B 123 -30.99 -8.56 37.95
N SER B 124 -32.07 -8.21 37.26
CA SER B 124 -33.22 -9.11 37.10
C SER B 124 -32.83 -10.37 36.32
N GLN B 125 -32.17 -10.19 35.18
CA GLN B 125 -31.70 -11.33 34.41
C GLN B 125 -30.74 -12.20 35.24
N HIS B 126 -29.85 -11.56 36.01
CA HIS B 126 -28.91 -12.33 36.83
CA HIS B 126 -28.91 -12.28 36.86
C HIS B 126 -29.62 -13.15 37.90
N ARG B 127 -30.61 -12.57 38.58
CA ARG B 127 -31.42 -13.31 39.56
C ARG B 127 -32.15 -14.49 38.91
N TRP B 128 -32.72 -14.27 37.72
CA TRP B 128 -33.40 -15.32 37.00
C TRP B 128 -32.43 -16.47 36.70
N SER B 129 -31.27 -16.12 36.14
CA SER B 129 -30.28 -17.14 35.74
CA SER B 129 -30.27 -17.13 35.74
C SER B 129 -29.74 -17.93 36.94
N THR B 130 -29.64 -17.28 38.08
CA THR B 130 -29.14 -17.95 39.28
C THR B 130 -30.23 -18.67 40.09
N SER B 131 -31.49 -18.40 39.80
CA SER B 131 -32.62 -19.02 40.51
C SER B 131 -32.61 -20.54 40.31
N THR B 132 -32.95 -21.28 41.37
CA THR B 132 -32.82 -22.75 41.34
C THR B 132 -33.46 -23.46 40.13
N PRO B 133 -34.72 -23.11 39.78
CA PRO B 133 -35.31 -23.82 38.64
C PRO B 133 -34.52 -23.64 37.34
N ILE B 134 -33.95 -22.46 37.15
CA ILE B 134 -33.26 -22.13 35.91
C ILE B 134 -31.83 -22.67 35.91
N ALA B 135 -31.08 -22.36 36.96
CA ALA B 135 -29.70 -22.81 37.05
C ALA B 135 -29.65 -24.34 37.08
N SER B 136 -30.56 -24.99 37.80
CA SER B 136 -30.50 -26.47 37.86
C SER B 136 -30.70 -27.10 36.47
N TRP B 137 -31.56 -26.50 35.65
CA TRP B 137 -31.79 -27.00 34.30
C TRP B 137 -30.54 -26.80 33.44
N TRP B 138 -29.97 -25.60 33.46
CA TRP B 138 -28.80 -25.25 32.64
C TRP B 138 -27.55 -26.07 33.00
N GLU B 139 -27.39 -26.34 34.29
CA GLU B 139 -26.21 -27.03 34.83
C GLU B 139 -26.38 -28.56 34.84
N SER B 140 -27.59 -29.03 34.56
CA SER B 140 -27.93 -30.44 34.75
C SER B 140 -27.16 -31.37 33.81
N GLU B 141 -26.86 -32.57 34.30
CA GLU B 141 -26.24 -33.59 33.46
C GLU B 141 -27.18 -34.03 32.35
N ASP B 142 -28.48 -33.78 32.54
CA ASP B 142 -29.50 -34.03 31.52
C ASP B 142 -29.18 -33.32 30.21
N ARG B 143 -28.55 -32.14 30.29
CA ARG B 143 -28.21 -31.40 29.07
C ARG B 143 -27.19 -32.17 28.23
N LEU B 144 -26.35 -32.98 28.89
CA LEU B 144 -25.34 -33.77 28.17
C LEU B 144 -25.90 -35.09 27.63
N SER B 145 -26.82 -35.68 28.38
CA SER B 145 -27.43 -36.94 27.98
C SER B 145 -28.52 -36.74 26.93
N ASP B 146 -29.04 -35.52 26.84
CA ASP B 146 -30.10 -35.18 25.88
C ASP B 146 -29.70 -35.46 24.42
N GLY B 147 -28.41 -35.32 24.11
CA GLY B 147 -27.90 -35.46 22.75
C GLY B 147 -28.13 -34.22 21.87
N LEU B 148 -28.71 -33.20 22.47
CA LEU B 148 -28.99 -31.93 21.79
C LEU B 148 -27.86 -30.97 22.12
N GLY B 149 -27.64 -29.96 21.27
CA GLY B 149 -26.79 -28.83 21.63
C GLY B 149 -27.62 -27.74 22.29
N PHE B 150 -27.01 -26.98 23.21
CA PHE B 150 -27.69 -25.84 23.83
C PHE B 150 -26.71 -24.68 23.83
N PHE B 151 -27.24 -23.47 23.81
CA PHE B 151 -26.38 -22.31 23.97
C PHE B 151 -27.12 -21.14 24.61
N ARG B 152 -26.35 -20.26 25.22
CA ARG B 152 -26.85 -19.00 25.79
C ARG B 152 -25.88 -17.92 25.31
N GLU B 153 -26.39 -17.00 24.51
CA GLU B 153 -25.58 -15.89 24.03
C GLU B 153 -26.29 -14.68 24.62
N ILE B 154 -25.76 -14.19 25.73
CA ILE B 154 -26.48 -13.21 26.56
C ILE B 154 -25.66 -11.93 26.63
N VAL B 155 -26.24 -10.84 26.15
CA VAL B 155 -25.50 -9.57 26.00
C VAL B 155 -26.29 -8.43 26.59
N ALA B 156 -25.59 -7.44 27.15
CA ALA B 156 -26.25 -6.41 27.96
C ALA B 156 -25.75 -5.00 27.64
N PRO B 157 -26.31 -4.38 26.59
CA PRO B 157 -25.90 -3.01 26.28
C PRO B 157 -26.56 -2.01 27.23
N ARG B 158 -25.80 -0.99 27.65
CA ARG B 158 -26.37 0.15 28.37
C ARG B 158 -27.28 0.94 27.42
N ALA B 159 -28.11 1.81 27.98
CA ALA B 159 -29.04 2.63 27.18
C ALA B 159 -28.30 3.39 26.07
N GLU B 160 -27.07 3.84 26.36
CA GLU B 160 -26.29 4.64 25.42
C GLU B 160 -25.67 3.76 24.31
N GLN B 161 -25.77 2.45 24.47
CA GLN B 161 -25.05 1.48 23.61
C GLN B 161 -25.93 0.70 22.62
N PHE B 162 -27.17 1.13 22.41
CA PHE B 162 -27.97 0.51 21.35
C PHE B 162 -28.88 1.52 20.70
N GLU B 163 -29.31 1.20 19.48
CA GLU B 163 -30.22 2.06 18.71
C GLU B 163 -31.28 1.17 18.04
N THR B 164 -32.47 1.72 17.83
CA THR B 164 -33.55 0.99 17.18
C THR B 164 -34.06 1.86 16.04
N LEU B 165 -34.67 1.23 15.04
CA LEU B 165 -35.31 1.95 13.96
C LEU B 165 -36.48 1.12 13.44
N TYR B 166 -37.68 1.69 13.47
CA TYR B 166 -38.87 0.99 13.00
C TYR B 166 -39.53 1.76 11.87
N ALA B 167 -39.95 1.03 10.84
CA ALA B 167 -40.72 1.64 9.75
C ALA B 167 -42.23 1.61 10.00
N PHE B 168 -42.61 1.52 11.28
CA PHE B 168 -43.99 1.44 11.73
C PHE B 168 -44.03 1.88 13.20
N GLN B 169 -45.22 2.07 13.75
CA GLN B 169 -45.37 2.62 15.10
C GLN B 169 -45.95 1.68 16.16
N GLU B 170 -46.72 0.68 15.75
CA GLU B 170 -47.45 -0.15 16.73
C GLU B 170 -46.80 -1.51 16.92
N ASP B 171 -46.95 -2.05 18.14
CA ASP B 171 -46.61 -3.45 18.46
C ASP B 171 -45.16 -3.77 18.13
N LEU B 172 -44.22 -3.05 18.77
CA LEU B 172 -42.80 -3.17 18.44
C LEU B 172 -42.26 -4.54 18.82
N PRO B 173 -41.54 -5.19 17.89
CA PRO B 173 -40.87 -6.44 18.19
C PRO B 173 -39.47 -6.22 18.77
N GLY B 174 -38.83 -7.31 19.18
CA GLY B 174 -37.48 -7.23 19.76
C GLY B 174 -37.42 -6.31 20.98
N VAL B 175 -36.30 -5.61 21.12
CA VAL B 175 -36.05 -4.80 22.32
C VAL B 175 -37.06 -3.68 22.47
N GLY B 176 -37.64 -3.27 21.34
CA GLY B 176 -38.70 -2.23 21.36
C GLY B 176 -39.87 -2.62 22.26
N ALA B 177 -40.14 -3.92 22.34
CA ALA B 177 -41.22 -4.43 23.17
C ALA B 177 -41.06 -4.14 24.67
N VAL B 178 -39.81 -3.96 25.13
CA VAL B 178 -39.56 -3.70 26.57
C VAL B 178 -39.27 -2.23 26.88
N MET B 179 -39.26 -1.40 25.84
CA MET B 179 -39.11 0.03 26.05
C MET B 179 -40.45 0.66 26.43
N ASP B 180 -40.45 1.97 26.73
CA ASP B 180 -41.67 2.64 27.26
C ASP B 180 -42.72 2.89 26.18
N GLY B 181 -42.24 3.18 24.97
CA GLY B 181 -43.11 3.60 23.89
C GLY B 181 -42.30 3.94 22.65
N ILE B 182 -42.92 4.74 21.77
CA ILE B 182 -42.37 5.03 20.44
C ILE B 182 -42.14 6.53 20.36
N SER B 183 -41.12 6.93 19.61
CA SER B 183 -40.84 8.34 19.37
C SER B 183 -41.81 8.91 18.33
N GLY B 184 -41.71 10.22 18.10
CA GLY B 184 -42.24 10.78 16.89
C GLY B 184 -41.28 10.50 15.73
N GLU B 185 -41.58 11.04 14.55
CA GLU B 185 -40.69 10.81 13.40
C GLU B 185 -39.33 11.42 13.68
N ILE B 186 -38.27 10.65 13.46
CA ILE B 186 -36.94 11.10 13.84
C ILE B 186 -36.13 11.65 12.69
N ASN B 187 -35.13 12.45 13.01
CA ASN B 187 -34.26 13.08 12.01
C ASN B 187 -33.07 12.24 11.54
N GLU B 188 -32.47 11.49 12.46
CA GLU B 188 -31.18 10.82 12.17
C GLU B 188 -31.40 9.48 11.48
N HIS B 189 -31.93 9.51 10.26
CA HIS B 189 -32.02 8.31 9.45
C HIS B 189 -32.10 8.68 7.99
N GLY B 190 -31.88 7.69 7.14
CA GLY B 190 -32.03 7.84 5.68
C GLY B 190 -30.71 8.08 4.94
N TYR B 191 -29.58 7.91 5.64
CA TYR B 191 -28.26 8.14 5.03
C TYR B 191 -27.24 7.23 5.71
N TRP B 192 -26.21 6.83 4.99
CA TRP B 192 -25.15 5.99 5.60
C TRP B 192 -24.47 6.78 6.71
N GLY B 193 -24.26 6.15 7.84
CA GLY B 193 -23.71 6.87 8.99
C GLY B 193 -24.80 7.21 9.99
N SER B 194 -26.07 7.17 9.57
CA SER B 194 -27.17 7.46 10.52
C SER B 194 -27.31 6.44 11.65
N MET B 195 -27.09 5.16 11.37
CA MET B 195 -27.13 4.13 12.42
C MET B 195 -26.20 4.53 13.56
N ARG B 196 -24.95 4.83 13.23
CA ARG B 196 -23.96 5.22 14.24
C ARG B 196 -24.45 6.43 15.03
N GLU B 197 -24.98 7.42 14.32
CA GLU B 197 -25.45 8.67 14.94
C GLU B 197 -26.60 8.43 15.92
N ARG B 198 -27.39 7.40 15.67
CA ARG B 198 -28.48 7.01 16.57
C ARG B 198 -28.05 6.39 17.92
N PHE B 199 -26.83 5.85 18.03
CA PHE B 199 -26.29 5.39 19.32
C PHE B 199 -26.00 6.61 20.18
N PRO B 200 -26.63 6.72 21.37
CA PRO B 200 -26.30 7.91 22.18
C PRO B 200 -24.81 8.04 22.49
N ILE B 201 -24.11 6.91 22.67
CA ILE B 201 -22.70 7.00 23.00
C ILE B 201 -21.88 7.59 21.83
N SER B 202 -22.43 7.57 20.61
CA SER B 202 -21.75 8.13 19.42
C SER B 202 -21.53 9.64 19.51
N GLN B 203 -22.26 10.32 20.38
CA GLN B 203 -22.06 11.76 20.58
C GLN B 203 -20.63 12.10 21.02
N THR B 204 -19.96 11.15 21.69
CA THR B 204 -18.60 11.39 22.23
C THR B 204 -17.57 10.28 21.99
N ASP B 205 -18.01 9.10 21.56
CA ASP B 205 -17.16 7.91 21.54
C ASP B 205 -17.22 7.23 20.18
N TRP B 206 -16.06 6.78 19.69
CA TRP B 206 -15.98 6.09 18.39
C TRP B 206 -16.43 4.63 18.39
N MET B 207 -16.71 4.07 19.57
CA MET B 207 -17.14 2.66 19.71
C MET B 207 -16.19 1.69 18.98
N GLN B 208 -14.89 1.90 19.15
CA GLN B 208 -13.91 1.09 18.40
C GLN B 208 -13.73 -0.24 19.13
N ALA B 209 -13.66 -1.32 18.36
CA ALA B 209 -13.40 -2.65 18.91
C ALA B 209 -11.98 -2.73 19.44
N SER B 210 -11.79 -3.48 20.52
CA SER B 210 -10.44 -3.84 20.94
C SER B 210 -10.53 -5.20 21.60
N GLY B 211 -9.42 -5.94 21.58
CA GLY B 211 -9.43 -7.26 22.18
C GLY B 211 -9.88 -8.34 21.22
N GLU B 212 -10.08 -9.53 21.76
CA GLU B 212 -10.29 -10.71 20.93
C GLU B 212 -11.31 -11.60 21.61
N LEU B 213 -12.08 -12.30 20.78
CA LEU B 213 -12.98 -13.36 21.23
C LEU B 213 -12.09 -14.48 21.79
N ARG B 214 -12.29 -14.86 23.05
CA ARG B 214 -11.40 -15.85 23.68
C ARG B 214 -12.14 -16.95 24.43
N VAL B 215 -11.76 -18.19 24.18
CA VAL B 215 -12.30 -19.30 24.98
C VAL B 215 -11.73 -19.24 26.40
N ILE B 216 -12.62 -19.23 27.37
CA ILE B 216 -12.21 -19.18 28.77
C ILE B 216 -12.54 -20.44 29.58
N ALA B 217 -13.30 -21.36 29.00
CA ALA B 217 -13.55 -22.68 29.60
C ALA B 217 -13.83 -23.68 28.49
N GLY B 218 -13.28 -24.90 28.60
CA GLY B 218 -13.55 -25.95 27.62
C GLY B 218 -12.84 -25.78 26.30
N ASP B 219 -13.33 -26.46 25.26
CA ASP B 219 -12.66 -26.54 23.96
C ASP B 219 -13.70 -26.71 22.84
N PRO B 220 -13.88 -25.67 21.99
CA PRO B 220 -14.86 -25.68 20.91
C PRO B 220 -14.79 -26.95 20.04
N ALA B 221 -13.60 -27.51 19.91
CA ALA B 221 -13.39 -28.62 18.97
C ALA B 221 -14.01 -29.95 19.42
N VAL B 222 -14.28 -30.10 20.72
CA VAL B 222 -14.63 -31.42 21.26
C VAL B 222 -16.01 -31.52 21.91
N GLY B 223 -16.85 -30.50 21.70
CA GLY B 223 -18.17 -30.49 22.33
C GLY B 223 -18.06 -30.26 23.83
N GLY B 224 -19.02 -30.78 24.59
CA GLY B 224 -19.09 -30.49 26.02
C GLY B 224 -19.41 -29.03 26.27
N ARG B 225 -19.05 -28.55 27.45
CA ARG B 225 -19.35 -27.17 27.85
C ARG B 225 -18.19 -26.25 27.48
N VAL B 226 -18.54 -25.14 26.84
CA VAL B 226 -17.56 -24.19 26.33
C VAL B 226 -18.07 -22.79 26.67
N VAL B 227 -17.18 -21.95 27.19
CA VAL B 227 -17.50 -20.52 27.48
C VAL B 227 -16.52 -19.64 26.72
N VAL B 228 -17.09 -18.69 25.95
CA VAL B 228 -16.31 -17.70 25.19
C VAL B 228 -16.58 -16.30 25.75
N ARG B 229 -15.49 -15.57 26.01
CA ARG B 229 -15.53 -14.18 26.46
CA ARG B 229 -15.60 -14.17 26.46
C ARG B 229 -15.57 -13.27 25.23
N GLY B 230 -16.46 -12.29 25.22
CA GLY B 230 -16.50 -11.34 24.10
C GLY B 230 -15.43 -10.28 24.28
N HIS B 231 -15.39 -9.31 23.38
CA HIS B 231 -14.45 -8.19 23.55
C HIS B 231 -15.19 -6.88 23.42
N ASP B 232 -14.54 -5.78 23.83
CA ASP B 232 -15.14 -4.44 23.72
C ASP B 232 -15.63 -4.16 22.30
N ASN B 233 -16.87 -3.71 22.24
CA ASN B 233 -17.50 -3.21 21.04
C ASN B 233 -17.67 -4.18 19.89
N ILE B 234 -17.87 -5.45 20.25
CA ILE B 234 -18.60 -6.35 19.38
C ILE B 234 -19.95 -5.68 19.14
N ALA B 235 -20.47 -5.82 17.92
CA ALA B 235 -21.78 -5.26 17.54
C ALA B 235 -22.73 -6.40 17.22
N LEU B 236 -24.01 -6.22 17.54
CA LEU B 236 -25.02 -7.24 17.27
C LEU B 236 -26.15 -6.54 16.55
N ILE B 237 -26.48 -7.03 15.37
CA ILE B 237 -27.67 -6.52 14.65
C ILE B 237 -28.78 -7.57 14.63
N ARG B 238 -29.99 -7.12 14.97
CA ARG B 238 -31.19 -7.87 14.67
C ARG B 238 -31.99 -7.01 13.69
N SER B 239 -32.16 -7.49 12.47
CA SER B 239 -32.87 -6.74 11.43
C SER B 239 -33.99 -7.62 10.90
N GLY B 240 -35.24 -7.16 11.00
CA GLY B 240 -36.39 -8.07 10.85
C GLY B 240 -37.42 -7.67 9.81
N GLN B 241 -38.24 -8.64 9.43
CA GLN B 241 -39.25 -8.54 8.38
C GLN B 241 -40.51 -9.20 8.89
N ASP B 242 -41.65 -8.55 8.69
CA ASP B 242 -42.92 -9.13 9.16
C ASP B 242 -43.96 -8.85 8.09
N TRP B 243 -44.44 -9.92 7.45
CA TRP B 243 -45.41 -9.78 6.35
C TRP B 243 -46.71 -10.53 6.66
N ALA B 244 -46.90 -10.87 7.94
CA ALA B 244 -47.98 -11.77 8.34
C ALA B 244 -49.38 -11.23 7.99
N ASP B 245 -49.58 -9.93 8.22
CA ASP B 245 -50.91 -9.34 8.04
C ASP B 245 -51.00 -8.47 6.79
N ALA B 246 -49.97 -8.54 5.93
CA ALA B 246 -49.92 -7.70 4.75
C ALA B 246 -50.88 -8.21 3.68
N GLU B 247 -51.32 -7.31 2.80
CA GLU B 247 -52.14 -7.68 1.64
C GLU B 247 -51.29 -8.44 0.63
N ALA B 248 -51.95 -9.13 -0.31
CA ALA B 248 -51.27 -10.00 -1.25
C ALA B 248 -50.13 -9.31 -2.00
N ASP B 249 -50.38 -8.08 -2.45
CA ASP B 249 -49.37 -7.34 -3.21
C ASP B 249 -48.11 -7.00 -2.40
N GLU B 250 -48.29 -6.61 -1.15
CA GLU B 250 -47.13 -6.41 -0.27
C GLU B 250 -46.44 -7.72 0.14
N ARG B 251 -47.20 -8.80 0.27
CA ARG B 251 -46.58 -10.10 0.51
C ARG B 251 -45.69 -10.50 -0.69
N SER B 252 -46.14 -10.18 -1.92
CA SER B 252 -45.35 -10.44 -3.12
C SER B 252 -44.10 -9.56 -3.22
N LEU B 253 -44.25 -8.29 -2.85
CA LEU B 253 -43.11 -7.38 -2.80
C LEU B 253 -42.03 -7.97 -1.91
N TYR B 254 -42.43 -8.45 -0.73
CA TYR B 254 -41.44 -9.05 0.15
C TYR B 254 -40.91 -10.40 -0.38
N LEU B 255 -41.82 -11.35 -0.58
CA LEU B 255 -41.41 -12.72 -0.93
C LEU B 255 -40.69 -12.85 -2.28
N ASP B 256 -41.11 -12.05 -3.25
CA ASP B 256 -40.58 -12.15 -4.61
C ASP B 256 -39.52 -11.12 -4.98
N GLU B 257 -39.65 -9.90 -4.46
CA GLU B 257 -38.75 -8.82 -4.85
C GLU B 257 -37.64 -8.55 -3.83
N ILE B 258 -37.91 -8.82 -2.55
CA ILE B 258 -36.90 -8.53 -1.52
C ILE B 258 -36.16 -9.78 -1.05
N LEU B 259 -36.93 -10.79 -0.67
CA LEU B 259 -36.36 -11.99 -0.02
C LEU B 259 -35.27 -12.73 -0.82
N PRO B 260 -35.47 -12.96 -2.13
CA PRO B 260 -34.39 -13.67 -2.84
C PRO B 260 -33.02 -12.95 -2.75
N THR B 261 -33.04 -11.62 -2.82
CA THR B 261 -31.79 -10.84 -2.68
C THR B 261 -31.28 -10.83 -1.24
N LEU B 262 -32.20 -10.63 -0.29
CA LEU B 262 -31.86 -10.72 1.14
C LEU B 262 -31.26 -12.06 1.51
N GLN B 263 -31.85 -13.13 0.97
CA GLN B 263 -31.35 -14.49 1.20
C GLN B 263 -29.93 -14.62 0.69
N SER B 264 -29.68 -14.12 -0.53
CA SER B 264 -28.33 -14.15 -1.09
C SER B 264 -27.32 -13.46 -0.17
N GLY B 265 -27.68 -12.28 0.32
CA GLY B 265 -26.83 -11.53 1.24
C GLY B 265 -26.60 -12.25 2.56
N MET B 266 -27.63 -12.85 3.11
CA MET B 266 -27.49 -13.59 4.37
C MET B 266 -26.60 -14.82 4.17
N ASP B 267 -26.78 -15.51 3.05
CA ASP B 267 -25.93 -16.69 2.73
C ASP B 267 -24.48 -16.24 2.64
N PHE B 268 -24.27 -15.09 1.99
CA PHE B 268 -22.93 -14.52 1.87
C PHE B 268 -22.26 -14.29 3.23
N LEU B 269 -22.96 -13.61 4.14
CA LEU B 269 -22.39 -13.37 5.47
C LEU B 269 -22.18 -14.65 6.27
N ARG B 270 -23.11 -15.60 6.11
CA ARG B 270 -23.04 -16.91 6.77
C ARG B 270 -21.78 -17.69 6.36
N ASP B 271 -21.38 -17.54 5.09
CA ASP B 271 -20.38 -18.43 4.47
C ASP B 271 -19.04 -17.71 4.19
N ASN B 272 -19.03 -16.39 4.41
CA ASN B 272 -17.83 -15.54 4.20
C ASN B 272 -17.53 -14.64 5.40
N GLY B 273 -17.90 -15.10 6.58
CA GLY B 273 -17.87 -14.27 7.79
C GLY B 273 -16.50 -13.69 8.13
N PRO B 274 -15.48 -14.55 8.26
CA PRO B 274 -14.15 -14.10 8.65
C PRO B 274 -13.59 -13.03 7.70
N ALA B 275 -13.90 -13.13 6.41
CA ALA B 275 -13.40 -12.16 5.42
C ALA B 275 -13.97 -10.75 5.62
N VAL B 276 -15.19 -10.66 6.16
CA VAL B 276 -15.82 -9.34 6.31
C VAL B 276 -15.95 -8.86 7.76
N GLY B 277 -15.57 -9.72 8.70
CA GLY B 277 -15.67 -9.40 10.13
C GLY B 277 -16.97 -9.77 10.81
N CYS B 278 -17.71 -10.71 10.22
CA CYS B 278 -18.96 -11.18 10.80
C CYS B 278 -18.72 -12.52 11.51
N TYR B 279 -18.68 -12.49 12.83
CA TYR B 279 -18.46 -13.71 13.65
C TYR B 279 -19.51 -14.79 13.46
N SER B 280 -20.76 -14.38 13.29
CA SER B 280 -21.89 -15.31 13.24
C SER B 280 -23.02 -14.60 12.53
N ASN B 281 -23.58 -15.24 11.50
CA ASN B 281 -24.75 -14.70 10.85
C ASN B 281 -25.84 -15.74 10.81
N ARG B 282 -27.00 -15.39 11.35
CA ARG B 282 -28.13 -16.31 11.32
C ARG B 282 -29.30 -15.61 10.64
N PHE B 283 -29.99 -16.32 9.75
CA PHE B 283 -31.20 -15.77 9.12
C PHE B 283 -32.34 -16.73 9.47
N VAL B 284 -33.20 -16.24 10.36
CA VAL B 284 -34.12 -17.09 11.13
C VAL B 284 -35.57 -16.73 10.84
N ARG B 285 -36.45 -17.72 10.98
CA ARG B 285 -37.89 -17.59 10.70
C ARG B 285 -38.61 -17.79 12.02
N ASN B 286 -39.52 -16.88 12.36
CA ASN B 286 -40.29 -17.10 13.58
C ASN B 286 -41.16 -18.35 13.51
N ILE B 287 -41.30 -18.98 14.66
CA ILE B 287 -42.16 -20.16 14.82
C ILE B 287 -43.07 -19.96 16.03
N ASP B 288 -44.18 -20.70 16.04
CA ASP B 288 -44.95 -20.80 17.28
C ASP B 288 -44.39 -21.87 18.23
N ILE B 289 -45.05 -22.00 19.38
CA ILE B 289 -44.63 -22.93 20.44
C ILE B 289 -44.62 -24.40 19.99
N ASP B 290 -45.27 -24.71 18.88
CA ASP B 290 -45.27 -26.05 18.29
C ASP B 290 -44.26 -26.27 17.17
N GLY B 291 -43.51 -25.22 16.84
CA GLY B 291 -42.45 -25.33 15.83
C GLY B 291 -42.90 -25.01 14.42
N ASN B 292 -44.13 -24.56 14.28
CA ASN B 292 -44.65 -24.24 12.96
C ASN B 292 -44.35 -22.80 12.55
N PHE B 293 -44.03 -22.57 11.27
CA PHE B 293 -43.55 -21.26 10.82
C PHE B 293 -44.61 -20.17 10.88
N LEU B 294 -44.16 -18.98 11.27
CA LEU B 294 -44.96 -17.77 11.18
C LEU B 294 -44.37 -16.85 10.12
N ASP B 295 -45.17 -15.89 9.65
CA ASP B 295 -44.69 -14.99 8.58
C ASP B 295 -43.88 -13.80 9.12
N LEU B 296 -42.84 -14.12 9.92
CA LEU B 296 -41.87 -13.12 10.37
C LEU B 296 -40.50 -13.76 10.33
N SER B 297 -39.49 -12.92 10.14
CA SER B 297 -38.11 -13.39 10.08
C SER B 297 -37.16 -12.30 10.58
N TYR B 298 -35.92 -12.68 10.86
CA TYR B 298 -34.88 -11.70 11.08
C TYR B 298 -33.49 -12.26 10.98
N ASN B 299 -32.53 -11.36 10.76
CA ASN B 299 -31.11 -11.65 10.85
C ASN B 299 -30.71 -11.46 12.31
N ILE B 300 -29.84 -12.34 12.81
CA ILE B 300 -29.10 -12.14 14.04
C ILE B 300 -27.61 -12.17 13.62
N GLY B 301 -26.96 -11.01 13.63
CA GLY B 301 -25.57 -10.89 13.16
C GLY B 301 -24.63 -10.36 14.22
N HIS B 302 -23.61 -11.15 14.56
CA HIS B 302 -22.56 -10.68 15.49
C HIS B 302 -21.31 -10.30 14.69
N TRP B 303 -20.81 -9.10 14.97
CA TRP B 303 -19.77 -8.49 14.15
C TRP B 303 -18.57 -8.09 15.01
N ALA B 304 -17.38 -8.26 14.43
CA ALA B 304 -16.12 -7.94 15.12
C ALA B 304 -16.02 -6.45 15.45
N SER B 305 -16.73 -5.63 14.70
CA SER B 305 -16.82 -4.18 14.99
C SER B 305 -18.04 -3.59 14.31
N LEU B 306 -18.53 -2.49 14.84
CA LEU B 306 -19.60 -1.73 14.18
C LEU B 306 -19.11 -1.21 12.81
N ASP B 307 -17.82 -0.89 12.72
CA ASP B 307 -17.23 -0.37 11.47
C ASP B 307 -17.38 -1.40 10.35
N GLN B 308 -17.16 -2.66 10.67
CA GLN B 308 -17.18 -3.69 9.65
C GLN B 308 -18.62 -3.94 9.16
N LEU B 309 -19.58 -3.82 10.06
CA LEU B 309 -20.98 -3.91 9.71
C LEU B 309 -21.35 -2.74 8.80
N GLU B 310 -20.88 -1.54 9.14
CA GLU B 310 -21.09 -0.36 8.29
C GLU B 310 -20.55 -0.58 6.89
N ARG B 311 -19.30 -1.03 6.79
CA ARG B 311 -18.66 -1.21 5.49
C ARG B 311 -19.43 -2.19 4.60
N TRP B 312 -19.88 -3.30 5.18
CA TRP B 312 -20.63 -4.30 4.42
C TRP B 312 -21.97 -3.74 3.93
N SER B 313 -22.72 -3.14 4.84
CA SER B 313 -24.05 -2.65 4.50
C SER B 313 -24.03 -1.61 3.38
N GLU B 314 -22.99 -0.78 3.33
CA GLU B 314 -22.98 0.33 2.36
C GLU B 314 -22.30 -0.04 1.02
N SER B 315 -21.85 -1.29 0.91
CA SER B 315 -21.09 -1.73 -0.27
C SER B 315 -21.54 -3.03 -0.93
N HIS B 316 -22.11 -3.95 -0.17
CA HIS B 316 -22.43 -5.24 -0.78
C HIS B 316 -23.66 -5.09 -1.68
N PRO B 317 -23.61 -5.65 -2.91
CA PRO B 317 -24.73 -5.46 -3.85
C PRO B 317 -26.10 -5.92 -3.29
N THR B 318 -26.10 -6.97 -2.47
CA THR B 318 -27.35 -7.50 -1.95
C THR B 318 -28.05 -6.47 -1.05
N HIS B 319 -27.34 -5.96 -0.03
CA HIS B 319 -27.95 -4.92 0.81
C HIS B 319 -28.27 -3.65 0.04
N LEU B 320 -27.40 -3.26 -0.90
CA LEU B 320 -27.68 -2.04 -1.68
C LEU B 320 -28.95 -2.18 -2.51
N ARG B 321 -29.17 -3.34 -3.11
CA ARG B 321 -30.39 -3.56 -3.86
C ARG B 321 -31.64 -3.42 -2.99
N ILE B 322 -31.66 -4.08 -1.84
CA ILE B 322 -32.87 -4.05 -1.01
C ILE B 322 -33.08 -2.68 -0.33
N PHE B 323 -31.99 -2.01 -0.01
CA PHE B 323 -31.97 -0.63 0.51
C PHE B 323 -32.74 0.27 -0.46
N THR B 324 -32.37 0.14 -1.71
CA THR B 324 -32.94 0.95 -2.78
C THR B 324 -34.44 0.62 -3.08
N THR B 325 -34.79 -0.65 -2.98
CA THR B 325 -36.18 -1.10 -3.07
C THR B 325 -37.01 -0.43 -1.99
N PHE B 326 -36.47 -0.40 -0.77
CA PHE B 326 -37.20 0.26 0.31
C PHE B 326 -37.47 1.74 0.02
N PHE B 327 -36.44 2.48 -0.42
CA PHE B 327 -36.66 3.90 -0.81
C PHE B 327 -37.79 4.03 -1.84
N ARG B 328 -37.87 3.10 -2.79
CA ARG B 328 -38.90 3.14 -3.82
C ARG B 328 -40.33 2.88 -3.31
N VAL B 329 -40.49 1.93 -2.40
CA VAL B 329 -41.82 1.52 -1.96
C VAL B 329 -42.26 2.24 -0.71
N ALA B 330 -41.33 2.97 -0.10
CA ALA B 330 -41.54 3.66 1.16
C ALA B 330 -42.85 4.49 1.17
N ALA B 331 -43.11 5.25 0.12
CA ALA B 331 -44.33 6.09 0.04
C ALA B 331 -45.64 5.28 0.17
N GLY B 332 -45.72 4.14 -0.53
CA GLY B 332 -46.93 3.34 -0.52
C GLY B 332 -47.05 2.23 0.51
N LEU B 333 -46.03 2.03 1.35
CA LEU B 333 -46.03 0.89 2.28
C LEU B 333 -47.16 0.99 3.29
N SER B 334 -47.92 -0.08 3.45
CA SER B 334 -49.06 -0.03 4.37
C SER B 334 -49.00 -1.03 5.54
N LYS B 335 -48.68 -2.30 5.26
CA LYS B 335 -48.68 -3.32 6.32
C LYS B 335 -47.38 -4.14 6.44
N LEU B 336 -46.51 -4.09 5.42
CA LEU B 336 -45.20 -4.73 5.52
C LEU B 336 -44.36 -4.00 6.56
N ARG B 337 -43.83 -4.76 7.53
CA ARG B 337 -43.19 -4.20 8.70
C ARG B 337 -41.70 -4.56 8.68
N LEU B 338 -40.84 -3.54 8.66
CA LEU B 338 -39.37 -3.69 8.63
C LEU B 338 -38.76 -2.85 9.73
N TYR B 339 -37.70 -3.36 10.37
CA TYR B 339 -37.12 -2.67 11.53
C TYR B 339 -35.74 -3.24 11.80
N HIS B 340 -34.96 -2.52 12.60
CA HIS B 340 -33.78 -3.14 13.16
C HIS B 340 -33.43 -2.64 14.54
N GLU B 341 -32.59 -3.39 15.22
CA GLU B 341 -31.98 -2.94 16.49
C GLU B 341 -30.52 -3.31 16.35
N VAL B 342 -29.64 -2.39 16.76
CA VAL B 342 -28.20 -2.67 16.73
C VAL B 342 -27.61 -2.24 18.07
N SER B 343 -26.67 -3.04 18.60
CA SER B 343 -26.10 -2.80 19.93
C SER B 343 -24.60 -3.03 19.92
N VAL B 344 -23.88 -2.37 20.83
CA VAL B 344 -22.48 -2.71 21.11
C VAL B 344 -22.36 -2.96 22.61
N PHE B 345 -21.31 -3.67 23.03
CA PHE B 345 -21.17 -4.06 24.46
C PHE B 345 -19.73 -4.06 24.91
N ASP B 346 -19.54 -3.71 26.18
CA ASP B 346 -18.26 -3.95 26.86
C ASP B 346 -18.00 -5.46 26.93
N ALA B 347 -16.72 -5.82 27.04
CA ALA B 347 -16.34 -7.23 27.21
C ALA B 347 -17.12 -7.91 28.34
N ALA B 348 -17.22 -7.25 29.49
CA ALA B 348 -17.82 -7.86 30.69
C ALA B 348 -19.33 -8.10 30.55
N ASP B 349 -19.95 -7.40 29.59
CA ASP B 349 -21.41 -7.46 29.37
C ASP B 349 -21.84 -8.45 28.28
N GLN B 350 -21.03 -9.49 28.06
CA GLN B 350 -21.28 -10.53 27.07
C GLN B 350 -20.89 -11.88 27.62
N LEU B 351 -21.77 -12.85 27.48
CA LEU B 351 -21.54 -14.24 27.91
C LEU B 351 -21.96 -15.15 26.78
N TYR B 352 -21.06 -15.98 26.26
CA TYR B 352 -21.43 -16.90 25.19
C TYR B 352 -21.11 -18.31 25.65
N GLU B 353 -22.14 -19.09 25.98
CA GLU B 353 -21.94 -20.43 26.54
C GLU B 353 -22.55 -21.48 25.64
N TYR B 354 -21.85 -22.60 25.47
CA TYR B 354 -22.28 -23.65 24.55
C TYR B 354 -22.23 -25.00 25.26
N ILE B 355 -23.19 -25.87 24.97
CA ILE B 355 -23.15 -27.27 25.44
C ILE B 355 -23.37 -28.21 24.24
N ASN B 356 -22.37 -29.02 23.92
CA ASN B 356 -22.48 -30.00 22.82
C ASN B 356 -22.97 -29.40 21.51
N CYS B 357 -22.44 -28.23 21.15
CA CYS B 357 -22.74 -27.60 19.86
C CYS B 357 -21.63 -27.92 18.91
N HIS B 358 -21.90 -27.91 17.60
CA HIS B 358 -20.80 -28.17 16.67
C HIS B 358 -19.87 -26.94 16.65
N PRO B 359 -18.59 -27.13 16.27
CA PRO B 359 -17.57 -26.08 16.43
C PRO B 359 -17.81 -24.81 15.60
N GLY B 360 -18.78 -24.84 14.69
CA GLY B 360 -19.08 -23.66 13.90
C GLY B 360 -20.19 -22.80 14.49
N THR B 361 -20.70 -23.21 15.64
CA THR B 361 -21.89 -22.56 16.20
C THR B 361 -21.56 -21.20 16.78
N GLY B 362 -22.25 -20.17 16.32
CA GLY B 362 -22.14 -18.87 16.98
C GLY B 362 -20.70 -18.41 17.17
N MET B 363 -20.36 -18.03 18.40
CA MET B 363 -19.04 -17.46 18.69
C MET B 363 -17.96 -18.53 18.87
N LEU B 364 -18.33 -19.81 18.78
CA LEU B 364 -17.33 -20.88 18.82
C LEU B 364 -16.40 -20.82 17.60
N ARG B 365 -16.93 -20.39 16.45
CA ARG B 365 -16.17 -20.54 15.21
C ARG B 365 -14.88 -19.71 15.22
N ASP B 366 -14.97 -18.45 15.62
CA ASP B 366 -13.83 -17.53 15.48
C ASP B 366 -13.05 -17.30 16.79
N ALA B 367 -13.50 -17.94 17.87
CA ALA B 367 -12.89 -17.75 19.21
C ALA B 367 -11.47 -18.26 19.24
N VAL B 368 -10.60 -17.49 19.90
CA VAL B 368 -9.20 -17.88 20.10
C VAL B 368 -9.14 -18.91 21.21
N THR B 369 -8.58 -20.07 20.89
CA THR B 369 -8.61 -21.21 21.80
C THR B 369 -7.88 -20.89 23.09
N ILE B 370 -8.19 -21.67 24.13
CA ILE B 370 -7.77 -21.37 25.50
C ILE B 370 -6.25 -21.10 25.65
N ALA B 371 -5.45 -21.66 24.74
CA ALA B 371 -4.02 -21.36 24.66
C ALA B 371 -3.61 -20.97 23.22
N GLU B 372 -4.26 -19.92 22.69
CA GLU B 372 -4.14 -19.49 21.28
C GLU B 372 -4.14 -20.66 20.29
N MET C 21 1.53 -8.55 -5.44
CA MET C 21 1.89 -7.23 -6.05
C MET C 21 2.19 -7.40 -7.52
N GLU C 22 2.15 -6.29 -8.26
CA GLU C 22 2.54 -6.30 -9.67
C GLU C 22 4.02 -6.61 -9.86
N SER C 23 4.34 -7.27 -10.96
CA SER C 23 5.70 -7.54 -11.37
C SER C 23 6.20 -6.45 -12.29
N ALA C 24 7.51 -6.17 -12.21
CA ALA C 24 8.16 -5.24 -13.13
C ALA C 24 8.14 -5.78 -14.56
N ILE C 25 8.03 -7.09 -14.70
CA ILE C 25 8.06 -7.72 -16.01
C ILE C 25 6.65 -7.69 -16.61
N GLY C 26 6.53 -7.08 -17.79
CA GLY C 26 5.24 -6.99 -18.50
C GLY C 26 4.64 -8.37 -18.74
N GLU C 27 3.31 -8.44 -18.65
CA GLU C 27 2.59 -9.71 -18.75
C GLU C 27 3.00 -10.57 -19.98
N HIS C 28 3.09 -9.95 -21.15
CA HIS C 28 3.43 -10.66 -22.38
C HIS C 28 4.87 -11.15 -22.47
N LEU C 29 5.71 -10.67 -21.54
CA LEU C 29 7.13 -11.04 -21.49
C LEU C 29 7.46 -12.05 -20.39
N GLN C 30 6.45 -12.45 -19.62
CA GLN C 30 6.61 -13.46 -18.59
C GLN C 30 6.67 -14.85 -19.22
N CYS C 31 7.60 -15.67 -18.75
CA CYS C 31 7.78 -17.01 -19.29
C CYS C 31 8.22 -17.98 -18.19
N PRO C 32 8.23 -19.30 -18.49
CA PRO C 32 8.77 -20.26 -17.54
C PRO C 32 10.21 -19.90 -17.17
N ARG C 33 10.47 -19.76 -15.88
CA ARG C 33 11.81 -19.41 -15.36
C ARG C 33 12.76 -20.58 -15.30
N THR C 34 13.98 -20.35 -15.75
CA THR C 34 15.08 -21.27 -15.54
C THR C 34 16.09 -20.64 -14.59
N LEU C 35 15.98 -19.32 -14.41
CA LEU C 35 16.77 -18.61 -13.42
C LEU C 35 15.85 -17.98 -12.38
N THR C 36 16.16 -18.17 -11.10
CA THR C 36 15.29 -17.70 -10.03
C THR C 36 15.76 -16.36 -9.44
N ARG C 37 14.88 -15.68 -8.73
CA ARG C 37 15.19 -14.43 -8.05
C ARG C 37 16.05 -14.69 -6.81
N ARG C 38 16.53 -13.64 -6.16
CA ARG C 38 17.33 -13.80 -4.94
C ARG C 38 16.49 -13.59 -3.67
N VAL C 39 15.22 -13.28 -3.85
CA VAL C 39 14.24 -13.16 -2.74
C VAL C 39 13.04 -14.09 -3.01
N PRO C 40 12.37 -14.60 -1.94
CA PRO C 40 11.19 -15.43 -2.14
C PRO C 40 10.01 -14.63 -2.70
N ASP C 41 8.97 -15.32 -3.17
CA ASP C 41 7.79 -14.67 -3.74
C ASP C 41 7.01 -13.85 -2.70
N THR C 42 7.28 -14.10 -1.42
CA THR C 42 6.62 -13.39 -0.34
C THR C 42 7.28 -12.06 -0.03
N TYR C 43 8.42 -11.78 -0.66
CA TYR C 43 9.12 -10.51 -0.46
C TYR C 43 8.20 -9.32 -0.69
N THR C 44 8.27 -8.33 0.18
CA THR C 44 7.53 -7.08 0.02
C THR C 44 8.48 -5.88 0.19
N PRO C 45 8.53 -4.97 -0.82
CA PRO C 45 9.49 -3.86 -0.71
C PRO C 45 9.06 -2.86 0.36
N PRO C 46 10.03 -2.15 0.98
CA PRO C 46 9.75 -1.24 2.10
C PRO C 46 9.26 0.15 1.69
N PHE C 47 9.34 0.46 0.39
CA PHE C 47 8.83 1.73 -0.14
C PHE C 47 8.37 1.52 -1.59
N PRO C 48 7.45 2.36 -2.09
CA PRO C 48 6.94 2.12 -3.44
C PRO C 48 7.82 2.61 -4.59
N MET C 49 7.89 1.83 -5.67
CA MET C 49 8.48 2.29 -6.93
C MET C 49 7.61 1.77 -8.07
N TRP C 50 7.79 2.35 -9.25
CA TRP C 50 6.95 2.07 -10.42
C TRP C 50 7.84 1.79 -11.62
N VAL C 51 7.30 1.18 -12.67
CA VAL C 51 8.05 0.94 -13.90
C VAL C 51 7.22 1.32 -15.12
N GLY C 52 7.88 1.48 -16.26
CA GLY C 52 7.15 1.69 -17.51
C GLY C 52 6.55 0.40 -18.02
N ARG C 53 5.38 0.54 -18.65
CA ARG C 53 4.61 -0.56 -19.22
C ARG C 53 4.46 -0.34 -20.72
N ALA C 54 4.55 -1.41 -21.49
CA ALA C 54 4.23 -1.38 -22.92
C ALA C 54 3.73 -2.75 -23.34
N ASP C 55 2.82 -2.78 -24.32
CA ASP C 55 2.29 -4.06 -24.80
C ASP C 55 3.20 -4.67 -25.87
N ASP C 56 2.71 -5.71 -26.54
CA ASP C 56 3.58 -6.49 -27.44
C ASP C 56 3.92 -5.77 -28.74
N ALA C 57 3.36 -4.58 -28.96
CA ALA C 57 3.73 -3.75 -30.11
C ALA C 57 5.14 -3.15 -29.97
N LEU C 58 5.63 -3.02 -28.73
CA LEU C 58 6.97 -2.51 -28.49
C LEU C 58 7.89 -3.72 -28.41
N GLN C 59 8.58 -3.99 -29.51
CA GLN C 59 9.43 -5.17 -29.63
CA GLN C 59 9.44 -5.16 -29.65
C GLN C 59 10.91 -4.84 -29.41
N GLN C 60 11.35 -3.69 -29.88
CA GLN C 60 12.75 -3.28 -29.76
C GLN C 60 12.82 -1.79 -29.97
N VAL C 61 13.43 -1.08 -29.02
CA VAL C 61 13.54 0.38 -29.11
C VAL C 61 14.89 0.77 -29.67
N VAL C 62 15.01 2.02 -30.12
CA VAL C 62 16.31 2.59 -30.49
C VAL C 62 16.56 3.84 -29.64
N MET C 63 17.72 3.86 -29.00
CA MET C 63 18.16 5.02 -28.23
C MET C 63 19.33 5.63 -28.97
N GLY C 64 19.12 6.82 -29.55
CA GLY C 64 20.16 7.45 -30.37
C GLY C 64 20.68 8.73 -29.75
N TYR C 65 21.92 8.67 -29.25
CA TYR C 65 22.58 9.83 -28.66
C TYR C 65 23.42 10.51 -29.74
N LEU C 66 23.06 11.74 -30.08
CA LEU C 66 23.69 12.49 -31.17
C LEU C 66 24.37 13.72 -30.62
N GLY C 67 25.69 13.77 -30.75
CA GLY C 67 26.48 14.80 -30.07
C GLY C 67 27.21 15.79 -30.96
N VAL C 68 27.40 17.00 -30.40
CA VAL C 68 28.24 18.05 -30.98
C VAL C 68 29.24 18.42 -29.89
N GLN C 69 30.52 18.49 -30.25
CA GLN C 69 31.61 18.74 -29.30
C GLN C 69 32.42 19.97 -29.73
N PHE C 70 32.82 20.80 -28.76
CA PHE C 70 33.65 21.98 -29.05
C PHE C 70 34.49 22.38 -27.85
N ARG C 71 35.58 23.11 -28.09
CA ARG C 71 36.50 23.46 -27.01
C ARG C 71 36.44 24.94 -26.64
N ASP C 72 36.34 25.82 -27.64
CA ASP C 72 36.46 27.25 -27.43
C ASP C 72 35.14 28.00 -27.55
N GLU C 73 34.99 29.06 -26.76
CA GLU C 73 33.80 29.92 -26.78
C GLU C 73 33.41 30.43 -28.16
N ASP C 74 34.40 30.68 -29.01
CA ASP C 74 34.16 31.16 -30.38
C ASP C 74 33.36 30.15 -31.23
N GLN C 75 33.28 28.91 -30.74
CA GLN C 75 32.60 27.82 -31.45
C GLN C 75 31.14 27.63 -31.05
N ARG C 76 30.76 28.19 -29.90
CA ARG C 76 29.42 28.00 -29.33
C ARG C 76 28.26 28.28 -30.30
N PRO C 77 28.27 29.46 -30.97
CA PRO C 77 27.20 29.74 -31.94
C PRO C 77 27.05 28.66 -33.01
N ALA C 78 28.17 28.14 -33.53
CA ALA C 78 28.14 27.10 -34.57
C ALA C 78 27.65 25.78 -34.00
N ALA C 79 28.14 25.46 -32.80
CA ALA C 79 27.74 24.25 -32.10
C ALA C 79 26.23 24.24 -31.81
N LEU C 80 25.72 25.36 -31.30
CA LEU C 80 24.31 25.53 -31.00
C LEU C 80 23.44 25.42 -32.25
N GLN C 81 23.94 25.98 -33.36
CA GLN C 81 23.23 25.87 -34.63
C GLN C 81 23.18 24.43 -35.12
N ALA C 82 24.29 23.71 -35.00
CA ALA C 82 24.36 22.30 -35.40
C ALA C 82 23.38 21.45 -34.58
N MET C 83 23.31 21.73 -33.28
CA MET C 83 22.33 21.11 -32.39
C MET C 83 20.92 21.37 -32.92
N ARG C 84 20.60 22.63 -33.21
CA ARG C 84 19.31 22.99 -33.78
C ARG C 84 19.03 22.27 -35.10
N ASP C 85 20.07 22.10 -35.92
CA ASP C 85 19.97 21.35 -37.18
C ASP C 85 19.58 19.90 -36.95
N ILE C 86 20.18 19.27 -35.94
CA ILE C 86 19.87 17.89 -35.58
C ILE C 86 18.41 17.78 -35.14
N VAL C 87 18.00 18.66 -34.24
CA VAL C 87 16.60 18.71 -33.77
C VAL C 87 15.61 18.90 -34.94
N ALA C 88 15.99 19.72 -35.92
CA ALA C 88 15.15 19.90 -37.12
C ALA C 88 15.05 18.61 -37.95
N GLY C 89 16.11 17.80 -37.93
CA GLY C 89 16.11 16.51 -38.63
C GLY C 89 15.18 15.51 -37.98
N PHE C 90 14.88 15.74 -36.71
CA PHE C 90 13.93 14.94 -35.94
C PHE C 90 12.48 15.22 -36.34
N ASP C 91 12.22 16.39 -36.92
CA ASP C 91 10.87 16.78 -37.38
C ASP C 91 10.47 16.09 -38.68
N LEU C 92 11.44 15.42 -39.31
CA LEU C 92 11.20 14.68 -40.55
C LEU C 92 10.34 13.44 -40.31
N PRO C 93 9.63 12.95 -41.36
CA PRO C 93 9.00 11.64 -41.22
C PRO C 93 10.01 10.60 -40.69
N ASP C 94 9.55 9.71 -39.83
CA ASP C 94 10.39 8.67 -39.22
C ASP C 94 11.39 9.21 -38.19
N GLY C 95 11.26 10.48 -37.81
CA GLY C 95 11.99 11.00 -36.66
C GLY C 95 11.54 10.33 -35.38
N PRO C 96 12.28 10.56 -34.29
CA PRO C 96 12.02 9.86 -33.01
C PRO C 96 10.71 10.28 -32.37
N ALA C 97 10.13 9.39 -31.57
CA ALA C 97 8.90 9.66 -30.85
C ALA C 97 9.11 10.66 -29.73
N HIS C 98 10.34 10.71 -29.21
CA HIS C 98 10.68 11.58 -28.10
C HIS C 98 12.16 11.92 -28.19
N HIS C 99 12.50 13.13 -27.73
CA HIS C 99 13.89 13.55 -27.60
C HIS C 99 14.10 14.49 -26.43
N ASP C 100 15.34 14.59 -25.97
CA ASP C 100 15.76 15.66 -25.06
C ASP C 100 17.20 16.12 -25.31
N LEU C 101 17.53 17.32 -24.82
CA LEU C 101 18.82 17.94 -25.13
C LEU C 101 19.58 18.21 -23.86
N THR C 102 20.89 17.96 -23.90
CA THR C 102 21.76 18.17 -22.72
C THR C 102 23.11 18.81 -23.04
N HIS C 103 23.75 19.34 -22.00
CA HIS C 103 25.06 19.96 -22.07
C HIS C 103 25.95 19.44 -20.93
N HIS C 104 27.22 19.20 -21.22
CA HIS C 104 28.22 19.02 -20.16
C HIS C 104 29.63 19.35 -20.65
N ILE C 105 30.53 19.51 -19.69
CA ILE C 105 31.93 19.72 -19.99
C ILE C 105 32.68 18.48 -19.47
N ASP C 106 33.42 17.81 -20.35
CA ASP C 106 34.10 16.56 -19.98
C ASP C 106 35.43 16.83 -19.26
N ASN C 107 36.13 15.76 -18.91
CA ASN C 107 37.35 15.93 -18.11
C ASN C 107 38.54 16.43 -18.93
N GLN C 108 38.32 16.65 -20.23
CA GLN C 108 39.35 17.27 -21.08
C GLN C 108 39.01 18.74 -21.38
N GLY C 109 37.94 19.25 -20.78
CA GLY C 109 37.56 20.66 -20.93
C GLY C 109 36.75 20.98 -22.16
N TYR C 110 36.31 19.93 -22.87
CA TYR C 110 35.47 20.10 -24.07
C TYR C 110 34.01 20.16 -23.67
N GLU C 111 33.28 21.07 -24.30
CA GLU C 111 31.84 21.17 -24.11
C GLU C 111 31.17 20.21 -25.08
N ASN C 112 30.10 19.57 -24.61
CA ASN C 112 29.37 18.58 -25.40
C ASN C 112 27.87 18.83 -25.33
N LEU C 113 27.25 19.03 -26.49
CA LEU C 113 25.80 19.10 -26.59
C LEU C 113 25.32 17.77 -27.13
N ILE C 114 24.37 17.15 -26.44
CA ILE C 114 23.89 15.82 -26.86
C ILE C 114 22.37 15.82 -26.98
N VAL C 115 21.88 15.48 -28.16
CA VAL C 115 20.47 15.25 -28.39
C VAL C 115 20.26 13.74 -28.36
N VAL C 116 19.36 13.26 -27.48
CA VAL C 116 19.02 11.84 -27.48
C VAL C 116 17.62 11.67 -28.06
N GLY C 117 17.48 10.77 -29.02
CA GLY C 117 16.17 10.44 -29.56
C GLY C 117 15.80 9.00 -29.24
N TYR C 118 14.50 8.76 -29.05
CA TYR C 118 13.98 7.43 -28.77
C TYR C 118 12.97 7.05 -29.84
N TRP C 119 13.19 5.91 -30.49
CA TRP C 119 12.28 5.33 -31.48
C TRP C 119 11.66 4.08 -30.90
N LYS C 120 10.40 3.81 -31.26
CA LYS C 120 9.67 2.64 -30.76
C LYS C 120 9.94 1.37 -31.56
N ASP C 121 10.68 1.51 -32.65
CA ASP C 121 11.00 0.36 -33.50
C ASP C 121 12.28 0.62 -34.27
N VAL C 122 12.99 -0.46 -34.59
CA VAL C 122 14.27 -0.38 -35.28
C VAL C 122 14.11 0.12 -36.71
N SER C 123 13.10 -0.40 -37.39
CA SER C 123 12.89 -0.10 -38.79
C SER C 123 12.77 1.40 -39.07
N SER C 124 12.02 2.13 -38.25
CA SER C 124 11.83 3.54 -38.49
C SER C 124 13.13 4.34 -38.32
N GLN C 125 13.92 4.01 -37.29
CA GLN C 125 15.21 4.70 -37.11
C GLN C 125 16.12 4.47 -38.30
N HIS C 126 16.09 3.26 -38.84
CA HIS C 126 16.86 2.94 -40.04
C HIS C 126 16.39 3.76 -41.25
N ARG C 127 15.07 3.84 -41.46
CA ARG C 127 14.53 4.67 -42.54
C ARG C 127 14.96 6.14 -42.40
N TRP C 128 14.94 6.63 -41.16
CA TRP C 128 15.31 8.00 -40.86
C TRP C 128 16.81 8.20 -41.15
N SER C 129 17.64 7.27 -40.66
CA SER C 129 19.10 7.35 -40.77
C SER C 129 19.59 7.32 -42.20
N THR C 130 18.87 6.57 -43.03
CA THR C 130 19.27 6.36 -44.42
C THR C 130 18.56 7.33 -45.36
N SER C 131 17.63 8.12 -44.82
CA SER C 131 16.98 9.17 -45.62
C SER C 131 18.03 10.21 -46.00
N THR C 132 18.07 10.58 -47.28
CA THR C 132 19.14 11.45 -47.80
C THR C 132 19.38 12.75 -47.00
N PRO C 133 18.31 13.40 -46.49
CA PRO C 133 18.54 14.56 -45.62
C PRO C 133 19.42 14.29 -44.39
N ILE C 134 19.31 13.09 -43.82
CA ILE C 134 20.10 12.74 -42.63
C ILE C 134 21.46 12.17 -43.01
N ALA C 135 21.45 11.17 -43.89
CA ALA C 135 22.66 10.47 -44.32
C ALA C 135 23.72 11.38 -44.95
N SER C 136 23.27 12.29 -45.83
CA SER C 136 24.22 13.16 -46.54
C SER C 136 24.85 14.24 -45.67
N TRP C 137 24.15 14.62 -44.60
CA TRP C 137 24.73 15.51 -43.59
C TRP C 137 25.82 14.78 -42.81
N TRP C 138 25.54 13.53 -42.46
CA TRP C 138 26.48 12.72 -41.68
C TRP C 138 27.71 12.27 -42.47
N GLU C 139 27.52 12.08 -43.78
CA GLU C 139 28.60 11.61 -44.64
C GLU C 139 29.35 12.75 -45.35
N SER C 140 28.87 13.98 -45.15
CA SER C 140 29.45 15.17 -45.77
C SER C 140 30.87 15.46 -45.29
N GLU C 141 31.71 15.95 -46.21
CA GLU C 141 33.07 16.40 -45.87
C GLU C 141 33.03 17.64 -44.95
N ASP C 142 31.88 18.33 -44.96
CA ASP C 142 31.67 19.52 -44.14
C ASP C 142 31.78 19.25 -42.64
N ARG C 143 31.52 18.01 -42.26
CA ARG C 143 31.68 17.55 -40.87
C ARG C 143 33.14 17.60 -40.42
N LEU C 144 34.06 17.31 -41.36
CA LEU C 144 35.50 17.32 -41.09
C LEU C 144 36.09 18.74 -41.06
N SER C 145 35.50 19.64 -41.83
CA SER C 145 36.00 21.02 -41.92
C SER C 145 35.36 21.97 -40.91
N ASP C 146 34.26 21.55 -40.28
CA ASP C 146 33.55 22.38 -39.30
C ASP C 146 34.39 22.81 -38.10
N GLY C 147 35.36 21.97 -37.70
CA GLY C 147 36.17 22.23 -36.50
C GLY C 147 35.45 21.74 -35.25
N LEU C 148 34.14 21.53 -35.38
CA LEU C 148 33.32 20.92 -34.35
C LEU C 148 33.56 19.40 -34.36
N GLY C 149 33.38 18.77 -33.21
CA GLY C 149 33.33 17.30 -33.17
C GLY C 149 31.87 16.87 -33.27
N PHE C 150 31.63 15.72 -33.89
CA PHE C 150 30.29 15.14 -33.96
C PHE C 150 30.36 13.67 -33.60
N PHE C 151 29.30 13.16 -32.96
CA PHE C 151 29.22 11.72 -32.69
C PHE C 151 27.80 11.17 -32.70
N ARG C 152 27.69 9.88 -32.98
CA ARG C 152 26.44 9.14 -32.88
C ARG C 152 26.71 7.85 -32.13
N GLU C 153 25.99 7.65 -31.03
CA GLU C 153 26.06 6.43 -30.24
C GLU C 153 24.63 5.88 -30.19
N ILE C 154 24.37 4.87 -31.02
CA ILE C 154 23.01 4.41 -31.28
C ILE C 154 22.89 2.93 -30.92
N VAL C 155 22.04 2.64 -29.94
CA VAL C 155 21.88 1.31 -29.37
C VAL C 155 20.41 0.88 -29.39
N ALA C 156 20.15 -0.42 -29.54
CA ALA C 156 18.79 -0.91 -29.76
C ALA C 156 18.44 -2.16 -28.96
N PRO C 157 18.05 -1.99 -27.68
CA PRO C 157 17.66 -3.15 -26.88
C PRO C 157 16.25 -3.64 -27.23
N ARG C 158 16.07 -4.95 -27.26
CA ARG C 158 14.74 -5.54 -27.35
C ARG C 158 13.98 -5.26 -26.04
N ALA C 159 12.65 -5.44 -26.05
CA ALA C 159 11.86 -5.21 -24.85
C ALA C 159 12.31 -6.05 -23.64
N GLU C 160 12.83 -7.25 -23.90
CA GLU C 160 13.30 -8.13 -22.84
C GLU C 160 14.67 -7.71 -22.28
N GLN C 161 15.32 -6.76 -22.96
CA GLN C 161 16.69 -6.36 -22.67
C GLN C 161 16.84 -5.00 -22.00
N PHE C 162 15.73 -4.43 -21.51
CA PHE C 162 15.88 -3.22 -20.70
C PHE C 162 14.90 -3.20 -19.52
N GLU C 163 15.23 -2.40 -18.50
CA GLU C 163 14.35 -2.23 -17.36
C GLU C 163 14.29 -0.76 -17.01
N THR C 164 13.20 -0.34 -16.36
CA THR C 164 13.04 1.03 -15.88
C THR C 164 12.64 1.00 -14.39
N LEU C 165 12.91 2.09 -13.69
CA LEU C 165 12.51 2.24 -12.30
C LEU C 165 12.29 3.73 -12.05
N TYR C 166 11.09 4.09 -11.62
CA TYR C 166 10.69 5.49 -11.43
C TYR C 166 10.18 5.65 -10.03
N ALA C 167 10.63 6.72 -9.36
CA ALA C 167 10.07 7.11 -8.06
C ALA C 167 8.92 8.12 -8.19
N PHE C 168 8.12 7.95 -9.25
CA PHE C 168 7.02 8.84 -9.59
C PHE C 168 6.23 8.17 -10.71
N GLN C 169 5.12 8.78 -11.13
CA GLN C 169 4.25 8.13 -12.16
C GLN C 169 4.03 8.92 -13.44
N GLU C 170 4.10 10.23 -13.36
CA GLU C 170 3.71 11.07 -14.49
C GLU C 170 4.86 11.52 -15.36
N ASP C 171 4.55 11.71 -16.64
CA ASP C 171 5.47 12.27 -17.62
C ASP C 171 6.84 11.62 -17.56
N LEU C 172 6.88 10.33 -17.87
CA LEU C 172 8.13 9.59 -17.83
C LEU C 172 9.14 10.17 -18.83
N PRO C 173 10.38 10.39 -18.36
CA PRO C 173 11.47 10.82 -19.24
C PRO C 173 12.20 9.63 -19.84
N GLY C 174 13.13 9.92 -20.75
CA GLY C 174 13.88 8.86 -21.38
C GLY C 174 12.99 7.85 -22.08
N VAL C 175 13.39 6.58 -21.98
CA VAL C 175 12.68 5.53 -22.70
C VAL C 175 11.21 5.38 -22.27
N GLY C 176 10.91 5.74 -21.02
CA GLY C 176 9.52 5.65 -20.52
C GLY C 176 8.57 6.52 -21.32
N ALA C 177 9.10 7.60 -21.89
CA ALA C 177 8.33 8.48 -22.75
C ALA C 177 7.72 7.77 -23.96
N VAL C 178 8.37 6.71 -24.45
CA VAL C 178 7.87 5.98 -25.63
C VAL C 178 7.12 4.69 -25.29
N MET C 179 7.03 4.39 -24.00
CA MET C 179 6.24 3.24 -23.53
C MET C 179 4.76 3.63 -23.41
N ASP C 180 3.91 2.69 -23.02
CA ASP C 180 2.44 2.93 -23.02
C ASP C 180 1.90 3.61 -21.78
N GLY C 181 2.55 3.38 -20.65
CA GLY C 181 2.05 3.95 -19.40
C GLY C 181 2.90 3.53 -18.22
N ILE C 182 2.35 3.73 -17.03
CA ILE C 182 3.03 3.41 -15.77
C ILE C 182 2.35 2.21 -15.09
N SER C 183 3.15 1.41 -14.38
CA SER C 183 2.65 0.28 -13.60
C SER C 183 2.01 0.74 -12.29
N GLY C 184 1.45 -0.20 -11.54
CA GLY C 184 1.22 0.01 -10.11
C GLY C 184 2.53 -0.24 -9.37
N GLU C 185 2.48 -0.32 -8.04
CA GLU C 185 3.69 -0.54 -7.25
C GLU C 185 4.28 -1.92 -7.56
N ILE C 186 5.58 -1.99 -7.80
CA ILE C 186 6.21 -3.22 -8.22
C ILE C 186 6.97 -3.91 -7.09
N ASN C 187 7.08 -5.23 -7.22
CA ASN C 187 7.72 -6.05 -6.23
C ASN C 187 9.24 -6.05 -6.28
N GLU C 188 9.80 -6.08 -7.50
CA GLU C 188 11.25 -6.35 -7.67
C GLU C 188 12.10 -5.09 -7.54
N HIS C 189 12.21 -4.57 -6.32
CA HIS C 189 13.12 -3.45 -6.04
C HIS C 189 13.42 -3.39 -4.53
N GLY C 190 14.43 -2.61 -4.16
CA GLY C 190 14.76 -2.38 -2.75
C GLY C 190 15.77 -3.35 -2.15
N TYR C 191 16.43 -4.10 -3.02
CA TYR C 191 17.54 -4.98 -2.62
C TYR C 191 18.50 -5.06 -3.78
N TRP C 192 19.79 -5.17 -3.45
CA TRP C 192 20.82 -5.33 -4.46
C TRP C 192 20.57 -6.61 -5.23
N GLY C 193 20.53 -6.49 -6.55
CA GLY C 193 20.18 -7.62 -7.41
C GLY C 193 18.80 -7.43 -8.05
N SER C 194 18.03 -6.47 -7.54
CA SER C 194 16.67 -6.27 -8.04
C SER C 194 16.67 -5.72 -9.46
N MET C 195 17.67 -4.89 -9.78
CA MET C 195 17.79 -4.34 -11.13
C MET C 195 17.82 -5.48 -12.17
N ARG C 196 18.70 -6.45 -11.95
CA ARG C 196 18.79 -7.63 -12.82
C ARG C 196 17.44 -8.31 -13.01
N GLU C 197 16.70 -8.45 -11.90
CA GLU C 197 15.42 -9.15 -11.91
C GLU C 197 14.31 -8.40 -12.66
N ARG C 198 14.51 -7.11 -12.91
CA ARG C 198 13.55 -6.33 -13.70
C ARG C 198 13.74 -6.47 -15.21
N PHE C 199 14.88 -7.02 -15.64
CA PHE C 199 15.07 -7.34 -17.06
C PHE C 199 14.27 -8.62 -17.35
N PRO C 200 13.28 -8.58 -18.29
CA PRO C 200 12.59 -9.83 -18.60
C PRO C 200 13.53 -10.98 -19.02
N ILE C 201 14.60 -10.68 -19.74
CA ILE C 201 15.50 -11.72 -20.21
C ILE C 201 16.19 -12.45 -19.02
N SER C 202 16.17 -11.85 -17.83
CA SER C 202 16.80 -12.46 -16.65
C SER C 202 16.05 -13.70 -16.18
N GLN C 203 14.87 -13.95 -16.76
CA GLN C 203 14.10 -15.16 -16.44
C GLN C 203 14.82 -16.42 -16.92
N THR C 204 15.68 -16.26 -17.92
CA THR C 204 16.36 -17.39 -18.58
C THR C 204 17.82 -17.15 -18.91
N ASP C 205 18.27 -15.90 -18.84
CA ASP C 205 19.56 -15.52 -19.42
C ASP C 205 20.41 -14.73 -18.43
N TRP C 206 21.71 -15.02 -18.42
CA TRP C 206 22.68 -14.38 -17.50
C TRP C 206 23.15 -13.00 -17.94
N MET C 207 22.85 -12.65 -19.20
CA MET C 207 23.32 -11.40 -19.79
C MET C 207 24.84 -11.24 -19.60
N GLN C 208 25.57 -12.32 -19.84
CA GLN C 208 27.01 -12.35 -19.64
C GLN C 208 27.67 -11.61 -20.81
N ALA C 209 28.62 -10.74 -20.49
CA ALA C 209 29.37 -10.00 -21.50
C ALA C 209 30.33 -10.95 -22.20
N SER C 210 30.58 -10.70 -23.48
CA SER C 210 31.64 -11.36 -24.23
C SER C 210 32.06 -10.47 -25.39
N GLY C 211 33.31 -10.61 -25.82
CA GLY C 211 33.83 -9.82 -26.93
C GLY C 211 34.53 -8.55 -26.51
N GLU C 212 34.95 -7.76 -27.50
CA GLU C 212 35.75 -6.58 -27.23
C GLU C 212 35.12 -5.32 -27.82
N LEU C 213 35.34 -4.20 -27.14
CA LEU C 213 35.06 -2.90 -27.71
C LEU C 213 36.18 -2.60 -28.71
N ARG C 214 35.83 -2.64 -30.00
CA ARG C 214 36.80 -2.67 -31.09
C ARG C 214 36.66 -1.50 -32.04
N VAL C 215 37.77 -0.85 -32.35
CA VAL C 215 37.82 0.13 -33.42
C VAL C 215 37.78 -0.60 -34.75
N ILE C 216 36.81 -0.27 -35.61
CA ILE C 216 36.72 -0.90 -36.93
C ILE C 216 37.07 0.02 -38.11
N ALA C 217 37.17 1.32 -37.86
CA ALA C 217 37.64 2.27 -38.88
C ALA C 217 38.26 3.49 -38.23
N GLY C 218 39.37 3.96 -38.80
CA GLY C 218 40.06 5.13 -38.26
C GLY C 218 40.89 4.87 -37.01
N ASP C 219 41.26 5.95 -36.34
CA ASP C 219 42.14 5.88 -35.16
C ASP C 219 41.78 7.02 -34.21
N PRO C 220 41.32 6.67 -33.00
CA PRO C 220 40.90 7.66 -31.99
C PRO C 220 41.95 8.75 -31.75
N ALA C 221 43.22 8.36 -31.82
CA ALA C 221 44.33 9.27 -31.54
C ALA C 221 44.53 10.34 -32.62
N VAL C 222 43.95 10.08 -33.80
CA VAL C 222 44.19 10.92 -34.97
C VAL C 222 43.10 11.96 -35.21
N GLY C 223 41.87 11.60 -34.86
CA GLY C 223 40.71 12.43 -35.20
C GLY C 223 40.13 11.94 -36.51
N GLY C 224 39.50 12.85 -37.25
CA GLY C 224 38.74 12.46 -38.44
C GLY C 224 37.61 11.52 -38.05
N ARG C 225 37.18 10.69 -39.00
CA ARG C 225 36.11 9.71 -38.76
C ARG C 225 36.64 8.42 -38.12
N VAL C 226 35.99 7.97 -37.05
CA VAL C 226 36.36 6.74 -36.33
C VAL C 226 35.09 5.97 -35.98
N VAL C 227 35.08 4.66 -36.25
CA VAL C 227 33.93 3.82 -35.95
C VAL C 227 34.32 2.72 -34.98
N VAL C 228 33.55 2.58 -33.90
CA VAL C 228 33.74 1.58 -32.87
C VAL C 228 32.56 0.60 -32.85
N ARG C 229 32.87 -0.70 -32.81
CA ARG C 229 31.85 -1.73 -32.67
C ARG C 229 31.72 -2.16 -31.21
N GLY C 230 30.48 -2.20 -30.71
CA GLY C 230 30.21 -2.73 -29.38
C GLY C 230 30.33 -4.24 -29.32
N HIS C 231 30.21 -4.80 -28.12
CA HIS C 231 30.21 -6.27 -27.96
C HIS C 231 28.94 -6.72 -27.23
N ASP C 232 28.72 -8.03 -27.16
CA ASP C 232 27.53 -8.57 -26.50
C ASP C 232 27.44 -8.16 -25.05
N ASN C 233 26.25 -7.66 -24.71
CA ASN C 233 25.87 -7.31 -23.35
C ASN C 233 26.71 -6.23 -22.66
N ILE C 234 27.17 -5.27 -23.47
CA ILE C 234 27.50 -3.95 -22.94
C ILE C 234 26.20 -3.43 -22.31
N ALA C 235 26.33 -2.76 -21.16
CA ALA C 235 25.16 -2.18 -20.49
C ALA C 235 25.22 -0.66 -20.59
N LEU C 236 24.06 -0.03 -20.72
CA LEU C 236 23.92 1.41 -20.68
C LEU C 236 22.93 1.78 -19.58
N ILE C 237 23.34 2.66 -18.66
CA ILE C 237 22.44 3.22 -17.66
C ILE C 237 22.23 4.70 -17.95
N ARG C 238 20.97 5.13 -17.93
CA ARG C 238 20.63 6.54 -17.82
C ARG C 238 19.93 6.67 -16.46
N SER C 239 20.55 7.40 -15.53
CA SER C 239 20.00 7.60 -14.20
C SER C 239 19.84 9.10 -14.00
N GLY C 240 18.60 9.54 -13.79
CA GLY C 240 18.32 10.97 -13.80
C GLY C 240 17.70 11.58 -12.57
N GLN C 241 17.77 12.91 -12.53
CA GLN C 241 17.37 13.73 -11.39
C GLN C 241 16.62 14.93 -11.96
N ASP C 242 15.40 15.15 -11.49
CA ASP C 242 14.57 16.28 -11.97
C ASP C 242 14.04 17.05 -10.78
N TRP C 243 14.52 18.28 -10.59
CA TRP C 243 14.15 19.10 -9.43
C TRP C 243 13.43 20.40 -9.85
N ALA C 244 12.95 20.40 -11.10
CA ALA C 244 12.31 21.57 -11.69
C ALA C 244 11.03 22.00 -10.98
N ASP C 245 10.36 21.06 -10.34
CA ASP C 245 9.09 21.38 -9.66
C ASP C 245 9.24 21.51 -8.14
N ALA C 246 10.47 21.32 -7.66
CA ALA C 246 10.76 21.45 -6.23
C ALA C 246 10.70 22.91 -5.73
N GLU C 247 10.08 23.10 -4.57
CA GLU C 247 10.07 24.42 -3.96
C GLU C 247 11.35 24.62 -3.13
N ALA C 248 11.50 25.81 -2.55
CA ALA C 248 12.77 26.23 -1.94
C ALA C 248 13.42 25.20 -1.02
N ASP C 249 12.67 24.65 -0.07
CA ASP C 249 13.29 23.76 0.93
C ASP C 249 13.78 22.44 0.36
N GLU C 250 13.01 21.87 -0.57
CA GLU C 250 13.42 20.64 -1.24
C GLU C 250 14.58 20.89 -2.20
N ARG C 251 14.57 22.04 -2.87
CA ARG C 251 15.69 22.44 -3.73
C ARG C 251 16.99 22.44 -2.93
N SER C 252 16.93 22.98 -1.71
CA SER C 252 18.07 22.98 -0.79
C SER C 252 18.54 21.58 -0.45
N LEU C 253 17.61 20.69 -0.10
CA LEU C 253 17.94 19.29 0.20
C LEU C 253 18.62 18.62 -0.97
N TYR C 254 18.10 18.83 -2.19
CA TYR C 254 18.70 18.20 -3.35
C TYR C 254 20.07 18.82 -3.67
N LEU C 255 20.11 20.14 -3.84
CA LEU C 255 21.33 20.80 -4.28
C LEU C 255 22.46 20.81 -3.25
N ASP C 256 22.10 20.84 -1.96
CA ASP C 256 23.11 20.98 -0.89
C ASP C 256 23.50 19.67 -0.21
N GLU C 257 22.62 18.67 -0.27
CA GLU C 257 22.86 17.41 0.43
C GLU C 257 23.07 16.25 -0.53
N ILE C 258 22.14 16.09 -1.48
CA ILE C 258 22.21 14.95 -2.40
C ILE C 258 23.23 15.16 -3.52
N LEU C 259 23.16 16.30 -4.20
CA LEU C 259 24.01 16.53 -5.38
C LEU C 259 25.54 16.40 -5.13
N PRO C 260 26.05 16.93 -4.00
CA PRO C 260 27.47 16.70 -3.73
C PRO C 260 27.90 15.22 -3.72
N THR C 261 27.06 14.35 -3.16
CA THR C 261 27.35 12.91 -3.16
C THR C 261 27.27 12.34 -4.57
N LEU C 262 26.27 12.75 -5.34
CA LEU C 262 26.13 12.34 -6.74
C LEU C 262 27.34 12.83 -7.56
N GLN C 263 27.68 14.11 -7.38
CA GLN C 263 28.83 14.70 -8.08
C GLN C 263 30.14 13.93 -7.82
N SER C 264 30.38 13.53 -6.56
CA SER C 264 31.55 12.72 -6.22
C SER C 264 31.56 11.37 -6.92
N GLY C 265 30.40 10.73 -6.98
CA GLY C 265 30.26 9.44 -7.65
C GLY C 265 30.49 9.57 -9.15
N MET C 266 29.99 10.65 -9.74
CA MET C 266 30.16 10.87 -11.18
C MET C 266 31.61 11.19 -11.54
N ASP C 267 32.26 12.06 -10.75
CA ASP C 267 33.68 12.34 -10.94
C ASP C 267 34.47 11.04 -10.86
N PHE C 268 34.11 10.17 -9.92
CA PHE C 268 34.81 8.90 -9.77
C PHE C 268 34.71 8.04 -11.03
N LEU C 269 33.49 7.86 -11.53
CA LEU C 269 33.31 7.04 -12.72
C LEU C 269 33.92 7.64 -13.98
N ARG C 270 33.88 8.98 -14.06
CA ARG C 270 34.42 9.71 -15.21
C ARG C 270 35.93 9.52 -15.30
N ASP C 271 36.58 9.50 -14.14
CA ASP C 271 38.04 9.60 -14.04
C ASP C 271 38.74 8.29 -13.68
N ASN C 272 37.95 7.30 -13.25
CA ASN C 272 38.44 5.95 -12.91
C ASN C 272 37.65 4.84 -13.59
N GLY C 273 37.08 5.14 -14.75
CA GLY C 273 36.27 4.20 -15.51
C GLY C 273 36.90 2.83 -15.67
N PRO C 274 38.11 2.76 -16.25
CA PRO C 274 38.74 1.45 -16.51
C PRO C 274 38.78 0.51 -15.30
N ALA C 275 39.02 1.06 -14.10
CA ALA C 275 39.14 0.28 -12.87
C ALA C 275 37.86 -0.46 -12.46
N VAL C 276 36.70 0.05 -12.87
CA VAL C 276 35.44 -0.54 -12.43
C VAL C 276 34.61 -1.12 -13.58
N GLY C 277 35.10 -0.94 -14.80
CA GLY C 277 34.40 -1.43 -15.99
C GLY C 277 33.46 -0.43 -16.63
N CYS C 278 33.67 0.86 -16.36
CA CYS C 278 32.86 1.90 -17.00
C CYS C 278 33.60 2.52 -18.19
N TYR C 279 33.11 2.24 -19.40
CA TYR C 279 33.75 2.67 -20.65
C TYR C 279 33.63 4.17 -20.88
N SER C 280 32.50 4.73 -20.45
CA SER C 280 32.21 6.14 -20.64
C SER C 280 31.23 6.56 -19.56
N ASN C 281 31.50 7.69 -18.92
CA ASN C 281 30.56 8.25 -17.95
C ASN C 281 30.40 9.73 -18.20
N ARG C 282 29.16 10.13 -18.49
CA ARG C 282 28.81 11.53 -18.66
C ARG C 282 27.79 11.91 -17.60
N PHE C 283 27.97 13.11 -17.04
CA PHE C 283 27.00 13.69 -16.12
C PHE C 283 26.53 14.98 -16.80
N VAL C 284 25.26 15.01 -17.20
CA VAL C 284 24.74 16.02 -18.14
C VAL C 284 23.56 16.80 -17.57
N ARG C 285 23.42 18.05 -18.00
CA ARG C 285 22.34 18.92 -17.57
C ARG C 285 21.44 19.16 -18.78
N ASN C 286 20.13 19.01 -18.61
CA ASN C 286 19.23 19.34 -19.73
C ASN C 286 19.27 20.82 -20.08
N ILE C 287 19.05 21.11 -21.37
CA ILE C 287 19.00 22.49 -21.88
C ILE C 287 17.78 22.64 -22.78
N ASP C 288 17.28 23.86 -22.90
CA ASP C 288 16.25 24.12 -23.91
C ASP C 288 16.93 24.32 -25.28
N ILE C 289 16.13 24.59 -26.31
CA ILE C 289 16.66 24.78 -27.67
C ILE C 289 17.69 25.92 -27.76
N ASP C 290 17.58 26.91 -26.86
CA ASP C 290 18.48 28.07 -26.83
C ASP C 290 19.81 27.76 -26.14
N GLY C 291 19.92 26.58 -25.52
CA GLY C 291 21.11 26.19 -24.80
C GLY C 291 21.10 26.63 -23.35
N ASN C 292 19.95 27.17 -22.91
CA ASN C 292 19.77 27.60 -21.53
C ASN C 292 19.41 26.43 -20.62
N PHE C 293 19.97 26.40 -19.42
CA PHE C 293 19.80 25.23 -18.53
C PHE C 293 18.37 25.04 -18.03
N LEU C 294 18.02 23.77 -17.82
CA LEU C 294 16.78 23.39 -17.16
C LEU C 294 17.16 22.62 -15.90
N ASP C 295 16.25 22.51 -14.94
CA ASP C 295 16.57 21.87 -13.67
C ASP C 295 16.34 20.36 -13.75
N LEU C 296 17.05 19.73 -14.68
CA LEU C 296 17.05 18.29 -14.84
C LEU C 296 18.46 17.89 -15.22
N SER C 297 18.89 16.72 -14.76
CA SER C 297 20.19 16.18 -15.13
C SER C 297 20.09 14.66 -15.28
N TYR C 298 21.12 14.06 -15.85
CA TYR C 298 21.25 12.60 -15.79
C TYR C 298 22.66 12.12 -16.06
N ASN C 299 22.92 10.88 -15.65
CA ASN C 299 24.13 10.17 -15.99
C ASN C 299 23.87 9.37 -17.27
N ILE C 300 24.84 9.33 -18.18
CA ILE C 300 24.82 8.39 -19.33
C ILE C 300 26.09 7.56 -19.13
N GLY C 301 25.92 6.30 -18.72
CA GLY C 301 27.05 5.45 -18.42
C GLY C 301 27.07 4.17 -19.24
N HIS C 302 28.15 3.96 -20.00
CA HIS C 302 28.33 2.71 -20.77
C HIS C 302 29.29 1.80 -19.99
N TRP C 303 28.86 0.57 -19.76
CA TRP C 303 29.58 -0.38 -18.92
C TRP C 303 29.95 -1.64 -19.67
N ALA C 304 31.11 -2.19 -19.31
CA ALA C 304 31.66 -3.40 -19.94
C ALA C 304 30.82 -4.65 -19.67
N SER C 305 29.99 -4.60 -18.62
CA SER C 305 29.03 -5.66 -18.30
C SER C 305 28.01 -5.16 -17.30
N LEU C 306 26.82 -5.73 -17.33
CA LEU C 306 25.80 -5.46 -16.30
C LEU C 306 26.29 -5.81 -14.89
N ASP C 307 27.03 -6.91 -14.75
CA ASP C 307 27.50 -7.26 -13.41
C ASP C 307 28.54 -6.29 -12.85
N GLN C 308 29.37 -5.68 -13.70
CA GLN C 308 30.30 -4.66 -13.21
C GLN C 308 29.53 -3.43 -12.72
N LEU C 309 28.43 -3.13 -13.41
CA LEU C 309 27.54 -2.06 -12.96
C LEU C 309 26.92 -2.41 -11.60
N GLU C 310 26.44 -3.65 -11.47
CA GLU C 310 25.92 -4.14 -10.18
C GLU C 310 26.95 -4.06 -9.07
N ARG C 311 28.19 -4.44 -9.37
CA ARG C 311 29.26 -4.42 -8.36
C ARG C 311 29.49 -2.97 -7.90
N TRP C 312 29.59 -2.04 -8.84
CA TRP C 312 29.83 -0.65 -8.45
C TRP C 312 28.70 -0.11 -7.56
N SER C 313 27.45 -0.31 -7.99
CA SER C 313 26.32 0.25 -7.24
C SER C 313 26.17 -0.33 -5.81
N GLU C 314 26.48 -1.62 -5.65
CA GLU C 314 26.19 -2.29 -4.37
C GLU C 314 27.41 -2.34 -3.44
N SER C 315 28.61 -2.05 -3.95
CA SER C 315 29.80 -2.18 -3.11
C SER C 315 30.79 -1.03 -3.16
N HIS C 316 30.63 -0.10 -4.09
CA HIS C 316 31.60 1.02 -4.12
C HIS C 316 31.14 2.12 -3.17
N PRO C 317 32.09 2.71 -2.39
CA PRO C 317 31.65 3.72 -1.41
C PRO C 317 30.94 4.93 -2.03
N THR C 318 31.24 5.25 -3.28
CA THR C 318 30.60 6.40 -3.95
C THR C 318 29.07 6.21 -4.08
N HIS C 319 28.60 5.12 -4.70
CA HIS C 319 27.15 4.92 -4.81
C HIS C 319 26.53 4.63 -3.45
N LEU C 320 27.27 3.93 -2.60
CA LEU C 320 26.71 3.63 -1.28
C LEU C 320 26.51 4.90 -0.46
N ARG C 321 27.40 5.90 -0.63
CA ARG C 321 27.22 7.20 0.03
C ARG C 321 26.00 7.93 -0.55
N ILE C 322 25.81 7.86 -1.86
CA ILE C 322 24.61 8.44 -2.49
C ILE C 322 23.36 7.79 -1.88
N PHE C 323 23.38 6.47 -1.81
CA PHE C 323 22.29 5.64 -1.30
C PHE C 323 21.95 5.99 0.15
N THR C 324 22.95 5.97 1.04
CA THR C 324 22.72 6.24 2.45
C THR C 324 22.27 7.70 2.70
N THR C 325 22.86 8.64 1.96
CA THR C 325 22.46 10.06 2.04
C THR C 325 20.99 10.24 1.61
N PHE C 326 20.61 9.57 0.53
CA PHE C 326 19.23 9.63 0.05
C PHE C 326 18.27 9.24 1.17
N PHE C 327 18.52 8.10 1.81
CA PHE C 327 17.59 7.66 2.87
C PHE C 327 17.63 8.55 4.10
N ARG C 328 18.78 9.14 4.38
CA ARG C 328 18.90 10.09 5.48
C ARG C 328 17.98 11.31 5.30
N VAL C 329 17.83 11.79 4.06
CA VAL C 329 17.08 13.03 3.80
C VAL C 329 15.71 12.84 3.13
N ALA C 330 15.41 11.58 2.78
CA ALA C 330 14.21 11.25 1.99
C ALA C 330 12.91 11.81 2.55
N ALA C 331 12.79 11.86 3.88
CA ALA C 331 11.56 12.34 4.52
C ALA C 331 11.22 13.80 4.20
N GLY C 332 12.21 14.56 3.74
CA GLY C 332 12.01 15.97 3.36
C GLY C 332 11.75 16.19 1.88
N LEU C 333 11.69 15.10 1.11
CA LEU C 333 11.47 15.18 -0.32
C LEU C 333 10.00 14.94 -0.67
N SER C 334 9.59 15.40 -1.85
CA SER C 334 8.23 15.13 -2.36
C SER C 334 8.12 15.34 -3.86
N LYS C 335 8.70 16.45 -4.34
CA LYS C 335 8.57 16.82 -5.75
C LYS C 335 9.76 16.38 -6.61
N LEU C 336 10.90 16.09 -5.96
CA LEU C 336 12.07 15.59 -6.66
C LEU C 336 11.71 14.30 -7.39
N ARG C 337 12.15 14.20 -8.64
CA ARG C 337 11.86 13.06 -9.48
C ARG C 337 13.17 12.31 -9.78
N LEU C 338 13.27 11.07 -9.27
CA LEU C 338 14.45 10.23 -9.48
C LEU C 338 14.06 8.97 -10.26
N TYR C 339 14.92 8.56 -11.20
CA TYR C 339 14.61 7.39 -12.02
C TYR C 339 15.86 6.83 -12.67
N HIS C 340 15.75 5.61 -13.15
CA HIS C 340 16.72 5.12 -14.11
C HIS C 340 16.14 4.18 -15.18
N GLU C 341 16.90 4.01 -16.27
CA GLU C 341 16.65 2.99 -17.26
C GLU C 341 18.01 2.33 -17.50
N VAL C 342 18.00 1.01 -17.61
CA VAL C 342 19.23 0.26 -17.87
C VAL C 342 18.94 -0.76 -18.97
N SER C 343 19.86 -0.85 -19.93
CA SER C 343 19.66 -1.70 -21.11
C SER C 343 20.92 -2.51 -21.34
N VAL C 344 20.75 -3.68 -21.96
CA VAL C 344 21.87 -4.42 -22.53
C VAL C 344 21.59 -4.68 -24.01
N PHE C 345 22.64 -4.94 -24.79
CA PHE C 345 22.50 -5.02 -26.26
C PHE C 345 23.37 -6.11 -26.83
N ASP C 346 22.86 -6.75 -27.88
CA ASP C 346 23.69 -7.63 -28.72
C ASP C 346 24.72 -6.77 -29.44
N ALA C 347 25.85 -7.37 -29.83
CA ALA C 347 26.85 -6.63 -30.60
C ALA C 347 26.27 -5.94 -31.84
N ALA C 348 25.40 -6.61 -32.58
CA ALA C 348 24.89 -6.05 -33.85
C ALA C 348 23.99 -4.84 -33.63
N ASP C 349 23.44 -4.72 -32.42
CA ASP C 349 22.49 -3.67 -32.08
C ASP C 349 23.13 -2.39 -31.49
N GLN C 350 24.41 -2.16 -31.77
CA GLN C 350 25.14 -0.98 -31.29
C GLN C 350 25.97 -0.35 -32.40
N LEU C 351 25.98 0.98 -32.46
CA LEU C 351 26.82 1.71 -33.43
C LEU C 351 27.41 2.93 -32.74
N TYR C 352 28.72 3.07 -32.77
CA TYR C 352 29.37 4.21 -32.14
C TYR C 352 30.29 4.86 -33.20
N GLU C 353 29.95 6.09 -33.61
CA GLU C 353 30.66 6.80 -34.69
C GLU C 353 31.06 8.19 -34.26
N TYR C 354 32.32 8.56 -34.53
CA TYR C 354 32.90 9.83 -34.07
C TYR C 354 33.60 10.53 -35.22
N ILE C 355 33.40 11.84 -35.29
CA ILE C 355 34.07 12.70 -36.30
C ILE C 355 34.74 13.87 -35.60
N ASN C 356 36.07 13.93 -35.71
CA ASN C 356 36.88 15.00 -35.11
C ASN C 356 36.60 15.26 -33.61
N CYS C 357 36.39 14.18 -32.87
CA CYS C 357 36.25 14.23 -31.42
C CYS C 357 37.61 13.94 -30.77
N HIS C 358 37.87 14.50 -29.58
CA HIS C 358 39.10 14.15 -28.87
C HIS C 358 39.09 12.67 -28.47
N PRO C 359 40.28 12.05 -28.29
CA PRO C 359 40.41 10.60 -28.09
C PRO C 359 39.82 10.03 -26.79
N GLY C 360 39.40 10.89 -25.87
CA GLY C 360 38.71 10.43 -24.65
C GLY C 360 37.20 10.43 -24.76
N THR C 361 36.68 10.71 -25.96
CA THR C 361 35.23 10.84 -26.14
C THR C 361 34.52 9.48 -26.16
N GLY C 362 33.54 9.32 -25.27
CA GLY C 362 32.68 8.12 -25.28
C GLY C 362 33.47 6.84 -25.45
N MET C 363 33.10 6.05 -26.45
CA MET C 363 33.69 4.73 -26.68
C MET C 363 35.09 4.77 -27.32
N LEU C 364 35.59 5.96 -27.65
CA LEU C 364 36.94 6.11 -28.21
C LEU C 364 38.02 5.78 -27.18
N ARG C 365 37.75 6.09 -25.92
CA ARG C 365 38.78 5.99 -24.89
C ARG C 365 39.30 4.56 -24.70
N ASP C 366 38.41 3.60 -24.59
CA ASP C 366 38.79 2.24 -24.19
C ASP C 366 38.79 1.21 -25.33
N ALA C 367 38.34 1.62 -26.52
CA ALA C 367 38.30 0.74 -27.68
C ALA C 367 39.70 0.29 -28.07
N VAL C 368 39.82 -0.98 -28.47
CA VAL C 368 41.11 -1.53 -28.91
C VAL C 368 41.16 -1.58 -30.44
N THR C 369 42.35 -1.38 -30.98
CA THR C 369 42.55 -1.37 -32.42
C THR C 369 42.54 -2.80 -32.95
N ILE C 370 42.33 -2.95 -34.27
CA ILE C 370 42.24 -4.26 -34.90
C ILE C 370 43.36 -5.24 -34.48
N ALA C 371 44.58 -4.73 -34.30
CA ALA C 371 45.74 -5.57 -34.02
C ALA C 371 46.00 -5.75 -32.52
N GLU C 372 45.14 -5.15 -31.68
CA GLU C 372 45.31 -5.22 -30.23
C GLU C 372 44.43 -6.29 -29.61
N HIS C 373 43.69 -7.01 -30.47
CA HIS C 373 42.86 -8.12 -30.04
C HIS C 373 42.88 -9.24 -31.06
N SER D 11 42.44 -26.74 -19.15
CA SER D 11 42.23 -26.77 -17.66
C SER D 11 42.09 -25.37 -17.08
N SER D 12 42.11 -25.29 -15.75
CA SER D 12 42.21 -24.03 -15.06
C SER D 12 43.59 -23.47 -15.37
N GLY D 13 43.74 -22.16 -15.24
CA GLY D 13 45.07 -21.58 -15.35
C GLY D 13 45.80 -21.77 -14.04
N LEU D 14 46.96 -21.11 -13.94
CA LEU D 14 47.72 -21.10 -12.70
C LEU D 14 46.89 -20.49 -11.59
N VAL D 15 46.14 -19.45 -11.92
CA VAL D 15 45.27 -18.78 -10.96
C VAL D 15 43.81 -18.99 -11.40
N PRO D 16 43.15 -20.06 -10.90
CA PRO D 16 41.77 -20.34 -11.33
C PRO D 16 40.84 -19.17 -11.07
N ARG D 17 39.94 -18.95 -12.04
CA ARG D 17 38.93 -17.90 -11.92
C ARG D 17 37.60 -18.46 -12.39
N GLY D 18 36.54 -17.67 -12.23
CA GLY D 18 35.21 -18.09 -12.65
C GLY D 18 34.81 -19.47 -12.16
N SER D 19 34.22 -20.26 -13.06
CA SER D 19 33.69 -21.59 -12.73
C SER D 19 34.76 -22.61 -12.36
N HIS D 20 36.04 -22.25 -12.55
CA HIS D 20 37.15 -23.14 -12.22
C HIS D 20 37.55 -23.05 -10.75
N MET D 21 37.06 -22.01 -10.08
CA MET D 21 37.33 -21.84 -8.65
C MET D 21 36.58 -22.86 -7.82
N GLU D 22 37.06 -23.11 -6.60
CA GLU D 22 36.37 -23.97 -5.65
C GLU D 22 35.05 -23.35 -5.21
N SER D 23 34.13 -24.21 -4.80
CA SER D 23 32.82 -23.81 -4.29
C SER D 23 32.82 -23.86 -2.76
N ALA D 24 32.06 -22.97 -2.14
CA ALA D 24 31.89 -22.98 -0.68
C ALA D 24 31.20 -24.26 -0.20
N ILE D 25 30.37 -24.84 -1.06
CA ILE D 25 29.60 -26.02 -0.71
C ILE D 25 30.44 -27.28 -0.90
N GLY D 26 30.58 -28.04 0.20
CA GLY D 26 31.36 -29.28 0.20
C GLY D 26 30.83 -30.24 -0.84
N GLU D 27 31.73 -31.02 -1.44
CA GLU D 27 31.40 -31.89 -2.57
C GLU D 27 30.24 -32.84 -2.28
N HIS D 28 30.23 -33.42 -1.07
CA HIS D 28 29.20 -34.40 -0.71
C HIS D 28 27.83 -33.78 -0.51
N LEU D 29 27.80 -32.46 -0.32
CA LEU D 29 26.55 -31.71 -0.10
C LEU D 29 26.05 -30.98 -1.35
N GLN D 30 26.82 -31.08 -2.44
CA GLN D 30 26.42 -30.48 -3.71
C GLN D 30 25.31 -31.29 -4.39
N CYS D 31 24.37 -30.58 -5.00
CA CYS D 31 23.26 -31.19 -5.73
C CYS D 31 22.73 -30.20 -6.79
N PRO D 32 21.87 -30.66 -7.72
CA PRO D 32 21.22 -29.74 -8.66
C PRO D 32 20.56 -28.54 -7.97
N ARG D 33 21.03 -27.34 -8.29
CA ARG D 33 20.45 -26.09 -7.77
C ARG D 33 19.14 -25.75 -8.47
N THR D 34 18.03 -25.85 -7.75
CA THR D 34 16.72 -25.41 -8.27
C THR D 34 16.50 -23.92 -7.98
N LEU D 35 17.35 -23.37 -7.11
CA LEU D 35 17.38 -21.94 -6.79
C LEU D 35 18.73 -21.36 -7.18
N THR D 36 18.77 -20.72 -8.34
CA THR D 36 20.04 -20.33 -8.98
C THR D 36 20.77 -19.14 -8.32
N ARG D 37 22.05 -19.03 -8.63
CA ARG D 37 22.89 -17.93 -8.13
C ARG D 37 22.55 -16.60 -8.81
N ARG D 38 23.02 -15.49 -8.25
CA ARG D 38 22.74 -14.17 -8.82
C ARG D 38 23.91 -13.58 -9.62
N VAL D 39 24.97 -14.36 -9.78
CA VAL D 39 26.13 -13.91 -10.56
C VAL D 39 26.40 -14.81 -11.77
N PRO D 40 26.86 -14.22 -12.90
CA PRO D 40 27.12 -15.02 -14.10
C PRO D 40 28.22 -16.06 -13.86
N ASP D 41 28.38 -16.99 -14.80
CA ASP D 41 29.39 -18.03 -14.66
C ASP D 41 30.82 -17.48 -14.60
N THR D 42 31.04 -16.33 -15.25
CA THR D 42 32.36 -15.71 -15.28
C THR D 42 32.79 -15.08 -13.95
N TYR D 43 31.86 -14.93 -13.01
CA TYR D 43 32.13 -14.22 -11.76
C TYR D 43 33.43 -14.63 -11.05
N THR D 44 34.25 -13.62 -10.74
CA THR D 44 35.51 -13.82 -10.03
C THR D 44 35.65 -12.74 -8.96
N PRO D 45 35.71 -13.15 -7.68
CA PRO D 45 35.80 -12.17 -6.59
C PRO D 45 37.14 -11.39 -6.61
N PRO D 46 37.10 -10.13 -6.11
CA PRO D 46 38.25 -9.22 -6.09
C PRO D 46 39.29 -9.51 -4.99
N PHE D 47 38.89 -10.26 -3.97
CA PHE D 47 39.79 -10.64 -2.90
C PHE D 47 39.52 -12.09 -2.45
N PRO D 48 40.51 -12.76 -1.84
CA PRO D 48 40.32 -14.15 -1.43
C PRO D 48 39.58 -14.31 -0.11
N MET D 49 38.73 -15.34 -0.04
CA MET D 49 38.10 -15.78 1.20
C MET D 49 38.12 -17.30 1.15
N TRP D 50 38.07 -17.93 2.30
CA TRP D 50 38.14 -19.40 2.41
C TRP D 50 37.02 -19.85 3.32
N VAL D 51 36.68 -21.14 3.29
CA VAL D 51 35.63 -21.68 4.17
C VAL D 51 36.09 -22.95 4.89
N GLY D 52 35.38 -23.32 5.95
CA GLY D 52 35.60 -24.64 6.58
C GLY D 52 35.14 -25.78 5.69
N ARG D 53 35.94 -26.84 5.66
CA ARG D 53 35.63 -28.08 4.95
C ARG D 53 35.47 -29.20 5.95
N ALA D 54 34.52 -30.10 5.69
CA ALA D 54 34.33 -31.32 6.49
C ALA D 54 33.67 -32.39 5.63
N ASP D 55 34.05 -33.65 5.84
CA ASP D 55 33.46 -34.75 5.09
C ASP D 55 32.08 -35.15 5.65
N ASP D 56 31.54 -36.27 5.18
CA ASP D 56 30.20 -36.70 5.56
C ASP D 56 30.05 -37.13 7.03
N ALA D 57 31.18 -37.26 7.74
CA ALA D 57 31.15 -37.65 9.15
C ALA D 57 30.57 -36.52 10.01
N LEU D 58 30.82 -35.28 9.61
CA LEU D 58 30.17 -34.12 10.23
C LEU D 58 28.79 -33.94 9.61
N GLN D 59 27.78 -34.40 10.34
CA GLN D 59 26.38 -34.38 9.89
C GLN D 59 25.58 -33.24 10.54
N GLN D 60 25.83 -33.00 11.81
CA GLN D 60 25.13 -31.96 12.58
C GLN D 60 25.98 -31.55 13.78
N VAL D 61 26.33 -30.26 13.85
CA VAL D 61 27.12 -29.74 14.96
C VAL D 61 26.22 -29.17 16.07
N VAL D 62 26.80 -29.00 17.24
CA VAL D 62 26.12 -28.31 18.34
C VAL D 62 26.95 -27.11 18.78
N MET D 63 26.29 -25.96 18.81
CA MET D 63 26.86 -24.71 19.29
C MET D 63 26.21 -24.37 20.63
N GLY D 64 26.95 -24.58 21.72
CA GLY D 64 26.38 -24.39 23.06
C GLY D 64 26.92 -23.18 23.78
N TYR D 65 26.09 -22.15 23.89
CA TYR D 65 26.47 -20.91 24.57
C TYR D 65 25.97 -20.95 26.01
N LEU D 66 26.90 -21.02 26.95
CA LEU D 66 26.58 -21.14 28.38
C LEU D 66 26.96 -19.84 29.08
N GLY D 67 26.00 -19.22 29.76
CA GLY D 67 26.21 -17.89 30.33
C GLY D 67 26.05 -17.76 31.84
N VAL D 68 26.79 -16.80 32.41
CA VAL D 68 26.61 -16.38 33.80
C VAL D 68 26.39 -14.87 33.80
N GLN D 69 25.33 -14.43 34.47
CA GLN D 69 24.94 -13.02 34.50
C GLN D 69 24.97 -12.45 35.92
N PHE D 70 25.48 -11.23 36.05
CA PHE D 70 25.51 -10.49 37.33
C PHE D 70 25.45 -8.98 37.11
N ARG D 71 25.08 -8.24 38.15
CA ARG D 71 24.96 -6.79 38.05
CA ARG D 71 24.92 -6.79 38.08
C ARG D 71 25.93 -6.05 38.95
N ASP D 72 26.20 -6.59 40.14
CA ASP D 72 27.04 -5.92 41.14
C ASP D 72 28.51 -6.33 41.13
N GLU D 73 29.37 -5.38 41.49
CA GLU D 73 30.82 -5.62 41.59
C GLU D 73 31.18 -6.78 42.53
N ASP D 74 30.44 -6.90 43.63
CA ASP D 74 30.69 -7.94 44.63
C ASP D 74 30.27 -9.34 44.17
N GLN D 75 29.61 -9.41 43.01
CA GLN D 75 29.23 -10.67 42.42
C GLN D 75 30.28 -11.17 41.44
N ARG D 76 31.25 -10.31 41.12
CA ARG D 76 32.30 -10.66 40.15
C ARG D 76 33.09 -11.93 40.54
N PRO D 77 33.65 -11.97 41.78
CA PRO D 77 34.37 -13.18 42.21
C PRO D 77 33.54 -14.45 42.06
N ALA D 78 32.26 -14.37 42.45
CA ALA D 78 31.34 -15.50 42.36
C ALA D 78 31.00 -15.85 40.91
N ALA D 79 30.92 -14.83 40.07
CA ALA D 79 30.63 -15.00 38.65
C ALA D 79 31.79 -15.70 37.94
N LEU D 80 33.02 -15.26 38.21
CA LEU D 80 34.22 -15.85 37.60
C LEU D 80 34.39 -17.31 38.01
N GLN D 81 34.12 -17.59 39.29
CA GLN D 81 34.22 -18.96 39.81
C GLN D 81 33.18 -19.86 39.13
N ALA D 82 31.94 -19.38 39.07
CA ALA D 82 30.85 -20.08 38.38
C ALA D 82 31.22 -20.43 36.95
N MET D 83 31.89 -19.51 36.27
CA MET D 83 32.36 -19.74 34.91
C MET D 83 33.55 -20.70 34.85
N ARG D 84 34.46 -20.57 35.82
CA ARG D 84 35.58 -21.51 35.95
C ARG D 84 35.09 -22.94 36.03
N ASP D 85 34.01 -23.16 36.80
CA ASP D 85 33.40 -24.48 36.97
C ASP D 85 32.86 -25.05 35.66
N ILE D 86 32.18 -24.20 34.88
CA ILE D 86 31.65 -24.57 33.57
C ILE D 86 32.79 -25.01 32.65
N VAL D 87 33.81 -24.16 32.52
CA VAL D 87 35.00 -24.45 31.72
C VAL D 87 35.68 -25.75 32.16
N ALA D 88 35.78 -25.96 33.47
CA ALA D 88 36.38 -27.18 34.02
C ALA D 88 35.56 -28.40 33.60
N GLY D 89 34.24 -28.24 33.60
CA GLY D 89 33.31 -29.29 33.15
C GLY D 89 33.53 -29.72 31.70
N PHE D 90 34.18 -28.87 30.91
CA PHE D 90 34.49 -29.19 29.51
C PHE D 90 35.60 -30.24 29.37
N ASP D 91 36.35 -30.45 30.46
CA ASP D 91 37.42 -31.45 30.50
C ASP D 91 36.85 -32.87 30.48
N LEU D 92 35.61 -32.99 30.94
CA LEU D 92 34.93 -34.28 31.08
C LEU D 92 34.77 -34.99 29.74
N PRO D 93 34.59 -36.32 29.77
CA PRO D 93 34.30 -37.07 28.55
C PRO D 93 33.12 -36.47 27.80
N ASP D 94 33.21 -36.46 26.47
CA ASP D 94 32.17 -35.90 25.60
C ASP D 94 32.10 -34.37 25.65
N GLY D 95 33.06 -33.74 26.31
CA GLY D 95 33.18 -32.28 26.33
C GLY D 95 33.34 -31.71 24.93
N PRO D 96 33.16 -30.39 24.77
CA PRO D 96 33.26 -29.81 23.43
C PRO D 96 34.65 -29.94 22.84
N ALA D 97 34.75 -30.03 21.52
CA ALA D 97 36.05 -30.13 20.83
C ALA D 97 36.78 -28.79 20.74
N HIS D 98 36.02 -27.71 20.90
CA HIS D 98 36.58 -26.36 20.92
C HIS D 98 35.70 -25.45 21.76
N HIS D 99 36.31 -24.45 22.40
CA HIS D 99 35.56 -23.45 23.15
C HIS D 99 36.32 -22.13 23.30
N ASP D 100 35.57 -21.06 23.54
CA ASP D 100 36.15 -19.77 23.94
C ASP D 100 35.24 -19.03 24.91
N LEU D 101 35.83 -18.06 25.62
CA LEU D 101 35.16 -17.34 26.68
C LEU D 101 35.10 -15.85 26.41
N THR D 102 33.96 -15.23 26.71
CA THR D 102 33.74 -13.81 26.39
C THR D 102 33.00 -13.06 27.47
N HIS D 103 33.11 -11.74 27.44
CA HIS D 103 32.46 -10.84 28.38
C HIS D 103 31.77 -9.71 27.64
N HIS D 104 30.61 -9.30 28.14
CA HIS D 104 29.99 -8.04 27.72
C HIS D 104 29.04 -7.48 28.77
N ILE D 105 28.77 -6.17 28.67
CA ILE D 105 27.76 -5.52 29.46
C ILE D 105 26.57 -5.24 28.56
N ASP D 106 25.40 -5.78 28.90
CA ASP D 106 24.20 -5.59 28.08
C ASP D 106 23.56 -4.21 28.31
N ASN D 107 22.49 -3.91 27.58
CA ASN D 107 21.90 -2.57 27.62
C ASN D 107 21.09 -2.28 28.89
N GLN D 108 21.05 -3.26 29.79
CA GLN D 108 20.45 -3.08 31.12
C GLN D 108 21.52 -2.91 32.20
N GLY D 109 22.77 -2.89 31.80
CA GLY D 109 23.91 -2.72 32.71
C GLY D 109 24.40 -4.01 33.35
N TYR D 110 23.82 -5.14 32.95
CA TYR D 110 24.22 -6.43 33.48
C TYR D 110 25.43 -7.00 32.77
N GLU D 111 26.37 -7.55 33.54
CA GLU D 111 27.54 -8.20 32.98
C GLU D 111 27.30 -9.68 32.71
N ASN D 112 27.77 -10.13 31.55
CA ASN D 112 27.51 -11.49 31.09
C ASN D 112 28.79 -12.17 30.65
N LEU D 113 29.09 -13.28 31.29
CA LEU D 113 30.19 -14.13 30.89
C LEU D 113 29.57 -15.24 30.08
N ILE D 114 30.06 -15.43 28.86
CA ILE D 114 29.54 -16.50 28.03
C ILE D 114 30.68 -17.39 27.54
N VAL D 115 30.59 -18.67 27.86
CA VAL D 115 31.48 -19.64 27.27
C VAL D 115 30.74 -20.35 26.13
N VAL D 116 31.41 -20.49 24.99
CA VAL D 116 30.79 -21.19 23.86
C VAL D 116 31.58 -22.46 23.56
N GLY D 117 30.86 -23.59 23.58
CA GLY D 117 31.43 -24.88 23.24
C GLY D 117 30.88 -25.36 21.92
N TYR D 118 31.72 -26.04 21.15
CA TYR D 118 31.34 -26.62 19.86
C TYR D 118 31.56 -28.14 19.88
N TRP D 119 30.51 -28.87 19.50
CA TRP D 119 30.54 -30.34 19.44
C TRP D 119 30.37 -30.80 17.98
N LYS D 120 31.06 -31.88 17.62
CA LYS D 120 30.97 -32.44 16.25
C LYS D 120 29.74 -33.33 16.03
N ASP D 121 28.99 -33.60 17.09
CA ASP D 121 27.73 -34.35 16.97
C ASP D 121 26.83 -34.13 18.19
N VAL D 122 25.52 -34.29 17.99
CA VAL D 122 24.56 -34.03 19.06
C VAL D 122 24.65 -35.02 20.23
N SER D 123 24.97 -36.28 19.93
CA SER D 123 25.00 -37.33 20.97
C SER D 123 26.10 -37.11 22.00
N SER D 124 27.25 -36.58 21.57
CA SER D 124 28.32 -36.18 22.49
C SER D 124 27.84 -35.10 23.43
N GLN D 125 27.21 -34.06 22.87
CA GLN D 125 26.66 -32.97 23.67
C GLN D 125 25.59 -33.42 24.67
N HIS D 126 24.74 -34.37 24.29
CA HIS D 126 23.74 -34.88 25.22
CA HIS D 126 23.73 -34.90 25.21
C HIS D 126 24.37 -35.70 26.35
N ARG D 127 25.31 -36.57 26.00
CA ARG D 127 26.04 -37.37 26.98
C ARG D 127 26.79 -36.47 27.97
N TRP D 128 27.38 -35.39 27.45
CA TRP D 128 28.01 -34.38 28.29
C TRP D 128 26.98 -33.71 29.21
N SER D 129 25.88 -33.23 28.63
CA SER D 129 24.88 -32.46 29.36
C SER D 129 24.08 -33.31 30.35
N THR D 130 23.29 -34.23 29.81
CA THR D 130 22.43 -35.11 30.60
C THR D 130 22.90 -36.55 30.42
N SER D 131 23.80 -37.01 31.29
CA SER D 131 24.31 -36.21 32.40
C SER D 131 25.80 -36.39 32.61
N THR D 132 26.46 -35.32 33.03
CA THR D 132 27.73 -35.42 33.76
C THR D 132 27.47 -34.64 35.07
N PRO D 133 28.51 -34.31 35.87
CA PRO D 133 28.29 -33.42 37.03
C PRO D 133 27.56 -32.11 36.67
N ILE D 134 27.03 -32.06 35.46
CA ILE D 134 26.39 -30.89 34.88
C ILE D 134 24.90 -30.82 35.22
N ALA D 135 24.23 -31.98 35.17
CA ALA D 135 22.81 -32.06 35.51
C ALA D 135 22.52 -31.68 36.97
N SER D 136 23.25 -32.30 37.90
CA SER D 136 23.10 -32.03 39.34
C SER D 136 23.44 -30.59 39.72
N TRP D 137 24.31 -29.95 38.92
CA TRP D 137 24.65 -28.54 39.10
C TRP D 137 23.56 -27.63 38.54
N TRP D 138 23.14 -27.90 37.30
CA TRP D 138 22.19 -27.05 36.58
C TRP D 138 20.81 -27.02 37.25
N GLU D 139 20.38 -28.15 37.78
CA GLU D 139 19.05 -28.30 38.37
C GLU D 139 19.03 -28.10 39.88
N SER D 140 20.11 -27.52 40.43
CA SER D 140 20.21 -27.27 41.85
C SER D 140 19.31 -26.12 42.29
N GLU D 141 18.77 -26.23 43.51
CA GLU D 141 18.00 -25.13 44.11
C GLU D 141 18.92 -23.96 44.48
N ASP D 142 20.21 -24.26 44.63
CA ASP D 142 21.23 -23.25 44.90
C ASP D 142 21.37 -22.24 43.77
N ARG D 143 20.99 -22.66 42.55
CA ARG D 143 21.00 -21.77 41.37
C ARG D 143 20.05 -20.59 41.52
N LEU D 144 19.05 -20.74 42.39
CA LEU D 144 18.07 -19.70 42.67
C LEU D 144 18.55 -18.75 43.78
N SER D 145 19.38 -19.26 44.68
CA SER D 145 19.86 -18.51 45.84
C SER D 145 21.27 -17.93 45.65
N ASP D 146 21.83 -18.10 44.45
CA ASP D 146 23.19 -17.65 44.15
C ASP D 146 23.34 -16.12 44.02
N GLY D 147 22.26 -15.46 43.61
CA GLY D 147 22.32 -14.05 43.21
C GLY D 147 22.59 -13.91 41.73
N LEU D 148 23.41 -14.81 41.20
CA LEU D 148 23.80 -14.83 39.80
C LEU D 148 22.69 -15.38 38.91
N GLY D 149 22.62 -14.89 37.68
CA GLY D 149 21.76 -15.46 36.65
C GLY D 149 22.54 -16.43 35.79
N PHE D 150 21.89 -17.49 35.32
CA PHE D 150 22.54 -18.46 34.43
C PHE D 150 21.68 -18.69 33.21
N PHE D 151 22.32 -18.97 32.08
CA PHE D 151 21.58 -19.37 30.90
C PHE D 151 22.30 -20.36 29.99
N ARG D 152 21.50 -21.03 29.16
CA ARG D 152 21.98 -21.94 28.12
CA ARG D 152 22.02 -21.89 28.11
C ARG D 152 21.25 -21.63 26.83
N GLU D 153 21.99 -21.36 25.77
CA GLU D 153 21.40 -21.18 24.45
C GLU D 153 22.14 -22.15 23.55
N ILE D 154 21.49 -23.29 23.29
CA ILE D 154 22.13 -24.42 22.65
C ILE D 154 21.43 -24.76 21.34
N VAL D 155 22.15 -24.63 20.24
CA VAL D 155 21.58 -24.73 18.90
C VAL D 155 22.34 -25.76 18.04
N ALA D 156 21.64 -26.44 17.15
CA ALA D 156 22.25 -27.55 16.41
C ALA D 156 21.92 -27.58 14.91
N PRO D 157 22.67 -26.81 14.10
CA PRO D 157 22.48 -26.85 12.66
C PRO D 157 23.06 -28.12 12.04
N ARG D 158 22.34 -28.71 11.09
CA ARG D 158 22.90 -29.77 10.25
C ARG D 158 23.97 -29.18 9.34
N ALA D 159 24.82 -30.03 8.75
CA ALA D 159 25.90 -29.55 7.88
C ALA D 159 25.38 -28.66 6.74
N GLU D 160 24.18 -28.96 6.24
CA GLU D 160 23.54 -28.17 5.18
C GLU D 160 22.95 -26.84 5.68
N GLN D 161 22.94 -26.63 6.99
CA GLN D 161 22.28 -25.45 7.57
C GLN D 161 23.22 -24.39 8.13
N PHE D 162 24.51 -24.46 7.78
CA PHE D 162 25.43 -23.39 8.17
C PHE D 162 26.50 -23.13 7.12
N GLU D 163 27.06 -21.92 7.15
CA GLU D 163 28.11 -21.51 6.24
C GLU D 163 29.16 -20.74 7.03
N THR D 164 30.41 -20.80 6.57
CA THR D 164 31.50 -20.05 7.19
C THR D 164 32.20 -19.20 6.14
N LEU D 165 32.90 -18.16 6.59
CA LEU D 165 33.73 -17.34 5.69
C LEU D 165 34.86 -16.76 6.49
N TYR D 166 36.08 -17.04 6.02
CA TYR D 166 37.30 -16.56 6.70
C TYR D 166 38.13 -15.75 5.74
N ALA D 167 38.61 -14.59 6.20
CA ALA D 167 39.54 -13.79 5.42
C ALA D 167 40.98 -14.20 5.72
N PHE D 168 41.16 -15.44 6.17
CA PHE D 168 42.46 -16.00 6.50
C PHE D 168 42.43 -17.53 6.36
N GLN D 169 43.61 -18.16 6.42
CA GLN D 169 43.76 -19.58 6.07
C GLN D 169 44.12 -20.54 7.19
N GLU D 170 44.46 -20.03 8.37
CA GLU D 170 44.93 -20.89 9.45
C GLU D 170 44.26 -20.61 10.79
N ASP D 171 44.28 -21.63 11.65
CA ASP D 171 43.84 -21.53 13.04
C ASP D 171 42.42 -20.97 13.13
N LEU D 172 41.47 -21.68 12.52
CA LEU D 172 40.09 -21.21 12.44
C LEU D 172 39.42 -21.12 13.82
N PRO D 173 38.74 -20.00 14.09
CA PRO D 173 37.97 -19.84 15.32
C PRO D 173 36.53 -20.32 15.14
N GLY D 174 35.77 -20.37 16.24
CA GLY D 174 34.36 -20.76 16.19
C GLY D 174 34.17 -22.17 15.65
N VAL D 175 33.12 -22.36 14.86
CA VAL D 175 32.77 -23.69 14.35
C VAL D 175 33.81 -24.27 13.38
N GLY D 176 34.57 -23.38 12.74
CA GLY D 176 35.67 -23.81 11.87
C GLY D 176 36.70 -24.65 12.59
N ALA D 177 36.81 -24.45 13.91
CA ALA D 177 37.78 -25.18 14.73
C ALA D 177 37.42 -26.66 14.90
N VAL D 178 36.17 -27.02 14.63
CA VAL D 178 35.75 -28.42 14.73
C VAL D 178 35.55 -29.09 13.36
N MET D 179 35.82 -28.35 12.29
CA MET D 179 35.74 -28.89 10.94
C MET D 179 37.02 -29.66 10.59
N ASP D 180 37.09 -30.26 9.40
CA ASP D 180 38.27 -31.05 9.02
C ASP D 180 39.45 -30.18 8.63
N GLY D 181 39.17 -29.10 7.90
CA GLY D 181 40.22 -28.23 7.37
C GLY D 181 39.66 -27.03 6.65
N ILE D 182 40.50 -26.45 5.78
CA ILE D 182 40.20 -25.22 5.06
C ILE D 182 40.09 -25.48 3.57
N SER D 183 39.23 -24.73 2.88
CA SER D 183 39.08 -24.83 1.44
C SER D 183 40.20 -24.07 0.73
N GLY D 184 40.20 -24.14 -0.61
CA GLY D 184 40.94 -23.15 -1.40
C GLY D 184 40.08 -21.90 -1.49
N GLU D 185 40.52 -20.91 -2.24
CA GLU D 185 39.76 -19.68 -2.45
C GLU D 185 38.43 -19.99 -3.11
N ILE D 186 37.34 -19.55 -2.49
CA ILE D 186 36.01 -19.92 -2.97
C ILE D 186 35.40 -18.86 -3.89
N ASN D 187 34.47 -19.28 -4.74
CA ASN D 187 33.81 -18.39 -5.69
C ASN D 187 32.67 -17.57 -5.07
N GLU D 188 31.90 -18.17 -4.16
CA GLU D 188 30.63 -17.58 -3.73
C GLU D 188 30.77 -16.55 -2.62
N HIS D 189 31.45 -15.46 -2.91
CA HIS D 189 31.53 -14.36 -1.97
C HIS D 189 31.81 -13.05 -2.71
N GLY D 190 31.62 -11.95 -1.99
CA GLY D 190 31.94 -10.61 -2.49
C GLY D 190 30.74 -9.86 -3.02
N TYR D 191 29.54 -10.43 -2.85
CA TYR D 191 28.30 -9.79 -3.32
C TYR D 191 27.15 -10.11 -2.37
N TRP D 192 26.17 -9.21 -2.30
CA TRP D 192 24.98 -9.43 -1.47
C TRP D 192 24.21 -10.60 -2.04
N GLY D 193 23.80 -11.51 -1.17
CA GLY D 193 23.22 -12.77 -1.63
C GLY D 193 24.18 -13.94 -1.54
N SER D 194 25.48 -13.67 -1.43
CA SER D 194 26.48 -14.75 -1.41
C SER D 194 26.45 -15.58 -0.13
N MET D 195 26.17 -14.93 1.00
CA MET D 195 25.98 -15.64 2.27
C MET D 195 24.95 -16.75 2.10
N ARG D 196 23.76 -16.40 1.61
CA ARG D 196 22.70 -17.39 1.39
C ARG D 196 23.22 -18.52 0.51
N GLU D 197 23.89 -18.15 -0.59
CA GLU D 197 24.38 -19.12 -1.58
C GLU D 197 25.39 -20.10 -0.96
N ARG D 198 26.07 -19.69 0.12
CA ARG D 198 27.04 -20.56 0.79
C ARG D 198 26.42 -21.64 1.69
N PHE D 199 25.16 -21.45 2.08
CA PHE D 199 24.37 -22.51 2.75
C PHE D 199 24.08 -23.63 1.75
N PRO D 200 24.55 -24.85 2.06
CA PRO D 200 24.25 -25.95 1.14
C PRO D 200 22.74 -26.14 0.90
N ILE D 201 21.93 -25.95 1.92
CA ILE D 201 20.47 -26.13 1.78
C ILE D 201 19.84 -25.11 0.82
N SER D 202 20.53 -23.99 0.58
CA SER D 202 20.04 -22.94 -0.33
C SER D 202 19.94 -23.41 -1.78
N GLN D 203 20.57 -24.53 -2.11
CA GLN D 203 20.52 -25.08 -3.47
C GLN D 203 19.09 -25.42 -3.88
N THR D 204 18.22 -25.66 -2.89
CA THR D 204 16.84 -26.07 -3.15
C THR D 204 15.78 -25.44 -2.23
N ASP D 205 16.23 -24.78 -1.16
CA ASP D 205 15.35 -24.36 -0.06
C ASP D 205 15.48 -22.86 0.20
N TRP D 206 14.36 -22.18 0.41
CA TRP D 206 14.39 -20.75 0.70
C TRP D 206 14.68 -20.43 2.17
N MET D 207 14.79 -21.46 3.01
CA MET D 207 15.08 -21.27 4.45
C MET D 207 14.17 -20.23 5.09
N GLN D 208 12.89 -20.26 4.73
CA GLN D 208 11.94 -19.26 5.21
C GLN D 208 11.53 -19.55 6.64
N ALA D 209 11.41 -18.50 7.43
CA ALA D 209 11.01 -18.65 8.82
C ALA D 209 9.51 -18.90 8.92
N SER D 210 9.13 -19.71 9.90
CA SER D 210 7.73 -19.88 10.28
C SER D 210 7.64 -20.14 11.77
N GLY D 211 6.50 -19.82 12.36
CA GLY D 211 6.29 -20.02 13.79
C GLY D 211 6.73 -18.81 14.61
N GLU D 212 6.69 -18.98 15.93
CA GLU D 212 6.93 -17.88 16.86
C GLU D 212 7.86 -18.30 17.98
N LEU D 213 8.61 -17.32 18.47
CA LEU D 213 9.40 -17.46 19.67
C LEU D 213 8.45 -17.47 20.86
N ARG D 214 8.39 -18.60 21.56
CA ARG D 214 7.32 -18.84 22.54
C ARG D 214 7.86 -19.37 23.87
N VAL D 215 7.48 -18.71 24.96
CA VAL D 215 7.73 -19.24 26.31
C VAL D 215 6.93 -20.54 26.47
N ILE D 216 7.60 -21.62 26.88
CA ILE D 216 6.93 -22.90 27.11
C ILE D 216 6.96 -23.34 28.58
N ALA D 217 7.78 -22.68 29.38
CA ALA D 217 7.86 -22.97 30.82
C ALA D 217 8.28 -21.71 31.58
N GLY D 218 7.54 -21.41 32.64
CA GLY D 218 7.85 -20.26 33.50
C GLY D 218 7.26 -18.95 33.00
N ASP D 219 7.67 -17.86 33.63
CA ASP D 219 7.33 -16.49 33.21
C ASP D 219 8.53 -15.58 33.44
N PRO D 220 9.00 -14.88 32.38
CA PRO D 220 10.19 -14.03 32.42
C PRO D 220 10.11 -12.87 33.41
N ALA D 221 8.90 -12.36 33.64
CA ALA D 221 8.72 -11.18 34.48
C ALA D 221 8.82 -11.49 35.98
N VAL D 222 9.04 -12.77 36.31
CA VAL D 222 9.11 -13.22 37.70
C VAL D 222 10.50 -13.80 38.04
N GLY D 223 11.35 -13.96 37.03
CA GLY D 223 12.64 -14.61 37.22
C GLY D 223 12.48 -16.11 37.33
N GLY D 224 13.40 -16.75 38.04
CA GLY D 224 13.40 -18.21 38.18
C GLY D 224 13.74 -18.90 36.87
N ARG D 225 13.24 -20.11 36.68
CA ARG D 225 13.47 -20.86 35.45
C ARG D 225 12.47 -20.48 34.37
N VAL D 226 13.00 -20.11 33.20
CA VAL D 226 12.18 -19.82 32.02
C VAL D 226 12.76 -20.57 30.82
N VAL D 227 11.89 -21.24 30.08
CA VAL D 227 12.32 -21.98 28.90
C VAL D 227 11.61 -21.39 27.68
N VAL D 228 12.39 -21.04 26.66
CA VAL D 228 11.85 -20.49 25.43
C VAL D 228 12.04 -21.48 24.28
N ARG D 229 10.95 -21.69 23.53
CA ARG D 229 10.98 -22.54 22.34
C ARG D 229 11.29 -21.69 21.11
N GLY D 230 12.29 -22.11 20.35
CA GLY D 230 12.62 -21.45 19.08
C GLY D 230 11.60 -21.86 18.01
N HIS D 231 11.76 -21.27 16.82
CA HIS D 231 10.93 -21.62 15.68
C HIS D 231 11.82 -21.93 14.46
N ASP D 232 11.22 -22.53 13.42
CA ASP D 232 11.96 -22.90 12.21
C ASP D 232 12.67 -21.70 11.56
N ASN D 233 13.95 -21.94 11.24
CA ASN D 233 14.80 -20.99 10.50
C ASN D 233 15.04 -19.63 11.16
N ILE D 234 15.06 -19.64 12.50
CA ILE D 234 15.84 -18.64 13.24
C ILE D 234 17.29 -18.74 12.74
N ALA D 235 17.94 -17.59 12.59
CA ALA D 235 19.31 -17.52 12.10
C ALA D 235 20.20 -17.01 13.21
N LEU D 236 21.42 -17.55 13.27
CA LEU D 236 22.41 -17.08 14.22
C LEU D 236 23.68 -16.71 13.49
N ILE D 237 24.11 -15.46 13.68
CA ILE D 237 25.41 -15.03 13.15
C ILE D 237 26.42 -14.85 14.28
N ARG D 238 27.62 -15.41 14.07
CA ARG D 238 28.79 -15.03 14.84
C ARG D 238 29.75 -14.40 13.86
N SER D 239 30.00 -13.10 14.02
CA SER D 239 30.94 -12.40 13.15
C SER D 239 32.02 -11.79 14.04
N GLY D 240 33.27 -12.13 13.76
CA GLY D 240 34.35 -11.89 14.72
C GLY D 240 35.55 -11.13 14.18
N GLN D 241 36.33 -10.60 15.11
CA GLN D 241 37.49 -9.76 14.83
C GLN D 241 38.63 -10.20 15.76
N ASP D 242 39.83 -10.37 15.20
CA ASP D 242 40.99 -10.82 15.96
C ASP D 242 42.19 -9.97 15.54
N TRP D 243 42.65 -9.13 16.47
CA TRP D 243 43.74 -8.19 16.18
C TRP D 243 44.93 -8.38 17.14
N ALA D 244 44.92 -9.51 17.85
CA ALA D 244 45.92 -9.81 18.88
C ALA D 244 47.36 -9.85 18.38
N ASP D 245 47.61 -10.48 17.23
CA ASP D 245 48.99 -10.61 16.72
C ASP D 245 49.33 -9.66 15.57
N ALA D 246 48.39 -8.78 15.23
CA ALA D 246 48.57 -7.82 14.13
C ALA D 246 49.61 -6.73 14.44
N GLU D 247 50.25 -6.20 13.39
CA GLU D 247 51.14 -5.05 13.54
C GLU D 247 50.32 -3.80 13.91
N ALA D 248 51.00 -2.77 14.39
CA ALA D 248 50.31 -1.58 14.89
C ALA D 248 49.34 -0.95 13.90
N ASP D 249 49.76 -0.80 12.64
CA ASP D 249 48.88 -0.18 11.63
C ASP D 249 47.54 -0.91 11.42
N GLU D 250 47.59 -2.24 11.41
CA GLU D 250 46.36 -3.04 11.27
C GLU D 250 45.52 -3.08 12.55
N ARG D 251 46.18 -3.04 13.70
CA ARG D 251 45.47 -2.88 14.96
C ARG D 251 44.71 -1.53 14.99
N SER D 252 45.35 -0.48 14.48
CA SER D 252 44.69 0.82 14.34
C SER D 252 43.58 0.82 13.28
N LEU D 253 43.78 0.10 12.19
CA LEU D 253 42.74 -0.05 11.16
C LEU D 253 41.47 -0.59 11.81
N TYR D 254 41.63 -1.60 12.67
CA TYR D 254 40.47 -2.13 13.38
C TYR D 254 39.96 -1.20 14.48
N LEU D 255 40.84 -0.85 15.42
CA LEU D 255 40.41 -0.12 16.62
C LEU D 255 39.97 1.32 16.37
N ASP D 256 40.56 1.98 15.37
CA ASP D 256 40.25 3.39 15.13
C ASP D 256 39.33 3.62 13.95
N GLU D 257 39.46 2.80 12.92
CA GLU D 257 38.76 3.02 11.65
C GLU D 257 37.53 2.15 11.45
N ILE D 258 37.54 0.95 12.03
CA ILE D 258 36.39 0.04 11.91
C ILE D 258 35.54 0.02 13.18
N LEU D 259 36.18 -0.17 14.34
CA LEU D 259 35.44 -0.39 15.59
C LEU D 259 34.39 0.67 15.96
N PRO D 260 34.73 1.97 15.86
CA PRO D 260 33.71 2.98 16.19
C PRO D 260 32.40 2.85 15.37
N THR D 261 32.53 2.53 14.09
CA THR D 261 31.33 2.34 13.27
C THR D 261 30.64 1.01 13.58
N LEU D 262 31.44 -0.04 13.76
CA LEU D 262 30.94 -1.35 14.14
C LEU D 262 30.19 -1.26 15.46
N GLN D 263 30.78 -0.57 16.43
CA GLN D 263 30.16 -0.34 17.73
C GLN D 263 28.77 0.29 17.58
N SER D 264 28.71 1.35 16.77
CA SER D 264 27.46 2.01 16.42
C SER D 264 26.41 1.04 15.86
N GLY D 265 26.82 0.15 14.94
CA GLY D 265 25.88 -0.82 14.35
C GLY D 265 25.43 -1.88 15.34
N MET D 266 26.32 -2.29 16.23
CA MET D 266 25.97 -3.29 17.23
C MET D 266 24.99 -2.71 18.27
N ASP D 267 25.25 -1.47 18.68
CA ASP D 267 24.35 -0.77 19.60
C ASP D 267 22.98 -0.62 18.95
N PHE D 268 22.96 -0.35 17.65
CA PHE D 268 21.71 -0.22 16.92
C PHE D 268 20.89 -1.50 17.00
N LEU D 269 21.52 -2.63 16.67
CA LEU D 269 20.85 -3.93 16.73
C LEU D 269 20.45 -4.32 18.15
N ARG D 270 21.31 -3.98 19.12
CA ARG D 270 21.06 -4.27 20.53
C ARG D 270 19.82 -3.54 21.05
N ASP D 271 19.59 -2.34 20.53
CA ASP D 271 18.59 -1.43 21.08
C ASP D 271 17.38 -1.18 20.15
N ASN D 272 17.48 -1.66 18.90
CA ASN D 272 16.39 -1.54 17.93
C ASN D 272 16.03 -2.90 17.34
N GLY D 273 16.30 -3.97 18.10
CA GLY D 273 16.08 -5.33 17.62
C GLY D 273 14.71 -5.63 17.01
N PRO D 274 13.62 -5.36 17.76
CA PRO D 274 12.28 -5.70 17.27
C PRO D 274 11.93 -5.07 15.92
N ALA D 275 12.36 -3.82 15.70
CA ALA D 275 12.09 -3.11 14.44
C ALA D 275 12.73 -3.78 13.21
N VAL D 276 13.82 -4.51 13.42
CA VAL D 276 14.55 -5.07 12.28
C VAL D 276 14.57 -6.61 12.23
N GLY D 277 14.09 -7.25 13.29
CA GLY D 277 14.00 -8.69 13.32
C GLY D 277 15.18 -9.36 13.99
N CYS D 278 15.88 -8.61 14.84
CA CYS D 278 16.99 -9.16 15.61
C CYS D 278 16.52 -9.40 17.04
N TYR D 279 16.31 -10.68 17.38
CA TYR D 279 15.82 -11.08 18.72
C TYR D 279 16.81 -10.74 19.83
N SER D 280 18.10 -10.91 19.54
CA SER D 280 19.16 -10.71 20.52
C SER D 280 20.43 -10.31 19.81
N ASN D 281 21.06 -9.24 20.27
CA ASN D 281 22.36 -8.85 19.75
C ASN D 281 23.37 -8.62 20.85
N ARG D 282 24.46 -9.38 20.80
CA ARG D 282 25.53 -9.26 21.76
C ARG D 282 26.81 -8.92 21.03
N PHE D 283 27.56 -8.00 21.60
CA PHE D 283 28.86 -7.63 21.06
C PHE D 283 29.86 -7.86 22.18
N VAL D 284 30.64 -8.92 22.04
CA VAL D 284 31.37 -9.52 23.16
C VAL D 284 32.87 -9.51 22.91
N ARG D 285 33.64 -9.44 24.00
CA ARG D 285 35.08 -9.46 23.93
C ARG D 285 35.61 -10.68 24.66
N ASN D 286 36.55 -11.38 24.01
CA ASN D 286 37.15 -12.56 24.62
C ASN D 286 37.93 -12.20 25.87
N ILE D 287 37.91 -13.13 26.82
CA ILE D 287 38.61 -12.98 28.09
C ILE D 287 39.36 -14.27 28.42
N ASP D 288 40.39 -14.18 29.24
CA ASP D 288 41.01 -15.39 29.79
C ASP D 288 40.19 -15.92 30.97
N ILE D 289 40.71 -16.96 31.60
CA ILE D 289 40.07 -17.61 32.74
C ILE D 289 39.90 -16.69 33.97
N ASP D 290 40.66 -15.60 34.02
CA ASP D 290 40.58 -14.67 35.14
C ASP D 290 39.78 -13.39 34.83
N GLY D 291 39.19 -13.32 33.65
CA GLY D 291 38.41 -12.15 33.26
C GLY D 291 39.19 -11.03 32.58
N ASN D 292 40.47 -11.26 32.32
CA ASN D 292 41.29 -10.28 31.60
C ASN D 292 40.97 -10.28 30.10
N PHE D 293 40.81 -9.08 29.53
CA PHE D 293 40.44 -8.95 28.13
C PHE D 293 41.54 -9.39 27.16
N LEU D 294 41.12 -10.10 26.12
CA LEU D 294 42.01 -10.45 25.02
C LEU D 294 41.62 -9.64 23.79
N ASP D 295 42.53 -9.54 22.83
CA ASP D 295 42.29 -8.75 21.63
C ASP D 295 41.54 -9.56 20.56
N LEU D 296 40.38 -10.09 20.95
CA LEU D 296 39.45 -10.76 20.05
C LEU D 296 38.03 -10.39 20.47
N SER D 297 37.13 -10.30 19.49
CA SER D 297 35.76 -9.96 19.78
C SER D 297 34.85 -10.59 18.74
N TYR D 298 33.56 -10.68 19.04
CA TYR D 298 32.58 -11.05 18.03
C TYR D 298 31.17 -10.62 18.38
N ASN D 299 30.35 -10.52 17.33
CA ASN D 299 28.91 -10.39 17.47
C ASN D 299 28.29 -11.76 17.65
N ILE D 300 27.31 -11.86 18.55
CA ILE D 300 26.42 -13.04 18.60
C ILE D 300 25.02 -12.49 18.35
N GLY D 301 24.48 -12.77 17.17
CA GLY D 301 23.19 -12.17 16.77
C GLY D 301 22.17 -13.23 16.40
N HIS D 302 21.06 -13.25 17.13
CA HIS D 302 19.92 -14.13 16.85
C HIS D 302 18.85 -13.35 16.09
N TRP D 303 18.45 -13.87 14.93
CA TRP D 303 17.53 -13.18 14.02
C TRP D 303 16.28 -13.99 13.74
N ALA D 304 15.17 -13.29 13.55
CA ALA D 304 13.85 -13.87 13.29
C ALA D 304 13.79 -14.60 11.93
N SER D 305 14.65 -14.20 11.00
CA SER D 305 14.82 -14.91 9.72
C SER D 305 16.16 -14.55 9.14
N LEU D 306 16.66 -15.39 8.21
CA LEU D 306 17.87 -15.04 7.46
C LEU D 306 17.62 -13.78 6.60
N ASP D 307 16.39 -13.66 6.09
CA ASP D 307 15.99 -12.54 5.22
C ASP D 307 16.18 -11.19 5.91
N GLN D 308 15.80 -11.13 7.18
CA GLN D 308 15.91 -9.88 7.92
C GLN D 308 17.38 -9.53 8.19
N LEU D 309 18.21 -10.54 8.42
CA LEU D 309 19.66 -10.32 8.55
C LEU D 309 20.26 -9.78 7.25
N GLU D 310 19.84 -10.36 6.12
CA GLU D 310 20.23 -9.87 4.80
C GLU D 310 19.87 -8.40 4.59
N ARG D 311 18.61 -8.06 4.82
CA ARG D 311 18.14 -6.69 4.59
C ARG D 311 18.93 -5.68 5.41
N TRP D 312 19.20 -6.02 6.67
CA TRP D 312 19.96 -5.11 7.53
C TRP D 312 21.41 -4.91 7.03
N SER D 313 22.11 -6.01 6.76
CA SER D 313 23.51 -5.94 6.36
C SER D 313 23.69 -5.12 5.07
N GLU D 314 22.73 -5.21 4.15
CA GLU D 314 22.89 -4.61 2.82
C GLU D 314 22.36 -3.17 2.72
N SER D 315 21.82 -2.65 3.82
CA SER D 315 21.24 -1.31 3.84
C SER D 315 21.66 -0.41 5.00
N HIS D 316 22.01 -0.95 6.17
CA HIS D 316 22.30 -0.06 7.30
C HIS D 316 23.64 0.65 7.09
N PRO D 317 23.70 1.98 7.31
CA PRO D 317 24.93 2.72 6.99
C PRO D 317 26.17 2.19 7.71
N THR D 318 25.98 1.64 8.91
CA THR D 318 27.11 1.15 9.70
C THR D 318 27.78 -0.03 9.01
N HIS D 319 27.00 -1.06 8.66
CA HIS D 319 27.58 -2.22 7.97
C HIS D 319 28.08 -1.85 6.59
N LEU D 320 27.35 -0.98 5.87
CA LEU D 320 27.82 -0.54 4.54
C LEU D 320 29.19 0.13 4.62
N ARG D 321 29.40 0.95 5.65
CA ARG D 321 30.68 1.63 5.84
C ARG D 321 31.82 0.63 6.08
N ILE D 322 31.63 -0.32 7.00
CA ILE D 322 32.73 -1.24 7.33
C ILE D 322 32.97 -2.25 6.19
N PHE D 323 31.90 -2.57 5.48
CA PHE D 323 31.93 -3.40 4.27
C PHE D 323 32.87 -2.77 3.24
N THR D 324 32.69 -1.48 2.94
CA THR D 324 33.56 -0.81 1.97
C THR D 324 34.99 -0.66 2.46
N THR D 325 35.15 -0.40 3.76
CA THR D 325 36.49 -0.39 4.36
C THR D 325 37.21 -1.70 4.06
N PHE D 326 36.53 -2.83 4.29
CA PHE D 326 37.14 -4.12 4.02
C PHE D 326 37.59 -4.24 2.55
N PHE D 327 36.72 -3.90 1.60
CA PHE D 327 37.09 -3.91 0.18
C PHE D 327 38.33 -3.06 -0.13
N ARG D 328 38.45 -1.93 0.54
CA ARG D 328 39.57 -1.01 0.35
CA ARG D 328 39.58 -1.02 0.33
C ARG D 328 40.90 -1.61 0.84
N VAL D 329 40.84 -2.29 1.98
CA VAL D 329 42.07 -2.81 2.62
C VAL D 329 42.38 -4.24 2.28
N ALA D 330 41.42 -4.94 1.68
CA ALA D 330 41.57 -6.33 1.32
C ALA D 330 42.95 -6.65 0.71
N ALA D 331 43.39 -5.81 -0.22
CA ALA D 331 44.65 -6.03 -0.95
C ALA D 331 45.87 -6.05 -0.02
N GLY D 332 45.95 -5.08 0.89
CA GLY D 332 47.09 -4.95 1.78
C GLY D 332 47.01 -5.71 3.11
N LEU D 333 45.92 -6.44 3.35
CA LEU D 333 45.70 -7.10 4.64
C LEU D 333 46.65 -8.28 4.87
N SER D 334 47.28 -8.35 6.05
CA SER D 334 48.24 -9.42 6.31
C SER D 334 48.01 -10.21 7.62
N LYS D 335 47.65 -9.53 8.70
CA LYS D 335 47.55 -10.21 10.00
C LYS D 335 46.20 -10.06 10.73
N LEU D 336 45.47 -8.99 10.43
CA LEU D 336 44.13 -8.80 11.01
C LEU D 336 43.20 -9.91 10.52
N ARG D 337 42.42 -10.46 11.44
CA ARG D 337 41.65 -11.65 11.18
C ARG D 337 40.16 -11.38 11.33
N LEU D 338 39.43 -11.50 10.23
CA LEU D 338 37.98 -11.26 10.18
C LEU D 338 37.29 -12.48 9.60
N TYR D 339 36.13 -12.82 10.14
CA TYR D 339 35.42 -14.02 9.71
C TYR D 339 33.96 -13.97 10.15
N HIS D 340 33.14 -14.85 9.58
CA HIS D 340 31.86 -15.14 10.20
C HIS D 340 31.41 -16.57 10.02
N GLU D 341 30.43 -16.94 10.84
CA GLU D 341 29.67 -18.19 10.67
C GLU D 341 28.23 -17.80 10.85
N VAL D 342 27.37 -18.35 9.99
CA VAL D 342 25.94 -18.11 10.09
C VAL D 342 25.22 -19.44 9.94
N SER D 343 24.21 -19.63 10.77
CA SER D 343 23.49 -20.90 10.86
C SER D 343 21.98 -20.65 10.91
N VAL D 344 21.22 -21.61 10.38
CA VAL D 344 19.77 -21.69 10.61
C VAL D 344 19.41 -23.04 11.25
N PHE D 345 18.26 -23.10 11.94
CA PHE D 345 17.92 -24.32 12.67
C PHE D 345 16.43 -24.62 12.63
N ASP D 346 16.09 -25.91 12.62
CA ASP D 346 14.71 -26.34 12.86
C ASP D 346 14.32 -25.98 14.29
N ALA D 347 13.03 -25.76 14.53
CA ALA D 347 12.52 -25.46 15.87
C ALA D 347 13.06 -26.34 17.00
N ALA D 348 13.04 -27.66 16.80
CA ALA D 348 13.44 -28.59 17.85
C ALA D 348 14.95 -28.68 18.09
N ASP D 349 15.74 -28.07 17.20
CA ASP D 349 17.20 -28.10 17.29
C ASP D 349 17.71 -26.85 18.01
N GLN D 350 16.85 -26.26 18.82
CA GLN D 350 17.19 -25.08 19.59
C GLN D 350 16.69 -25.26 21.00
N LEU D 351 17.50 -24.81 21.96
CA LEU D 351 17.13 -24.83 23.36
C LEU D 351 17.54 -23.50 23.97
N TYR D 352 16.56 -22.79 24.52
CA TYR D 352 16.85 -21.53 25.19
C TYR D 352 16.32 -21.59 26.62
N GLU D 353 17.24 -21.70 27.58
CA GLU D 353 16.89 -21.87 28.98
C GLU D 353 17.56 -20.80 29.84
N TYR D 354 16.78 -20.20 30.74
CA TYR D 354 17.24 -19.07 31.56
C TYR D 354 16.91 -19.28 33.05
N ILE D 355 17.87 -18.97 33.91
CA ILE D 355 17.67 -19.04 35.37
C ILE D 355 17.98 -17.68 36.02
N ASN D 356 16.99 -17.08 36.67
CA ASN D 356 17.17 -15.77 37.33
C ASN D 356 17.94 -14.74 36.48
N CYS D 357 17.57 -14.66 35.21
CA CYS D 357 18.10 -13.64 34.31
C CYS D 357 17.06 -12.54 34.23
N HIS D 358 17.51 -11.30 34.04
CA HIS D 358 16.58 -10.19 33.84
C HIS D 358 15.78 -10.40 32.54
N PRO D 359 14.53 -9.88 32.48
CA PRO D 359 13.56 -10.16 31.40
C PRO D 359 13.99 -9.84 29.97
N GLY D 360 15.11 -9.15 29.78
CA GLY D 360 15.59 -8.79 28.45
C GLY D 360 16.71 -9.67 27.94
N THR D 361 17.08 -10.69 28.72
CA THR D 361 18.23 -11.53 28.38
C THR D 361 17.92 -12.45 27.21
N GLY D 362 18.73 -12.38 26.16
CA GLY D 362 18.61 -13.28 25.02
C GLY D 362 17.20 -13.37 24.47
N MET D 363 16.70 -14.60 24.38
CA MET D 363 15.39 -14.86 23.77
C MET D 363 14.21 -14.52 24.68
N LEU D 364 14.49 -14.17 25.94
CA LEU D 364 13.43 -13.76 26.87
C LEU D 364 12.70 -12.51 26.42
N ARG D 365 13.44 -11.58 25.81
CA ARG D 365 12.90 -10.27 25.47
C ARG D 365 11.71 -10.37 24.53
N ASP D 366 11.86 -11.10 23.42
CA ASP D 366 10.86 -11.09 22.36
C ASP D 366 9.90 -12.27 22.42
N ALA D 367 10.17 -13.25 23.27
CA ALA D 367 9.34 -14.44 23.37
C ALA D 367 7.94 -14.09 23.86
N VAL D 368 6.93 -14.64 23.18
CA VAL D 368 5.54 -14.46 23.61
C VAL D 368 5.25 -15.32 24.84
N THR D 369 4.75 -14.68 25.90
CA THR D 369 4.52 -15.31 27.19
C THR D 369 3.35 -16.28 27.14
N ILE D 370 3.30 -17.22 28.08
CA ILE D 370 2.21 -18.20 28.17
C ILE D 370 0.84 -17.57 27.89
N ALA D 371 0.58 -16.40 28.48
CA ALA D 371 -0.64 -15.63 28.20
C ALA D 371 -0.41 -14.53 27.15
N GLU D 372 -0.32 -14.95 25.88
CA GLU D 372 -0.12 -14.07 24.72
C GLU D 372 0.49 -12.70 25.07
CHA HEM E . -18.59 8.30 -5.62
CHB HEM E . -18.33 5.06 -9.25
CHC HEM E . -20.19 8.44 -12.18
CHD HEM E . -21.61 11.03 -8.33
C1A HEM E . -18.30 7.17 -6.36
C2A HEM E . -17.49 6.06 -5.90
C3A HEM E . -17.44 5.15 -6.90
C4A HEM E . -18.23 5.66 -8.02
CMA HEM E . -16.71 3.80 -6.93
CAA HEM E . -16.83 6.01 -4.49
CBA HEM E . -15.43 6.61 -4.70
CGA HEM E . -14.57 6.49 -3.46
O1A HEM E . -13.57 5.75 -3.50
O2A HEM E . -14.89 7.15 -2.44
C1B HEM E . -18.76 5.71 -10.38
C2B HEM E . -18.49 5.31 -11.77
C3B HEM E . -19.00 6.26 -12.57
C4B HEM E . -19.56 7.31 -11.74
CMB HEM E . -17.80 4.00 -12.19
CAB HEM E . -19.03 6.33 -14.12
CBB HEM E . -18.84 5.28 -14.90
C1C HEM E . -20.76 9.40 -11.38
C2C HEM E . -21.48 10.55 -11.89
C3C HEM E . -21.93 11.25 -10.83
C4C HEM E . -21.47 10.57 -9.62
CMC HEM E . -21.72 10.85 -13.38
CAC HEM E . -22.73 12.58 -10.91
CBC HEM E . -23.67 12.94 -10.03
C1D HEM E . -20.87 10.56 -7.28
C2D HEM E . -20.76 11.24 -6.01
C3D HEM E . -19.81 10.41 -5.19
C4D HEM E . -19.42 9.31 -6.02
CMD HEM E . -21.46 12.54 -5.61
CAD HEM E . -19.35 10.70 -3.75
CBD HEM E . -20.10 9.83 -2.75
CGD HEM E . -19.53 10.14 -1.38
O1D HEM E . -18.30 9.94 -1.15
O2D HEM E . -20.31 10.56 -0.49
NA HEM E . -18.70 6.91 -7.66
NB HEM E . -19.35 6.96 -10.43
NC HEM E . -20.75 9.45 -9.98
ND HEM E . -20.07 9.43 -7.26
FE HEM E . -19.83 8.13 -8.83
CHA HEM F . -29.92 0.48 6.98
CHB HEM F . -33.07 -1.64 3.98
CHC HEM F . -31.92 -5.92 5.93
CHD HEM F . -27.83 -3.92 7.64
C1A HEM F . -30.94 0.29 6.08
C2A HEM F . -31.78 1.32 5.53
C3A HEM F . -32.64 0.73 4.69
C4A HEM F . -32.35 -0.69 4.66
CMA HEM F . -33.77 1.41 3.86
CAA HEM F . -31.69 2.81 5.91
CBA HEM F . -32.69 3.02 7.08
CGA HEM F . -32.81 4.50 7.34
O1A HEM F . -33.88 5.08 7.01
O2A HEM F . -31.83 5.07 7.87
C1B HEM F . -33.07 -2.98 4.26
C2B HEM F . -34.09 -3.94 3.85
C3B HEM F . -33.78 -5.13 4.41
C4B HEM F . -32.58 -4.94 5.19
CMB HEM F . -35.28 -3.60 2.90
CAB HEM F . -34.48 -6.50 4.29
CBB HEM F . -35.82 -6.66 4.18
C1C HEM F . -30.70 -5.75 6.54
C2C HEM F . -29.90 -6.81 7.13
C3C HEM F . -28.77 -6.26 7.59
C4C HEM F . -28.78 -4.84 7.28
CMC HEM F . -30.34 -8.29 7.22
CAC HEM F . -27.62 -6.99 8.29
CBC HEM F . -26.34 -6.69 8.07
C1D HEM F . -28.04 -2.56 7.67
C2D HEM F . -27.21 -1.60 8.37
C3D HEM F . -27.87 -0.27 8.15
C4D HEM F . -29.04 -0.52 7.37
CMD HEM F . -25.91 -1.83 9.13
CAD HEM F . -27.40 1.10 8.68
CBD HEM F . -26.71 1.89 7.58
CGD HEM F . -26.26 3.19 8.20
O1D HEM F . -27.11 4.01 8.64
O2D HEM F . -25.03 3.43 8.24
NA HEM F . -31.34 -0.92 5.55
NB HEM F . -32.18 -3.63 5.11
NC HEM F . -29.98 -4.58 6.66
ND HEM F . -29.14 -1.89 7.13
FE HEM F . -30.63 -2.78 6.06
CHA HEM G . 19.94 1.53 -7.17
CHB HEM G . 19.80 5.90 -5.06
CHC HEM G . 22.29 7.66 -8.84
CHD HEM G . 23.43 3.15 -10.18
C1A HEM G . 19.61 2.55 -6.30
C2A HEM G . 18.66 2.49 -5.21
C3A HEM G . 18.63 3.70 -4.60
C4A HEM G . 19.58 4.55 -5.30
CMA HEM G . 17.77 4.15 -3.39
CAA HEM G . 17.82 1.22 -4.85
CBA HEM G . 16.58 1.31 -5.76
CGA HEM G . 15.55 0.24 -5.48
O1A HEM G . 14.50 0.58 -4.87
O2A HEM G . 15.78 -0.93 -5.87
C1B HEM G . 20.43 6.76 -5.93
C2B HEM G . 20.29 8.19 -5.92
C3B HEM G . 20.97 8.68 -6.96
C4B HEM G . 21.53 7.58 -7.69
CMB HEM G . 19.53 8.99 -4.83
CAB HEM G . 21.19 10.15 -7.42
CBB HEM G . 21.15 11.20 -6.58
C1C HEM G . 22.85 6.60 -9.50
C2C HEM G . 23.69 6.69 -10.68
C3C HEM G . 24.03 5.45 -11.04
C4C HEM G . 23.41 4.51 -10.11
CMC HEM G . 24.12 8.00 -11.37
CAC HEM G . 24.93 5.16 -12.26
CBC HEM G . 25.83 4.17 -12.32
C1D HEM G . 22.56 2.28 -9.54
C2D HEM G . 22.32 0.92 -9.93
C3D HEM G . 21.22 0.43 -9.02
C4D HEM G . 20.89 1.54 -8.17
CMD HEM G . 23.03 0.11 -11.05
CAD HEM G . 20.62 -0.99 -9.03
CBD HEM G . 21.13 -1.79 -7.83
CGD HEM G . 20.49 -3.15 -7.87
O1D HEM G . 19.25 -3.22 -7.72
O2D HEM G . 21.24 -4.16 -8.02
NA HEM G . 20.12 3.83 -6.34
NB HEM G . 21.15 6.41 -7.07
NC HEM G . 22.65 5.26 -9.21
ND HEM G . 21.68 2.63 -8.52
FE HEM G . 21.49 4.50 -7.75
CHA HEM H . 29.18 -9.78 4.69
CHB HEM H . 32.51 -6.61 6.29
CHC HEM H . 30.79 -7.27 10.75
CHD HEM H . 26.70 -9.02 8.86
C1A HEM H . 30.27 -8.94 4.76
C2A HEM H . 31.26 -8.75 3.73
C3A HEM H . 32.16 -7.88 4.18
C4A HEM H . 31.76 -7.45 5.50
CMA HEM H . 33.41 -7.37 3.42
CAA HEM H . 31.29 -9.45 2.33
CBA HEM H . 32.02 -10.79 2.52
CGA HEM H . 32.18 -11.47 1.18
O1A HEM H . 33.31 -11.43 0.61
O2A HEM H . 31.19 -12.04 0.67
C1B HEM H . 32.39 -6.54 7.66
C2B HEM H . 33.35 -5.99 8.60
C3B HEM H . 32.87 -6.19 9.83
C4B HEM H . 31.60 -6.87 9.71
CMB HEM H . 34.68 -5.26 8.21
CAB HEM H . 33.49 -5.75 11.18
CBB HEM H . 34.76 -6.08 11.47
C1C HEM H . 29.52 -7.77 10.62
C2C HEM H . 28.58 -7.97 11.69
C3C HEM H . 27.44 -8.44 11.19
C4C HEM H . 27.61 -8.51 9.75
CMC HEM H . 28.89 -7.71 13.19
CAC HEM H . 26.19 -8.81 12.02
CBC HEM H . 24.96 -8.46 11.63
C1D HEM H . 27.00 -9.43 7.58
C2D HEM H . 26.15 -10.26 6.77
C3D HEM H . 26.91 -10.50 5.48
C4D HEM H . 28.18 -9.82 5.63
CMD HEM H . 24.74 -10.78 7.15
CAD HEM H . 26.46 -11.31 4.26
CBD HEM H . 26.01 -10.38 3.15
CGD HEM H . 25.58 -11.27 2.00
O1D HEM H . 26.45 -12.01 1.47
O2D HEM H . 24.39 -11.25 1.65
NA HEM H . 30.61 -8.17 5.85
NB HEM H . 31.37 -7.09 8.39
NC HEM H . 28.91 -8.13 9.42
ND HEM H . 28.19 -9.22 6.89
FE HEM H . 29.72 -8.12 7.65
#